data_6CTY
#
_entry.id   6CTY
#
_cell.length_a   95.838
_cell.length_b   112.202
_cell.length_c   208.264
_cell.angle_alpha   90.000
_cell.angle_beta   90.000
_cell.angle_gamma   90.000
#
_symmetry.space_group_name_H-M   'P 21 21 21'
#
loop_
_entity.id
_entity.type
_entity.pdbx_description
1 polymer Dihydroorotase
2 non-polymer 'ZINC ION'
3 non-polymer D-MALATE
4 water water
#
_entity_poly.entity_id   1
_entity_poly.type   'polypeptide(L)'
_entity_poly.pdbx_seq_one_letter_code
;MHHHHHHSSGVDLGTENLYFQSNAMTAQPQTLKIRRPDDWHIHLRDDEMLSTVLPYTSEVFARAIVMPNLAQPITTVASA
IAYRERILAAVPAGHKFTPLMTCYLTNSLDAKELTTGFEQGVFTAA(KCX)LYPANATTNSTHGVSDIPAIYPLFEQMQK
IGMPLLIHGEVTDAAVDIFDREARFIDQILEPIRQKFPELKIVFEHITTKDAADYVLAGNRFLGATVTPQHLMFNRNHML
VGGIRPHLFCLPILKRSTHQQALRAAVASGSDRFFLGTDSAPHAKHRKESS(CSX)G(CSX)AGVFNAPAALPAYASVFE
ELNALQHLEAFCALNGPRFYGLPVNDDVVELVRTPFLQPEEIPLGNESVIPFLAGQTLNWSVKR
;
_entity_poly.pdbx_strand_id   A,B,C,D,E,F
#
# COMPACT_ATOMS: atom_id res chain seq x y z
N GLN A 28 -10.85 11.72 8.58
CA GLN A 28 -12.09 11.19 9.18
C GLN A 28 -12.51 9.94 8.40
N PRO A 29 -12.72 8.80 9.09
CA PRO A 29 -12.91 7.54 8.35
C PRO A 29 -14.24 7.47 7.61
N GLN A 30 -14.29 6.64 6.57
CA GLN A 30 -15.51 6.52 5.76
C GLN A 30 -16.70 6.17 6.66
N THR A 31 -17.82 6.86 6.45
CA THR A 31 -19.07 6.59 7.18
C THR A 31 -20.21 6.28 6.22
N LEU A 32 -21.20 5.56 6.73
CA LEU A 32 -22.35 5.18 5.94
C LEU A 32 -23.58 5.27 6.84
N LYS A 33 -24.53 6.11 6.44
CA LYS A 33 -25.79 6.28 7.18
C LYS A 33 -26.85 5.44 6.46
N ILE A 34 -27.52 4.56 7.19
CA ILE A 34 -28.65 3.78 6.65
C ILE A 34 -29.79 3.76 7.65
N ARG A 35 -31.00 3.47 7.17
CA ARG A 35 -32.14 3.26 8.05
C ARG A 35 -31.84 2.12 9.00
N ARG A 36 -32.41 2.21 10.21
N ARG A 36 -32.41 2.21 10.21
CA ARG A 36 -32.16 1.22 11.24
CA ARG A 36 -32.16 1.22 11.24
C ARG A 36 -32.65 -0.15 10.74
C ARG A 36 -32.65 -0.15 10.74
N PRO A 37 -31.78 -1.18 10.81
CA PRO A 37 -32.14 -2.48 10.28
C PRO A 37 -33.00 -3.33 11.20
N ASP A 38 -33.49 -4.44 10.64
CA ASP A 38 -34.20 -5.48 11.40
C ASP A 38 -33.51 -6.80 11.11
N ASP A 39 -33.68 -7.77 12.00
CA ASP A 39 -33.13 -9.12 11.83
C ASP A 39 -34.29 -10.10 11.61
N TRP A 40 -34.48 -10.54 10.37
CA TRP A 40 -35.66 -11.31 10.00
C TRP A 40 -35.56 -12.82 10.29
N HIS A 41 -34.59 -13.20 11.12
CA HIS A 41 -34.42 -14.60 11.54
C HIS A 41 -33.44 -14.72 12.71
N ILE A 42 -33.95 -14.94 13.92
CA ILE A 42 -33.05 -15.09 15.05
C ILE A 42 -33.54 -16.07 16.10
N HIS A 43 -32.59 -16.70 16.80
CA HIS A 43 -32.86 -17.51 17.97
C HIS A 43 -32.37 -16.80 19.21
N LEU A 44 -33.30 -16.47 20.10
CA LEU A 44 -32.95 -15.80 21.35
C LEU A 44 -32.84 -16.78 22.52
N ARG A 45 -33.23 -18.04 22.31
CA ARG A 45 -33.25 -19.03 23.39
C ARG A 45 -34.08 -18.50 24.58
N ASP A 46 -33.70 -18.87 25.80
CA ASP A 46 -34.50 -18.55 26.96
C ASP A 46 -33.63 -18.44 28.21
N ASP A 47 -34.24 -17.98 29.31
CA ASP A 47 -33.59 -17.96 30.61
C ASP A 47 -32.26 -17.17 30.56
N GLU A 48 -31.17 -17.70 31.11
CA GLU A 48 -29.92 -16.92 31.21
C GLU A 48 -29.30 -16.65 29.83
N MET A 49 -29.46 -17.60 28.90
CA MET A 49 -28.95 -17.41 27.54
C MET A 49 -29.65 -16.21 26.88
N LEU A 50 -30.96 -16.15 26.98
CA LEU A 50 -31.74 -15.02 26.49
C LEU A 50 -31.22 -13.69 27.02
N SER A 51 -31.02 -13.60 28.33
CA SER A 51 -30.51 -12.37 28.95
C SER A 51 -29.15 -11.96 28.39
N THR A 52 -28.30 -12.95 28.14
CA THR A 52 -26.95 -12.71 27.67
C THR A 52 -26.89 -12.31 26.19
N VAL A 53 -27.69 -12.95 25.34
CA VAL A 53 -27.53 -12.76 23.88
C VAL A 53 -28.38 -11.66 23.28
N LEU A 54 -29.54 -11.39 23.87
CA LEU A 54 -30.45 -10.39 23.31
C LEU A 54 -29.82 -9.00 23.12
N PRO A 55 -29.08 -8.50 24.14
CA PRO A 55 -28.49 -7.17 24.04
C PRO A 55 -27.67 -6.92 22.77
N TYR A 56 -26.98 -7.95 22.28
CA TYR A 56 -26.19 -7.81 21.06
C TYR A 56 -27.08 -7.50 19.85
N THR A 57 -28.30 -8.01 19.86
CA THR A 57 -29.26 -7.74 18.79
C THR A 57 -29.99 -6.41 19.01
N SER A 58 -30.51 -6.19 20.23
CA SER A 58 -31.34 -5.01 20.52
C SER A 58 -30.57 -3.69 20.41
N GLU A 59 -29.25 -3.76 20.56
CA GLU A 59 -28.36 -2.61 20.40
C GLU A 59 -28.43 -1.99 19.00
N VAL A 60 -28.61 -2.84 17.99
CA VAL A 60 -28.53 -2.43 16.58
C VAL A 60 -29.87 -2.53 15.85
N PHE A 61 -30.57 -3.64 16.05
CA PHE A 61 -31.79 -3.94 15.29
C PHE A 61 -33.04 -3.51 16.04
N ALA A 62 -33.97 -2.87 15.34
CA ALA A 62 -35.20 -2.38 15.95
C ALA A 62 -36.20 -3.52 16.19
N ARG A 63 -36.24 -4.47 15.26
CA ARG A 63 -37.13 -5.62 15.36
C ARG A 63 -36.37 -6.87 14.97
N ALA A 64 -36.87 -8.01 15.42
CA ALA A 64 -36.38 -9.30 14.96
C ALA A 64 -37.47 -10.35 14.96
N ILE A 65 -37.44 -11.22 13.94
CA ILE A 65 -38.30 -12.40 13.88
C ILE A 65 -37.71 -13.42 14.83
N VAL A 66 -38.46 -13.75 15.88
CA VAL A 66 -37.97 -14.63 16.93
C VAL A 66 -38.50 -16.03 16.69
N MET A 67 -37.57 -16.95 16.43
CA MET A 67 -37.94 -18.31 16.10
C MET A 67 -38.49 -19.03 17.33
N PRO A 68 -39.36 -20.03 17.09
CA PRO A 68 -40.16 -20.62 18.16
C PRO A 68 -39.64 -21.96 18.68
N ASN A 69 -38.41 -22.34 18.34
CA ASN A 69 -37.91 -23.69 18.66
C ASN A 69 -37.25 -23.80 20.02
N LEU A 70 -38.03 -23.50 21.06
CA LEU A 70 -37.56 -23.73 22.43
C LEU A 70 -37.73 -25.20 22.77
N ALA A 71 -37.22 -25.59 23.94
CA ALA A 71 -37.39 -26.96 24.44
C ALA A 71 -38.86 -27.40 24.39
N GLN A 72 -39.76 -26.52 24.83
CA GLN A 72 -41.19 -26.63 24.57
C GLN A 72 -41.53 -25.62 23.48
N PRO A 73 -41.78 -26.11 22.25
CA PRO A 73 -41.97 -25.18 21.15
C PRO A 73 -43.18 -24.25 21.30
N ILE A 74 -43.09 -23.05 20.74
CA ILE A 74 -44.13 -22.04 20.85
C ILE A 74 -45.24 -22.36 19.84
N THR A 75 -46.30 -23.00 20.32
CA THR A 75 -47.41 -23.45 19.47
C THR A 75 -48.77 -22.83 19.83
N THR A 76 -48.82 -22.01 20.88
CA THR A 76 -50.07 -21.38 21.32
C THR A 76 -49.87 -19.88 21.49
N VAL A 77 -50.95 -19.13 21.41
CA VAL A 77 -50.93 -17.69 21.67
C VAL A 77 -50.42 -17.42 23.08
N ALA A 78 -50.91 -18.18 24.04
CA ALA A 78 -50.53 -18.01 25.45
C ALA A 78 -49.03 -18.15 25.67
N SER A 79 -48.43 -19.18 25.10
CA SER A 79 -47.00 -19.41 25.27
C SER A 79 -46.17 -18.34 24.55
N ALA A 80 -46.69 -17.86 23.41
CA ALA A 80 -46.04 -16.79 22.66
C ALA A 80 -46.05 -15.45 23.42
N ILE A 81 -47.18 -15.14 24.04
CA ILE A 81 -47.28 -13.94 24.87
C ILE A 81 -46.28 -14.01 26.03
N ALA A 82 -46.22 -15.15 26.70
CA ALA A 82 -45.32 -15.33 27.83
C ALA A 82 -43.85 -15.18 27.41
N TYR A 83 -43.49 -15.78 26.27
CA TYR A 83 -42.11 -15.70 25.77
C TYR A 83 -41.77 -14.26 25.37
N ARG A 84 -42.70 -13.58 24.69
CA ARG A 84 -42.54 -12.18 24.34
C ARG A 84 -42.25 -11.33 25.59
N GLU A 85 -42.99 -11.56 26.68
CA GLU A 85 -42.75 -10.85 27.93
C GLU A 85 -41.34 -11.09 28.50
N ARG A 86 -40.87 -12.34 28.41
CA ARG A 86 -39.53 -12.66 28.92
C ARG A 86 -38.45 -11.96 28.08
N ILE A 87 -38.70 -11.85 26.78
CA ILE A 87 -37.78 -11.16 25.88
C ILE A 87 -37.74 -9.68 26.19
N LEU A 88 -38.91 -9.06 26.31
CA LEU A 88 -39.00 -7.64 26.64
C LEU A 88 -38.32 -7.30 27.97
N ALA A 89 -38.45 -8.20 28.95
CA ALA A 89 -37.79 -8.04 30.25
C ALA A 89 -36.25 -8.09 30.15
N ALA A 90 -35.74 -8.76 29.13
CA ALA A 90 -34.30 -8.85 28.90
C ALA A 90 -33.72 -7.69 28.08
N VAL A 91 -34.57 -6.84 27.50
CA VAL A 91 -34.08 -5.70 26.74
C VAL A 91 -33.43 -4.67 27.70
N PRO A 92 -32.15 -4.34 27.46
CA PRO A 92 -31.49 -3.35 28.32
C PRO A 92 -32.16 -1.98 28.24
N ALA A 93 -32.08 -1.24 29.34
CA ALA A 93 -32.60 0.13 29.36
C ALA A 93 -31.85 0.95 28.33
N GLY A 94 -32.58 1.75 27.57
CA GLY A 94 -31.99 2.58 26.52
C GLY A 94 -32.01 1.95 25.14
N HIS A 95 -32.30 0.65 25.05
CA HIS A 95 -32.48 0.00 23.76
C HIS A 95 -33.95 0.08 23.33
N LYS A 96 -34.19 0.27 22.04
CA LYS A 96 -35.54 0.19 21.48
C LYS A 96 -35.62 -1.08 20.65
N PHE A 97 -36.36 -2.07 21.14
CA PHE A 97 -36.50 -3.35 20.47
C PHE A 97 -37.89 -3.97 20.63
N THR A 98 -38.40 -4.53 19.54
CA THR A 98 -39.68 -5.22 19.53
C THR A 98 -39.52 -6.61 18.91
N PRO A 99 -39.81 -7.68 19.68
CA PRO A 99 -39.76 -9.00 19.09
C PRO A 99 -41.02 -9.29 18.27
N LEU A 100 -40.82 -9.84 17.09
CA LEU A 100 -41.91 -10.31 16.25
C LEU A 100 -41.98 -11.81 16.42
N MET A 101 -43.08 -12.30 17.02
CA MET A 101 -43.16 -13.71 17.41
C MET A 101 -43.60 -14.60 16.25
N THR A 102 -43.25 -15.87 16.36
CA THR A 102 -43.62 -16.86 15.36
C THR A 102 -44.24 -18.08 16.01
N CYS A 103 -45.11 -18.73 15.26
CA CYS A 103 -45.73 -19.98 15.68
C CYS A 103 -45.00 -21.18 15.05
N TYR A 104 -44.68 -22.16 15.89
CA TYR A 104 -44.03 -23.39 15.47
C TYR A 104 -45.09 -24.32 14.91
N LEU A 105 -45.02 -24.59 13.61
CA LEU A 105 -46.01 -25.47 12.99
C LEU A 105 -45.80 -26.91 13.39
N THR A 106 -46.89 -27.63 13.64
CA THR A 106 -46.83 -29.06 13.96
C THR A 106 -47.94 -29.79 13.21
N ASN A 107 -47.87 -31.12 13.23
CA ASN A 107 -48.89 -31.95 12.57
C ASN A 107 -50.26 -31.85 13.27
N SER A 108 -50.27 -31.55 14.56
CA SER A 108 -51.51 -31.47 15.34
C SER A 108 -51.99 -30.03 15.63
N LEU A 109 -51.28 -29.04 15.11
CA LEU A 109 -51.61 -27.63 15.41
C LEU A 109 -53.03 -27.24 14.98
N ASP A 110 -53.76 -26.55 15.85
CA ASP A 110 -55.09 -26.06 15.54
C ASP A 110 -55.02 -24.77 14.74
N ALA A 111 -55.70 -24.74 13.59
CA ALA A 111 -55.68 -23.59 12.70
C ALA A 111 -56.24 -22.30 13.35
N LYS A 112 -57.27 -22.43 14.20
CA LYS A 112 -57.85 -21.28 14.89
C LYS A 112 -56.81 -20.55 15.76
N GLU A 113 -55.95 -21.34 16.42
CA GLU A 113 -54.86 -20.79 17.24
C GLU A 113 -53.91 -19.92 16.42
N LEU A 114 -53.63 -20.36 15.20
CA LEU A 114 -52.76 -19.65 14.28
C LEU A 114 -53.46 -18.38 13.76
N THR A 115 -54.72 -18.53 13.37
CA THR A 115 -55.50 -17.45 12.80
C THR A 115 -55.70 -16.29 13.77
N THR A 116 -56.12 -16.59 14.99
CA THR A 116 -56.45 -15.53 15.94
C THR A 116 -55.16 -14.90 16.45
N GLY A 117 -54.11 -15.71 16.58
CA GLY A 117 -52.79 -15.20 16.94
C GLY A 117 -52.28 -14.18 15.93
N PHE A 118 -52.53 -14.43 14.65
CA PHE A 118 -52.10 -13.52 13.59
C PHE A 118 -52.93 -12.24 13.63
N GLU A 119 -54.24 -12.38 13.79
CA GLU A 119 -55.15 -11.24 13.75
C GLU A 119 -55.03 -10.35 15.00
N GLN A 120 -54.66 -10.96 16.13
CA GLN A 120 -54.40 -10.21 17.36
C GLN A 120 -53.00 -9.59 17.43
N GLY A 121 -52.17 -9.84 16.43
CA GLY A 121 -50.81 -9.28 16.39
C GLY A 121 -49.79 -9.99 17.28
N VAL A 122 -50.13 -11.18 17.76
CA VAL A 122 -49.19 -11.99 18.55
C VAL A 122 -48.18 -12.66 17.63
N PHE A 123 -48.70 -13.40 16.65
CA PHE A 123 -47.85 -14.05 15.63
C PHE A 123 -47.68 -13.13 14.43
N THR A 124 -46.44 -12.89 14.05
CA THR A 124 -46.11 -12.19 12.81
C THR A 124 -46.02 -13.19 11.64
N ALA A 125 -45.65 -14.42 11.95
CA ALA A 125 -45.51 -15.48 10.93
C ALA A 125 -45.51 -16.86 11.58
N ALA A 126 -45.55 -17.90 10.75
CA ALA A 126 -45.44 -19.27 11.22
C ALA A 126 -44.22 -19.91 10.61
N LEU A 128 -42.01 -23.34 9.59
CA LEU A 128 -42.02 -24.76 9.26
C LEU A 128 -40.62 -25.37 9.43
N TYR A 129 -40.52 -26.29 10.39
CA TYR A 129 -39.34 -27.16 10.56
C TYR A 129 -39.71 -28.57 10.12
N PRO A 130 -39.01 -29.10 9.11
CA PRO A 130 -39.16 -30.52 8.85
C PRO A 130 -38.65 -31.30 10.06
N ALA A 131 -39.39 -32.35 10.44
CA ALA A 131 -39.08 -33.11 11.64
C ALA A 131 -37.65 -33.64 11.62
N ASN A 132 -36.91 -33.32 12.69
CA ASN A 132 -35.51 -33.72 12.92
C ASN A 132 -34.47 -33.04 12.01
N ALA A 133 -34.86 -31.97 11.33
CA ALA A 133 -33.97 -31.23 10.44
C ALA A 133 -32.89 -30.48 11.21
N THR A 134 -33.21 -30.02 12.42
CA THR A 134 -32.30 -29.19 13.18
C THR A 134 -32.57 -29.21 14.70
N THR A 135 -32.04 -28.21 15.41
CA THR A 135 -32.21 -28.04 16.85
C THR A 135 -33.68 -27.91 17.29
N ASN A 136 -34.07 -28.72 18.27
CA ASN A 136 -35.44 -28.73 18.85
C ASN A 136 -36.51 -28.86 17.75
N SER A 137 -36.33 -29.86 16.89
CA SER A 137 -37.23 -30.10 15.76
C SER A 137 -37.88 -31.49 15.81
N THR A 138 -37.80 -32.20 16.94
CA THR A 138 -38.45 -33.50 17.10
C THR A 138 -39.98 -33.39 17.01
N HIS A 139 -40.52 -32.23 17.36
CA HIS A 139 -41.96 -31.96 17.25
C HIS A 139 -42.35 -31.28 15.92
N GLY A 140 -41.39 -31.18 15.00
CA GLY A 140 -41.65 -30.58 13.69
C GLY A 140 -42.57 -31.41 12.82
N VAL A 141 -42.80 -30.91 11.62
CA VAL A 141 -43.77 -31.52 10.71
C VAL A 141 -43.12 -32.67 9.94
N SER A 142 -43.72 -33.85 10.04
CA SER A 142 -43.14 -35.06 9.43
C SER A 142 -43.60 -35.28 7.98
N ASP A 143 -44.88 -35.07 7.70
CA ASP A 143 -45.40 -35.23 6.34
C ASP A 143 -46.01 -33.93 5.88
N ILE A 144 -45.19 -33.10 5.23
CA ILE A 144 -45.55 -31.69 5.02
C ILE A 144 -46.87 -31.44 4.28
N PRO A 145 -47.14 -32.21 3.21
CA PRO A 145 -48.44 -32.05 2.55
C PRO A 145 -49.68 -32.27 3.43
N ALA A 146 -49.54 -32.99 4.55
CA ALA A 146 -50.66 -33.20 5.46
C ALA A 146 -51.18 -31.91 6.11
N ILE A 147 -50.31 -30.90 6.23
CA ILE A 147 -50.74 -29.62 6.83
C ILE A 147 -51.06 -28.55 5.79
N TYR A 148 -51.29 -28.96 4.54
CA TYR A 148 -51.79 -28.06 3.51
C TYR A 148 -53.03 -27.25 3.97
N PRO A 149 -53.94 -27.85 4.76
CA PRO A 149 -55.07 -27.03 5.21
C PRO A 149 -54.66 -25.82 6.06
N LEU A 150 -53.53 -25.90 6.79
CA LEU A 150 -53.00 -24.73 7.48
C LEU A 150 -52.50 -23.66 6.50
N PHE A 151 -51.77 -24.10 5.47
CA PHE A 151 -51.27 -23.16 4.46
C PHE A 151 -52.43 -22.44 3.78
N GLU A 152 -53.49 -23.18 3.49
CA GLU A 152 -54.67 -22.58 2.88
C GLU A 152 -55.23 -21.45 3.73
N GLN A 153 -55.31 -21.68 5.03
CA GLN A 153 -55.78 -20.68 5.97
C GLN A 153 -54.81 -19.50 6.04
N MET A 154 -53.51 -19.78 6.07
CA MET A 154 -52.48 -18.73 6.07
C MET A 154 -52.55 -17.87 4.82
N GLN A 155 -52.76 -18.52 3.67
CA GLN A 155 -52.90 -17.81 2.41
C GLN A 155 -54.08 -16.88 2.47
N LYS A 156 -55.21 -17.38 2.95
CA LYS A 156 -56.44 -16.62 3.06
C LYS A 156 -56.26 -15.34 3.88
N ILE A 157 -55.58 -15.45 5.03
CA ILE A 157 -55.45 -14.33 5.97
C ILE A 157 -54.22 -13.44 5.73
N GLY A 158 -53.31 -13.87 4.86
CA GLY A 158 -52.10 -13.09 4.55
C GLY A 158 -50.93 -13.29 5.53
N MET A 159 -50.89 -14.46 6.17
CA MET A 159 -49.84 -14.77 7.13
C MET A 159 -48.66 -15.41 6.40
N PRO A 160 -47.45 -14.87 6.59
CA PRO A 160 -46.30 -15.45 5.91
C PRO A 160 -45.86 -16.80 6.51
N LEU A 161 -45.37 -17.67 5.63
CA LEU A 161 -44.83 -18.96 6.01
C LEU A 161 -43.32 -18.90 5.88
N LEU A 162 -42.62 -19.16 6.99
CA LEU A 162 -41.16 -19.19 6.99
C LEU A 162 -40.73 -20.66 6.98
N ILE A 163 -39.77 -20.99 6.12
CA ILE A 163 -39.42 -22.39 5.92
C ILE A 163 -37.94 -22.67 6.10
N HIS A 164 -37.63 -23.65 6.95
CA HIS A 164 -36.30 -24.23 6.98
C HIS A 164 -36.33 -25.30 5.89
N GLY A 165 -35.76 -24.99 4.74
CA GLY A 165 -35.93 -25.81 3.54
C GLY A 165 -34.90 -26.89 3.30
N GLU A 166 -35.03 -27.99 4.03
CA GLU A 166 -34.17 -29.15 3.87
C GLU A 166 -35.00 -30.42 4.02
N VAL A 167 -34.82 -31.36 3.10
CA VAL A 167 -35.37 -32.70 3.30
C VAL A 167 -34.54 -33.39 4.37
N THR A 168 -35.09 -34.45 4.96
CA THR A 168 -34.40 -35.20 6.02
C THR A 168 -34.17 -36.67 5.71
N ASP A 169 -34.60 -37.09 4.52
CA ASP A 169 -34.40 -38.46 4.04
C ASP A 169 -32.95 -38.89 4.21
N ALA A 170 -32.73 -40.02 4.87
CA ALA A 170 -31.39 -40.50 5.20
C ALA A 170 -30.54 -40.82 3.98
N ALA A 171 -31.19 -41.18 2.87
CA ALA A 171 -30.48 -41.49 1.63
C ALA A 171 -29.99 -40.24 0.88
N VAL A 172 -30.42 -39.05 1.31
CA VAL A 172 -30.00 -37.81 0.67
C VAL A 172 -28.79 -37.24 1.38
N ASP A 173 -27.72 -37.02 0.60
CA ASP A 173 -26.50 -36.43 1.11
C ASP A 173 -26.78 -35.04 1.70
N ILE A 174 -26.13 -34.73 2.81
CA ILE A 174 -26.44 -33.50 3.55
C ILE A 174 -26.30 -32.24 2.69
N PHE A 175 -25.32 -32.24 1.79
CA PHE A 175 -25.07 -31.08 0.94
C PHE A 175 -26.13 -30.92 -0.17
N ASP A 176 -26.92 -31.97 -0.41
CA ASP A 176 -27.99 -31.95 -1.42
C ASP A 176 -29.37 -31.63 -0.86
N ARG A 177 -29.50 -31.52 0.45
CA ARG A 177 -30.83 -31.50 1.07
C ARG A 177 -31.64 -30.24 0.76
N GLU A 178 -30.96 -29.11 0.61
CA GLU A 178 -31.65 -27.88 0.26
C GLU A 178 -32.22 -27.93 -1.15
N ALA A 179 -31.40 -28.36 -2.10
CA ALA A 179 -31.83 -28.45 -3.50
C ALA A 179 -33.00 -29.41 -3.69
N ARG A 180 -32.98 -30.55 -3.00
CA ARG A 180 -34.08 -31.51 -3.07
C ARG A 180 -35.36 -30.90 -2.52
N PHE A 181 -35.24 -30.11 -1.46
CA PHE A 181 -36.41 -29.46 -0.86
C PHE A 181 -37.14 -28.60 -1.87
N ILE A 182 -36.38 -27.86 -2.66
CA ILE A 182 -36.95 -26.93 -3.64
C ILE A 182 -37.92 -27.63 -4.58
N ASP A 183 -37.47 -28.73 -5.19
CA ASP A 183 -38.28 -29.45 -6.18
C ASP A 183 -39.38 -30.27 -5.54
N GLN A 184 -39.08 -30.90 -4.41
CA GLN A 184 -39.94 -31.92 -3.81
C GLN A 184 -41.03 -31.33 -2.91
N ILE A 185 -40.71 -30.24 -2.21
CA ILE A 185 -41.62 -29.66 -1.22
C ILE A 185 -42.06 -28.23 -1.54
N LEU A 186 -41.10 -27.36 -1.84
CA LEU A 186 -41.40 -25.93 -1.99
C LEU A 186 -42.20 -25.63 -3.26
N GLU A 187 -41.76 -26.18 -4.40
CA GLU A 187 -42.43 -25.91 -5.65
C GLU A 187 -43.90 -26.37 -5.61
N PRO A 188 -44.18 -27.58 -5.09
CA PRO A 188 -45.60 -27.96 -4.99
C PRO A 188 -46.43 -27.03 -4.09
N ILE A 189 -45.86 -26.56 -2.99
CA ILE A 189 -46.55 -25.58 -2.14
C ILE A 189 -46.87 -24.31 -2.94
N ARG A 190 -45.89 -23.82 -3.70
CA ARG A 190 -46.07 -22.59 -4.47
C ARG A 190 -47.07 -22.77 -5.62
N GLN A 191 -47.11 -23.95 -6.23
CA GLN A 191 -48.11 -24.23 -7.25
C GLN A 191 -49.52 -24.24 -6.68
N LYS A 192 -49.70 -24.85 -5.50
CA LYS A 192 -51.04 -24.97 -4.91
C LYS A 192 -51.50 -23.70 -4.21
N PHE A 193 -50.57 -22.95 -3.61
CA PHE A 193 -50.90 -21.73 -2.88
C PHE A 193 -50.11 -20.55 -3.46
N PRO A 194 -50.52 -20.06 -4.64
CA PRO A 194 -49.74 -19.07 -5.37
C PRO A 194 -49.70 -17.69 -4.73
N GLU A 195 -50.59 -17.40 -3.79
CA GLU A 195 -50.61 -16.12 -3.10
C GLU A 195 -50.20 -16.21 -1.62
N LEU A 196 -49.60 -17.34 -1.24
CA LEU A 196 -49.03 -17.49 0.10
C LEU A 196 -47.66 -16.85 0.12
N LYS A 197 -47.43 -15.96 1.08
CA LYS A 197 -46.12 -15.34 1.27
C LYS A 197 -45.20 -16.34 1.94
N ILE A 198 -44.07 -16.61 1.31
CA ILE A 198 -43.12 -17.60 1.79
C ILE A 198 -41.73 -17.00 1.87
N VAL A 199 -41.08 -17.16 3.02
CA VAL A 199 -39.67 -16.83 3.13
C VAL A 199 -38.88 -18.12 3.16
N PHE A 200 -38.00 -18.25 2.18
CA PHE A 200 -37.07 -19.33 2.12
C PHE A 200 -35.92 -18.92 3.03
N GLU A 201 -35.94 -19.39 4.26
CA GLU A 201 -34.96 -18.95 5.26
C GLU A 201 -33.57 -19.44 4.99
N HIS A 202 -32.59 -18.63 5.42
CA HIS A 202 -31.15 -18.91 5.32
C HIS A 202 -30.75 -19.78 4.12
N ILE A 203 -30.87 -19.21 2.93
CA ILE A 203 -30.48 -19.94 1.74
C ILE A 203 -28.97 -20.09 1.68
N THR A 204 -28.55 -21.20 1.11
CA THR A 204 -27.14 -21.58 1.08
C THR A 204 -26.66 -22.03 -0.30
N THR A 205 -27.55 -22.12 -1.28
CA THR A 205 -27.18 -22.70 -2.57
C THR A 205 -27.52 -21.78 -3.73
N LYS A 206 -26.76 -21.93 -4.79
CA LYS A 206 -27.09 -21.39 -6.10
C LYS A 206 -28.49 -21.83 -6.56
N ASP A 207 -28.86 -23.07 -6.25
CA ASP A 207 -30.19 -23.59 -6.58
C ASP A 207 -31.25 -22.69 -5.96
N ALA A 208 -31.09 -22.38 -4.68
CA ALA A 208 -32.05 -21.54 -3.97
C ALA A 208 -32.03 -20.10 -4.47
N ALA A 209 -30.83 -19.55 -4.65
CA ALA A 209 -30.68 -18.19 -5.16
C ALA A 209 -31.39 -18.02 -6.50
N ASP A 210 -31.11 -18.93 -7.44
CA ASP A 210 -31.72 -18.89 -8.76
C ASP A 210 -33.24 -19.04 -8.70
N TYR A 211 -33.70 -19.92 -7.82
CA TYR A 211 -35.14 -20.19 -7.69
C TYR A 211 -35.85 -18.95 -7.17
N VAL A 212 -35.27 -18.31 -6.16
CA VAL A 212 -35.86 -17.09 -5.60
C VAL A 212 -35.83 -15.93 -6.63
N LEU A 213 -34.70 -15.78 -7.33
CA LEU A 213 -34.58 -14.76 -8.36
C LEU A 213 -35.61 -14.93 -9.49
N ALA A 214 -35.95 -16.18 -9.79
CA ALA A 214 -36.92 -16.51 -10.84
C ALA A 214 -38.38 -16.56 -10.35
N GLY A 215 -38.62 -16.22 -9.08
CA GLY A 215 -39.95 -16.27 -8.48
C GLY A 215 -40.76 -15.02 -8.72
N ASN A 216 -41.52 -14.62 -7.70
CA ASN A 216 -42.38 -13.44 -7.78
C ASN A 216 -42.42 -12.77 -6.41
N ARG A 217 -43.31 -11.78 -6.22
CA ARG A 217 -43.32 -11.02 -4.97
C ARG A 217 -43.75 -11.84 -3.74
N PHE A 218 -44.30 -13.03 -3.96
CA PHE A 218 -44.72 -13.91 -2.85
C PHE A 218 -43.61 -14.84 -2.33
N LEU A 219 -42.42 -14.78 -2.93
CA LEU A 219 -41.29 -15.58 -2.47
C LEU A 219 -40.07 -14.70 -2.16
N GLY A 220 -39.63 -14.78 -0.92
CA GLY A 220 -38.45 -14.04 -0.47
C GLY A 220 -37.46 -14.98 0.20
N ALA A 221 -36.33 -14.43 0.63
CA ALA A 221 -35.30 -15.24 1.29
C ALA A 221 -34.43 -14.42 2.22
N THR A 222 -33.97 -15.04 3.31
CA THR A 222 -32.97 -14.43 4.18
C THR A 222 -31.61 -15.06 3.92
N VAL A 223 -30.57 -14.28 4.16
CA VAL A 223 -29.20 -14.74 3.99
C VAL A 223 -28.37 -14.35 5.20
N THR A 224 -27.64 -15.32 5.74
CA THR A 224 -26.82 -15.10 6.93
C THR A 224 -25.47 -14.53 6.56
N PRO A 225 -24.76 -13.98 7.55
CA PRO A 225 -23.41 -13.52 7.25
C PRO A 225 -22.43 -14.67 7.00
N GLN A 226 -22.58 -15.77 7.72
CA GLN A 226 -21.65 -16.89 7.57
C GLN A 226 -21.72 -17.55 6.19
N HIS A 227 -22.92 -17.63 5.61
CA HIS A 227 -23.07 -18.23 4.27
C HIS A 227 -22.57 -17.30 3.19
N LEU A 228 -22.50 -16.01 3.48
CA LEU A 228 -21.86 -15.05 2.57
C LEU A 228 -20.35 -15.04 2.71
N MET A 229 -19.85 -15.15 3.95
CA MET A 229 -18.42 -15.00 4.22
C MET A 229 -17.61 -16.27 4.01
N PHE A 230 -18.24 -17.42 4.17
CA PHE A 230 -17.52 -18.68 4.20
C PHE A 230 -18.16 -19.76 3.33
N ASN A 231 -17.35 -20.79 3.06
CA ASN A 231 -17.81 -22.01 2.44
C ASN A 231 -17.27 -23.20 3.23
N ARG A 232 -17.63 -24.40 2.80
CA ARG A 232 -17.31 -25.60 3.57
C ARG A 232 -15.80 -25.84 3.76
N ASN A 233 -14.97 -25.33 2.86
CA ASN A 233 -13.51 -25.43 3.06
C ASN A 233 -13.05 -24.76 4.35
N HIS A 234 -13.70 -23.66 4.75
CA HIS A 234 -13.32 -22.98 5.98
C HIS A 234 -13.61 -23.81 7.23
N MET A 235 -14.60 -24.69 7.12
CA MET A 235 -15.00 -25.57 8.22
C MET A 235 -14.12 -26.83 8.32
N LEU A 236 -13.47 -27.22 7.22
CA LEU A 236 -12.86 -28.55 7.13
C LEU A 236 -11.40 -28.63 6.71
N VAL A 237 -10.88 -27.62 6.01
CA VAL A 237 -9.48 -27.67 5.55
C VAL A 237 -8.56 -27.31 6.71
N GLY A 238 -7.56 -28.16 6.95
CA GLY A 238 -6.59 -27.90 8.02
C GLY A 238 -7.11 -28.18 9.44
N GLY A 239 -8.31 -28.74 9.55
CA GLY A 239 -8.92 -29.01 10.84
C GLY A 239 -10.42 -28.84 10.76
N ILE A 240 -11.12 -29.39 11.74
CA ILE A 240 -12.59 -29.36 11.74
C ILE A 240 -13.04 -28.30 12.75
N ARG A 241 -13.89 -27.38 12.30
CA ARG A 241 -14.22 -26.16 13.06
C ARG A 241 -15.71 -26.07 13.41
N PRO A 242 -16.08 -26.60 14.57
CA PRO A 242 -17.51 -26.68 14.90
C PRO A 242 -18.21 -25.33 15.07
N HIS A 243 -17.46 -24.26 15.29
CA HIS A 243 -18.09 -22.95 15.38
C HIS A 243 -18.52 -22.38 14.03
N LEU A 244 -18.17 -23.07 12.94
CA LEU A 244 -18.72 -22.78 11.62
C LEU A 244 -19.78 -23.78 11.19
N PHE A 245 -20.06 -24.75 12.06
CA PHE A 245 -21.09 -25.75 11.79
C PHE A 245 -22.46 -25.17 12.13
N CYS A 246 -23.32 -25.10 11.11
CA CYS A 246 -24.70 -24.64 11.27
C CYS A 246 -25.56 -25.37 10.27
N LEU A 247 -26.86 -25.25 10.42
CA LEU A 247 -27.80 -25.87 9.48
C LEU A 247 -28.59 -24.76 8.83
N PRO A 248 -28.75 -24.76 7.51
CA PRO A 248 -28.17 -25.71 6.57
C PRO A 248 -26.67 -25.53 6.47
N ILE A 249 -25.98 -26.61 6.19
CA ILE A 249 -24.53 -26.64 6.23
C ILE A 249 -23.90 -25.73 5.17
N LEU A 250 -22.73 -25.21 5.49
CA LEU A 250 -21.94 -24.45 4.53
C LEU A 250 -21.69 -25.29 3.28
N LYS A 251 -21.85 -24.67 2.12
CA LYS A 251 -21.76 -25.39 0.86
C LYS A 251 -20.43 -25.07 0.18
N ARG A 252 -20.21 -25.62 -1.02
CA ARG A 252 -18.97 -25.34 -1.73
C ARG A 252 -18.92 -23.90 -2.21
N SER A 253 -17.71 -23.44 -2.55
CA SER A 253 -17.46 -22.03 -2.91
C SER A 253 -18.36 -21.52 -4.03
N THR A 254 -18.67 -22.39 -5.00
CA THR A 254 -19.57 -22.03 -6.09
C THR A 254 -20.90 -21.49 -5.58
N HIS A 255 -21.46 -22.16 -4.58
CA HIS A 255 -22.73 -21.74 -4.01
C HIS A 255 -22.60 -20.44 -3.22
N GLN A 256 -21.52 -20.33 -2.44
CA GLN A 256 -21.22 -19.11 -1.72
C GLN A 256 -21.19 -17.91 -2.67
N GLN A 257 -20.52 -18.06 -3.80
CA GLN A 257 -20.41 -16.97 -4.79
C GLN A 257 -21.77 -16.61 -5.40
N ALA A 258 -22.65 -17.58 -5.59
CA ALA A 258 -23.99 -17.32 -6.09
C ALA A 258 -24.82 -16.50 -5.09
N LEU A 259 -24.68 -16.79 -3.82
CA LEU A 259 -25.38 -16.02 -2.78
C LEU A 259 -24.89 -14.60 -2.74
N ARG A 260 -23.57 -14.44 -2.81
CA ARG A 260 -22.96 -13.13 -2.83
C ARG A 260 -23.44 -12.31 -4.03
N ALA A 261 -23.50 -12.92 -5.20
CA ALA A 261 -23.98 -12.24 -6.41
C ALA A 261 -25.45 -11.88 -6.30
N ALA A 262 -26.24 -12.75 -5.67
CA ALA A 262 -27.67 -12.51 -5.46
C ALA A 262 -27.92 -11.23 -4.65
N VAL A 263 -27.25 -11.10 -3.50
CA VAL A 263 -27.46 -9.92 -2.64
C VAL A 263 -26.83 -8.66 -3.24
N ALA A 264 -25.71 -8.83 -3.94
CA ALA A 264 -25.02 -7.73 -4.61
C ALA A 264 -25.79 -7.18 -5.80
N SER A 265 -26.68 -7.99 -6.38
CA SER A 265 -27.52 -7.55 -7.49
C SER A 265 -28.50 -6.46 -7.07
N GLY A 266 -28.79 -6.38 -5.78
CA GLY A 266 -29.75 -5.40 -5.27
C GLY A 266 -31.20 -5.89 -5.40
N SER A 267 -31.41 -7.14 -5.79
CA SER A 267 -32.75 -7.71 -5.87
C SER A 267 -33.43 -7.54 -4.51
N ASP A 268 -34.71 -7.16 -4.54
CA ASP A 268 -35.47 -6.93 -3.33
C ASP A 268 -36.08 -8.19 -2.72
N ARG A 269 -35.71 -9.35 -3.25
CA ARG A 269 -36.23 -10.63 -2.77
CA ARG A 269 -36.23 -10.63 -2.77
C ARG A 269 -35.41 -11.16 -1.61
N PHE A 270 -34.24 -10.55 -1.38
CA PHE A 270 -33.34 -11.00 -0.30
C PHE A 270 -33.25 -9.95 0.80
N PHE A 271 -33.26 -10.41 2.04
CA PHE A 271 -33.10 -9.52 3.18
C PHE A 271 -32.33 -10.17 4.32
N LEU A 272 -31.92 -9.32 5.26
CA LEU A 272 -31.08 -9.72 6.38
C LEU A 272 -31.80 -10.66 7.36
N GLY A 273 -31.22 -11.83 7.57
CA GLY A 273 -31.63 -12.76 8.62
C GLY A 273 -30.40 -13.50 9.09
N THR A 274 -29.98 -13.25 10.32
CA THR A 274 -28.71 -13.78 10.81
C THR A 274 -28.72 -15.26 11.09
N ASP A 275 -29.88 -15.75 11.52
CA ASP A 275 -29.99 -17.09 12.11
C ASP A 275 -28.98 -17.25 13.24
N SER A 276 -28.80 -16.19 14.04
CA SER A 276 -27.98 -16.29 15.23
C SER A 276 -28.56 -17.42 16.07
N ALA A 277 -27.74 -18.41 16.39
CA ALA A 277 -28.17 -19.63 17.03
C ALA A 277 -27.14 -20.07 18.07
N PRO A 278 -27.13 -19.39 19.23
CA PRO A 278 -26.09 -19.61 20.23
C PRO A 278 -26.19 -20.92 21.01
N HIS A 279 -25.05 -21.56 21.22
CA HIS A 279 -24.92 -22.67 22.14
C HIS A 279 -23.71 -22.47 23.02
N ALA A 280 -23.75 -23.03 24.22
CA ALA A 280 -22.60 -23.00 25.11
C ALA A 280 -21.41 -23.69 24.43
N LYS A 281 -20.23 -23.19 24.72
CA LYS A 281 -19.00 -23.69 24.15
C LYS A 281 -18.89 -25.21 24.24
N HIS A 282 -19.21 -25.76 25.41
CA HIS A 282 -19.01 -27.20 25.64
C HIS A 282 -19.97 -28.04 24.79
N ARG A 283 -21.10 -27.46 24.37
CA ARG A 283 -22.04 -28.13 23.49
C ARG A 283 -21.61 -28.05 22.02
N LYS A 284 -20.71 -27.13 21.70
CA LYS A 284 -20.17 -26.98 20.35
C LYS A 284 -18.90 -27.83 20.16
N GLU A 285 -18.03 -27.81 21.16
CA GLU A 285 -16.73 -28.46 21.09
C GLU A 285 -16.78 -29.82 21.78
N SER A 286 -17.62 -30.71 21.27
CA SER A 286 -17.84 -32.02 21.87
C SER A 286 -17.75 -33.10 20.80
N SER A 287 -17.98 -34.34 21.22
CA SER A 287 -18.00 -35.46 20.29
C SER A 287 -19.16 -35.37 19.28
N GLY A 289 -21.20 -32.02 18.06
CA GLY A 289 -21.41 -30.59 18.21
C GLY A 289 -22.75 -30.11 17.68
N ALA A 291 -25.46 -27.65 16.00
CA ALA A 291 -25.45 -26.72 14.89
C ALA A 291 -25.88 -25.33 15.31
N GLY A 292 -25.14 -24.32 14.86
CA GLY A 292 -25.55 -22.94 15.04
C GLY A 292 -24.38 -22.02 15.33
N VAL A 293 -24.40 -20.87 14.68
CA VAL A 293 -23.37 -19.85 14.84
C VAL A 293 -23.97 -18.68 15.64
N PHE A 294 -23.24 -18.21 16.65
CA PHE A 294 -23.67 -17.03 17.39
C PHE A 294 -23.07 -15.77 16.76
N ASN A 295 -23.82 -15.21 15.79
CA ASN A 295 -23.32 -14.13 14.97
C ASN A 295 -23.91 -12.75 15.27
N ALA A 296 -24.77 -12.68 16.28
CA ALA A 296 -25.37 -11.40 16.64
C ALA A 296 -24.35 -10.30 16.96
N PRO A 297 -23.29 -10.62 17.74
CA PRO A 297 -22.33 -9.57 18.14
C PRO A 297 -21.73 -8.74 17.00
N ALA A 298 -21.37 -9.38 15.89
CA ALA A 298 -20.76 -8.64 14.78
C ALA A 298 -21.63 -8.59 13.50
N ALA A 299 -22.93 -8.81 13.66
CA ALA A 299 -23.80 -9.08 12.52
C ALA A 299 -23.77 -7.98 11.46
N LEU A 300 -24.14 -6.76 11.82
CA LEU A 300 -24.24 -5.68 10.83
C LEU A 300 -22.85 -5.32 10.22
N PRO A 301 -21.82 -5.16 11.07
CA PRO A 301 -20.47 -4.95 10.52
C PRO A 301 -19.99 -6.04 9.55
N ALA A 302 -20.33 -7.29 9.84
CA ALA A 302 -19.97 -8.42 8.97
C ALA A 302 -20.61 -8.28 7.59
N TYR A 303 -21.90 -7.98 7.57
CA TYR A 303 -22.62 -7.74 6.33
C TYR A 303 -22.03 -6.56 5.56
N ALA A 304 -21.72 -5.47 6.25
CA ALA A 304 -21.09 -4.32 5.62
C ALA A 304 -19.78 -4.73 4.91
N SER A 305 -18.96 -5.52 5.59
CA SER A 305 -17.71 -6.03 4.99
C SER A 305 -17.98 -6.81 3.70
N VAL A 306 -19.02 -7.63 3.70
CA VAL A 306 -19.36 -8.43 2.52
C VAL A 306 -19.79 -7.52 1.36
N PHE A 307 -20.71 -6.59 1.62
CA PHE A 307 -21.20 -5.70 0.58
C PHE A 307 -20.08 -4.80 0.04
N GLU A 308 -19.13 -4.45 0.90
CA GLU A 308 -17.94 -3.74 0.47
C GLU A 308 -17.11 -4.57 -0.53
N GLU A 309 -16.78 -5.80 -0.14
CA GLU A 309 -16.03 -6.71 -1.01
C GLU A 309 -16.70 -6.92 -2.37
N LEU A 310 -18.03 -6.85 -2.38
CA LEU A 310 -18.82 -7.04 -3.60
C LEU A 310 -19.07 -5.78 -4.39
N ASN A 311 -18.43 -4.67 -3.99
CA ASN A 311 -18.61 -3.35 -4.61
C ASN A 311 -20.11 -2.97 -4.66
N ALA A 312 -20.80 -3.23 -3.55
CA ALA A 312 -22.26 -3.15 -3.52
C ALA A 312 -22.81 -2.46 -2.27
N LEU A 313 -22.04 -1.55 -1.69
CA LEU A 313 -22.51 -0.83 -0.49
C LEU A 313 -23.78 -0.02 -0.72
N GLN A 314 -24.02 0.39 -1.98
CA GLN A 314 -25.26 1.08 -2.33
C GLN A 314 -26.53 0.22 -2.08
N HIS A 315 -26.37 -1.10 -2.06
CA HIS A 315 -27.50 -2.00 -1.84
C HIS A 315 -27.66 -2.48 -0.40
N LEU A 316 -26.76 -2.06 0.50
CA LEU A 316 -26.78 -2.53 1.88
C LEU A 316 -28.07 -2.13 2.60
N GLU A 317 -28.46 -0.87 2.47
CA GLU A 317 -29.63 -0.35 3.14
C GLU A 317 -30.88 -1.16 2.80
N ALA A 318 -31.09 -1.42 1.52
CA ALA A 318 -32.28 -2.16 1.09
C ALA A 318 -32.32 -3.54 1.74
N PHE A 319 -31.20 -4.26 1.63
CA PHE A 319 -31.06 -5.58 2.24
C PHE A 319 -31.31 -5.58 3.76
N CYS A 320 -30.78 -4.58 4.45
CA CYS A 320 -30.86 -4.52 5.91
C CYS A 320 -32.15 -3.95 6.45
N ALA A 321 -32.75 -3.01 5.72
CA ALA A 321 -33.79 -2.16 6.29
C ALA A 321 -35.07 -1.98 5.47
N LEU A 322 -35.05 -2.36 4.18
CA LEU A 322 -36.20 -2.10 3.30
C LEU A 322 -36.85 -3.37 2.75
N ASN A 323 -36.04 -4.28 2.24
CA ASN A 323 -36.56 -5.47 1.54
C ASN A 323 -37.45 -6.34 2.44
N GLY A 324 -37.00 -6.58 3.67
CA GLY A 324 -37.77 -7.35 4.65
C GLY A 324 -39.14 -6.76 4.95
N PRO A 325 -39.17 -5.52 5.46
CA PRO A 325 -40.44 -4.85 5.74
C PRO A 325 -41.40 -4.86 4.55
N ARG A 326 -40.88 -4.61 3.36
CA ARG A 326 -41.71 -4.57 2.16
C ARG A 326 -42.28 -5.94 1.81
N PHE A 327 -41.50 -6.99 2.04
CA PHE A 327 -42.00 -8.33 1.80
C PHE A 327 -43.11 -8.72 2.77
N TYR A 328 -42.90 -8.45 4.06
CA TYR A 328 -43.88 -8.77 5.10
C TYR A 328 -45.09 -7.83 5.08
N GLY A 329 -44.93 -6.64 4.51
CA GLY A 329 -45.97 -5.62 4.53
C GLY A 329 -45.99 -4.87 5.83
N LEU A 330 -44.81 -4.65 6.42
CA LEU A 330 -44.67 -3.93 7.67
C LEU A 330 -43.97 -2.62 7.40
N PRO A 331 -44.13 -1.65 8.32
CA PRO A 331 -43.48 -0.36 8.09
C PRO A 331 -41.95 -0.43 8.21
N VAL A 332 -41.30 0.47 7.49
CA VAL A 332 -39.87 0.65 7.53
C VAL A 332 -39.52 1.55 8.73
N ASN A 333 -38.39 1.30 9.37
CA ASN A 333 -37.99 2.06 10.57
C ASN A 333 -37.70 3.54 10.25
N ASP A 334 -38.07 4.43 11.17
CA ASP A 334 -37.79 5.86 11.01
C ASP A 334 -36.34 6.20 11.38
N ASP A 335 -35.79 5.51 12.37
CA ASP A 335 -34.42 5.75 12.85
C ASP A 335 -33.36 5.52 11.78
N VAL A 336 -32.17 6.04 12.04
CA VAL A 336 -30.98 5.72 11.25
C VAL A 336 -29.87 5.19 12.15
N VAL A 337 -28.97 4.41 11.57
CA VAL A 337 -27.71 4.05 12.23
C VAL A 337 -26.57 4.48 11.33
N GLU A 338 -25.42 4.74 11.95
CA GLU A 338 -24.23 5.13 11.22
C GLU A 338 -23.18 4.05 11.36
N LEU A 339 -22.71 3.56 10.23
CA LEU A 339 -21.61 2.64 10.17
C LEU A 339 -20.35 3.45 9.90
N VAL A 340 -19.30 3.21 10.69
CA VAL A 340 -18.03 3.91 10.55
C VAL A 340 -16.93 2.88 10.30
N ARG A 341 -16.06 3.17 9.34
CA ARG A 341 -15.03 2.23 8.96
C ARG A 341 -13.80 2.38 9.86
N THR A 342 -13.95 1.96 11.12
CA THR A 342 -12.85 1.91 12.07
C THR A 342 -12.78 0.51 12.65
N PRO A 343 -11.55 0.03 12.95
CA PRO A 343 -11.39 -1.34 13.39
C PRO A 343 -12.15 -1.64 14.69
N PHE A 344 -12.42 -2.93 14.87
CA PHE A 344 -13.09 -3.38 16.08
C PHE A 344 -12.84 -4.89 16.25
N LEU A 345 -12.21 -5.19 17.37
CA LEU A 345 -11.82 -6.54 17.73
C LEU A 345 -12.96 -7.29 18.40
N GLN A 346 -13.34 -8.44 17.83
CA GLN A 346 -14.32 -9.33 18.45
C GLN A 346 -13.66 -10.05 19.64
N PRO A 347 -14.38 -10.13 20.77
CA PRO A 347 -13.85 -10.90 21.88
C PRO A 347 -13.79 -12.40 21.55
N GLU A 348 -12.89 -13.10 22.23
CA GLU A 348 -12.72 -14.53 22.03
C GLU A 348 -13.88 -15.34 22.61
N GLU A 349 -14.41 -14.90 23.75
CA GLU A 349 -15.50 -15.61 24.45
C GLU A 349 -16.47 -14.60 25.06
N ILE A 350 -17.71 -15.01 25.21
CA ILE A 350 -18.71 -14.21 25.89
C ILE A 350 -19.24 -15.01 27.08
N PRO A 351 -19.09 -14.47 28.30
CA PRO A 351 -19.45 -15.27 29.48
C PRO A 351 -20.94 -15.58 29.58
N LEU A 352 -21.24 -16.74 30.14
CA LEU A 352 -22.60 -17.24 30.32
C LEU A 352 -22.62 -18.07 31.58
N GLY A 353 -22.96 -17.43 32.70
CA GLY A 353 -22.83 -18.05 34.01
C GLY A 353 -21.40 -18.54 34.17
N ASN A 354 -21.23 -19.79 34.61
CA ASN A 354 -19.90 -20.39 34.71
C ASN A 354 -19.41 -20.99 33.39
N GLU A 355 -20.22 -20.89 32.34
CA GLU A 355 -19.85 -21.36 30.99
C GLU A 355 -19.59 -20.15 30.08
N SER A 356 -19.46 -20.38 28.78
CA SER A 356 -19.31 -19.28 27.83
C SER A 356 -19.89 -19.65 26.46
N VAL A 357 -20.01 -18.62 25.62
CA VAL A 357 -20.44 -18.76 24.23
C VAL A 357 -19.38 -18.15 23.33
N ILE A 358 -18.99 -18.87 22.28
CA ILE A 358 -17.97 -18.39 21.36
C ILE A 358 -18.66 -17.66 20.22
N PRO A 359 -18.36 -16.36 20.05
CA PRO A 359 -19.03 -15.62 19.00
C PRO A 359 -18.42 -15.85 17.62
N PHE A 360 -19.22 -15.54 16.60
CA PHE A 360 -18.78 -15.50 15.22
C PHE A 360 -17.60 -14.55 15.08
N LEU A 361 -16.57 -15.00 14.36
CA LEU A 361 -15.36 -14.21 14.13
C LEU A 361 -14.63 -13.89 15.44
N ALA A 362 -14.72 -14.76 16.42
CA ALA A 362 -14.02 -14.61 17.70
C ALA A 362 -12.55 -14.27 17.49
N GLY A 363 -12.09 -13.22 18.16
CA GLY A 363 -10.69 -12.82 18.10
C GLY A 363 -10.25 -12.11 16.82
N GLN A 364 -11.16 -11.94 15.88
CA GLN A 364 -10.85 -11.27 14.61
C GLN A 364 -11.20 -9.79 14.67
N THR A 365 -10.64 -9.04 13.72
CA THR A 365 -10.85 -7.61 13.64
C THR A 365 -11.76 -7.27 12.46
N LEU A 366 -12.91 -6.66 12.74
CA LEU A 366 -13.82 -6.19 11.70
C LEU A 366 -13.42 -4.79 11.27
N ASN A 367 -13.62 -4.47 9.99
CA ASN A 367 -13.26 -3.17 9.47
C ASN A 367 -14.32 -2.10 9.76
N TRP A 368 -15.54 -2.51 10.07
CA TRP A 368 -16.65 -1.60 10.32
C TRP A 368 -17.15 -1.68 11.76
N SER A 369 -17.55 -0.52 12.29
CA SER A 369 -18.17 -0.43 13.61
C SER A 369 -19.48 0.34 13.49
N VAL A 370 -20.28 0.29 14.54
CA VAL A 370 -21.53 1.05 14.60
C VAL A 370 -21.33 2.22 15.55
N LYS A 371 -21.66 3.43 15.09
CA LYS A 371 -21.48 4.65 15.92
C LYS A 371 -22.49 4.69 17.06
N ARG A 372 -21.99 4.87 18.28
CA ARG A 372 -22.82 5.01 19.47
C ARG A 372 -23.57 6.36 19.50
N PRO B 29 -23.96 14.02 -9.14
CA PRO B 29 -22.57 13.88 -9.60
C PRO B 29 -22.47 13.59 -11.10
N GLN B 30 -21.31 13.89 -11.69
CA GLN B 30 -21.11 13.64 -13.12
C GLN B 30 -21.42 12.17 -13.46
N THR B 31 -22.19 11.96 -14.53
CA THR B 31 -22.50 10.63 -15.02
C THR B 31 -22.08 10.49 -16.48
N LEU B 32 -21.84 9.25 -16.89
CA LEU B 32 -21.39 8.95 -18.23
C LEU B 32 -22.07 7.67 -18.66
N LYS B 33 -22.88 7.74 -19.73
CA LYS B 33 -23.55 6.60 -20.30
C LYS B 33 -22.71 6.13 -21.50
N ILE B 34 -22.34 4.87 -21.52
CA ILE B 34 -21.65 4.26 -22.66
C ILE B 34 -22.25 2.91 -22.98
N ARG B 35 -22.05 2.43 -24.20
CA ARG B 35 -22.40 1.08 -24.57
C ARG B 35 -21.71 0.08 -23.67
N ARG B 36 -22.39 -1.04 -23.41
CA ARG B 36 -21.86 -2.05 -22.51
C ARG B 36 -20.54 -2.58 -23.06
N PRO B 37 -19.49 -2.60 -22.23
CA PRO B 37 -18.17 -2.98 -22.72
C PRO B 37 -17.94 -4.48 -22.78
N ASP B 38 -16.82 -4.86 -23.37
CA ASP B 38 -16.32 -6.24 -23.39
C ASP B 38 -14.89 -6.22 -22.89
N ASP B 39 -14.41 -7.37 -22.41
CA ASP B 39 -13.03 -7.52 -21.94
C ASP B 39 -12.27 -8.46 -22.89
N TRP B 40 -11.43 -7.89 -23.75
CA TRP B 40 -10.79 -8.66 -24.84
C TRP B 40 -9.55 -9.46 -24.43
N HIS B 41 -9.35 -9.63 -23.12
CA HIS B 41 -8.24 -10.43 -22.61
C HIS B 41 -8.42 -10.74 -21.14
N ILE B 42 -8.82 -11.97 -20.80
CA ILE B 42 -8.97 -12.31 -19.39
C ILE B 42 -8.59 -13.74 -19.09
N HIS B 43 -8.14 -13.98 -17.86
CA HIS B 43 -7.96 -15.32 -17.31
C HIS B 43 -9.02 -15.58 -16.26
N LEU B 44 -9.87 -16.57 -16.52
CA LEU B 44 -10.91 -16.97 -15.57
C LEU B 44 -10.50 -18.14 -14.69
N ARG B 45 -9.36 -18.75 -14.98
CA ARG B 45 -8.93 -19.95 -14.27
C ARG B 45 -10.03 -21.02 -14.28
N ASP B 46 -10.15 -21.82 -13.22
CA ASP B 46 -11.05 -22.95 -13.21
C ASP B 46 -11.50 -23.26 -11.78
N ASP B 47 -12.46 -24.18 -11.66
CA ASP B 47 -12.92 -24.71 -10.38
C ASP B 47 -13.37 -23.56 -9.45
N GLU B 48 -12.93 -23.55 -8.19
CA GLU B 48 -13.45 -22.54 -7.24
C GLU B 48 -12.96 -21.13 -7.56
N MET B 49 -11.78 -21.01 -8.15
CA MET B 49 -11.28 -19.70 -8.58
C MET B 49 -12.20 -19.09 -9.63
N LEU B 50 -12.55 -19.89 -10.63
CA LEU B 50 -13.49 -19.48 -11.66
C LEU B 50 -14.80 -18.95 -11.06
N SER B 51 -15.38 -19.70 -10.13
CA SER B 51 -16.64 -19.31 -9.49
C SER B 51 -16.51 -17.97 -8.77
N THR B 52 -15.37 -17.75 -8.13
CA THR B 52 -15.14 -16.56 -7.34
C THR B 52 -14.88 -15.31 -8.20
N VAL B 53 -14.10 -15.46 -9.28
CA VAL B 53 -13.66 -14.27 -10.02
C VAL B 53 -14.57 -13.85 -11.16
N LEU B 54 -15.27 -14.80 -11.77
CA LEU B 54 -16.11 -14.49 -12.92
C LEU B 54 -17.16 -13.40 -12.67
N PRO B 55 -17.87 -13.46 -11.51
CA PRO B 55 -18.92 -12.48 -11.26
C PRO B 55 -18.48 -11.03 -11.38
N TYR B 56 -17.23 -10.73 -11.01
CA TYR B 56 -16.73 -9.37 -11.11
C TYR B 56 -16.67 -8.91 -12.57
N THR B 57 -16.44 -9.84 -13.48
CA THR B 57 -16.42 -9.53 -14.91
C THR B 57 -17.85 -9.55 -15.51
N SER B 58 -18.62 -10.60 -15.23
CA SER B 58 -19.95 -10.78 -15.83
C SER B 58 -20.97 -9.72 -15.43
N GLU B 59 -20.75 -9.09 -14.28
CA GLU B 59 -21.59 -8.00 -13.79
C GLU B 59 -21.55 -6.79 -14.74
N VAL B 60 -20.40 -6.54 -15.37
CA VAL B 60 -20.16 -5.32 -16.16
C VAL B 60 -19.97 -5.59 -17.64
N PHE B 61 -19.20 -6.61 -17.98
CA PHE B 61 -18.83 -6.91 -19.36
C PHE B 61 -19.76 -7.97 -19.96
N ALA B 62 -20.21 -7.72 -21.20
CA ALA B 62 -21.11 -8.65 -21.88
C ALA B 62 -20.38 -9.88 -22.41
N ARG B 63 -19.16 -9.66 -22.88
CA ARG B 63 -18.33 -10.73 -23.43
C ARG B 63 -16.92 -10.58 -22.93
N ALA B 64 -16.16 -11.68 -22.95
CA ALA B 64 -14.73 -11.64 -22.67
C ALA B 64 -13.98 -12.72 -23.44
N ILE B 65 -12.79 -12.37 -23.93
CA ILE B 65 -11.88 -13.32 -24.54
C ILE B 65 -11.23 -14.10 -23.41
N VAL B 66 -11.50 -15.40 -23.37
CA VAL B 66 -11.04 -16.24 -22.27
C VAL B 66 -9.79 -16.99 -22.69
N MET B 67 -8.68 -16.69 -22.02
CA MET B 67 -7.41 -17.26 -22.36
C MET B 67 -7.37 -18.75 -22.01
N PRO B 68 -6.53 -19.51 -22.73
CA PRO B 68 -6.57 -20.95 -22.68
C PRO B 68 -5.49 -21.61 -21.83
N ASN B 69 -4.78 -20.84 -21.01
CA ASN B 69 -3.61 -21.36 -20.28
C ASN B 69 -3.98 -21.96 -18.92
N LEU B 70 -4.82 -22.98 -18.93
CA LEU B 70 -5.10 -23.77 -17.73
C LEU B 70 -3.97 -24.75 -17.51
N ALA B 71 -3.99 -25.43 -16.37
CA ALA B 71 -2.99 -26.47 -16.05
C ALA B 71 -2.83 -27.45 -17.19
N GLN B 72 -3.96 -27.92 -17.75
CA GLN B 72 -4.00 -28.62 -19.03
C GLN B 72 -4.53 -27.63 -20.05
N PRO B 73 -3.65 -27.13 -20.94
CA PRO B 73 -4.07 -26.05 -21.85
C PRO B 73 -5.18 -26.47 -22.83
N ILE B 74 -6.00 -25.49 -23.20
CA ILE B 74 -7.14 -25.72 -24.09
C ILE B 74 -6.64 -25.79 -25.53
N THR B 75 -6.45 -27.01 -26.04
CA THR B 75 -5.90 -27.25 -27.38
C THR B 75 -6.83 -28.01 -28.32
N THR B 76 -8.01 -28.41 -27.83
CA THR B 76 -8.98 -29.14 -28.65
C THR B 76 -10.35 -28.48 -28.55
N VAL B 77 -11.19 -28.73 -29.55
CA VAL B 77 -12.56 -28.23 -29.55
C VAL B 77 -13.30 -28.80 -28.33
N ALA B 78 -13.12 -30.10 -28.09
CA ALA B 78 -13.78 -30.77 -26.98
C ALA B 78 -13.49 -30.13 -25.62
N SER B 79 -12.23 -29.84 -25.37
CA SER B 79 -11.84 -29.24 -24.08
C SER B 79 -12.34 -27.80 -23.97
N ALA B 80 -12.40 -27.10 -25.10
CA ALA B 80 -12.94 -25.74 -25.14
C ALA B 80 -14.44 -25.70 -24.85
N ILE B 81 -15.18 -26.64 -25.44
CA ILE B 81 -16.61 -26.76 -25.17
C ILE B 81 -16.86 -27.03 -23.69
N ALA B 82 -16.10 -27.96 -23.13
CA ALA B 82 -16.23 -28.32 -21.71
C ALA B 82 -15.93 -27.12 -20.80
N TYR B 83 -14.87 -26.38 -21.09
CA TYR B 83 -14.49 -25.21 -20.31
C TYR B 83 -15.55 -24.11 -20.43
N ARG B 84 -16.04 -23.89 -21.63
CA ARG B 84 -17.14 -22.95 -21.85
C ARG B 84 -18.35 -23.29 -20.98
N GLU B 85 -18.72 -24.56 -20.92
CA GLU B 85 -19.83 -25.01 -20.07
C GLU B 85 -19.58 -24.71 -18.59
N ARG B 86 -18.36 -24.93 -18.12
CA ARG B 86 -18.01 -24.66 -16.73
C ARG B 86 -18.12 -23.17 -16.42
N ILE B 87 -17.73 -22.34 -17.38
CA ILE B 87 -17.81 -20.89 -17.24
C ILE B 87 -19.27 -20.45 -17.18
N LEU B 88 -20.07 -20.93 -18.11
CA LEU B 88 -21.50 -20.59 -18.14
C LEU B 88 -22.22 -21.00 -16.86
N ALA B 89 -21.84 -22.14 -16.30
CA ALA B 89 -22.40 -22.61 -15.02
C ALA B 89 -22.05 -21.70 -13.84
N ALA B 90 -20.94 -20.98 -13.95
CA ALA B 90 -20.48 -20.05 -12.91
C ALA B 90 -21.06 -18.65 -13.05
N VAL B 91 -21.73 -18.35 -14.17
CA VAL B 91 -22.36 -17.04 -14.35
C VAL B 91 -23.54 -16.90 -13.38
N PRO B 92 -23.52 -15.87 -12.52
CA PRO B 92 -24.66 -15.68 -11.60
C PRO B 92 -25.96 -15.43 -12.33
N ALA B 93 -27.07 -15.85 -11.74
CA ALA B 93 -28.38 -15.61 -12.34
C ALA B 93 -28.60 -14.10 -12.42
N GLY B 94 -29.11 -13.64 -13.56
CA GLY B 94 -29.34 -12.22 -13.77
C GLY B 94 -28.20 -11.48 -14.44
N HIS B 95 -27.04 -12.12 -14.58
CA HIS B 95 -25.94 -11.59 -15.39
C HIS B 95 -26.09 -12.06 -16.83
N LYS B 96 -25.77 -11.20 -17.79
CA LYS B 96 -25.74 -11.56 -19.20
C LYS B 96 -24.29 -11.59 -19.63
N PHE B 97 -23.75 -12.78 -19.87
CA PHE B 97 -22.34 -12.94 -20.20
C PHE B 97 -22.10 -14.12 -21.12
N THR B 98 -21.25 -13.91 -22.12
CA THR B 98 -20.86 -14.94 -23.06
C THR B 98 -19.33 -15.02 -23.14
N PRO B 99 -18.75 -16.17 -22.80
CA PRO B 99 -17.30 -16.31 -22.98
C PRO B 99 -16.94 -16.59 -24.43
N LEU B 100 -15.92 -15.89 -24.91
CA LEU B 100 -15.37 -16.12 -26.23
C LEU B 100 -14.11 -16.94 -26.05
N MET B 101 -14.12 -18.19 -26.51
CA MET B 101 -13.03 -19.12 -26.21
C MET B 101 -11.85 -18.96 -27.15
N THR B 102 -10.69 -19.40 -26.68
CA THR B 102 -9.48 -19.36 -27.48
C THR B 102 -8.78 -20.71 -27.47
N CYS B 103 -8.04 -20.98 -28.54
CA CYS B 103 -7.21 -22.15 -28.66
C CYS B 103 -5.76 -21.83 -28.33
N TYR B 104 -5.15 -22.66 -27.49
CA TYR B 104 -3.75 -22.53 -27.10
C TYR B 104 -2.91 -23.18 -28.18
N LEU B 105 -2.14 -22.37 -28.90
CA LEU B 105 -1.31 -22.91 -29.98
C LEU B 105 -0.14 -23.70 -29.43
N THR B 106 0.17 -24.81 -30.09
CA THR B 106 1.33 -25.64 -29.74
C THR B 106 2.06 -26.06 -31.02
N ASN B 107 3.24 -26.64 -30.86
CA ASN B 107 4.02 -27.10 -32.00
C ASN B 107 3.39 -28.30 -32.70
N SER B 108 2.60 -29.08 -31.97
CA SER B 108 1.98 -30.30 -32.52
C SER B 108 0.48 -30.13 -32.85
N LEU B 109 -0.06 -28.93 -32.66
CA LEU B 109 -1.49 -28.69 -32.90
C LEU B 109 -1.89 -28.98 -34.35
N ASP B 110 -3.01 -29.69 -34.50
CA ASP B 110 -3.55 -30.01 -35.82
C ASP B 110 -4.37 -28.84 -36.36
N ALA B 111 -4.08 -28.43 -37.58
CA ALA B 111 -4.77 -27.31 -38.22
C ALA B 111 -6.29 -27.51 -38.37
N LYS B 112 -6.72 -28.75 -38.66
CA LYS B 112 -8.14 -29.07 -38.78
C LYS B 112 -8.90 -28.77 -37.49
N GLU B 113 -8.28 -29.06 -36.35
CA GLU B 113 -8.86 -28.77 -35.03
C GLU B 113 -9.14 -27.26 -34.86
N LEU B 114 -8.23 -26.45 -35.35
CA LEU B 114 -8.34 -25.00 -35.29
C LEU B 114 -9.43 -24.51 -36.26
N THR B 115 -9.40 -25.03 -37.48
CA THR B 115 -10.33 -24.64 -38.52
C THR B 115 -11.79 -24.96 -38.16
N THR B 116 -12.06 -26.18 -37.71
CA THR B 116 -13.44 -26.57 -37.44
C THR B 116 -13.93 -25.90 -36.17
N GLY B 117 -13.03 -25.70 -35.21
CA GLY B 117 -13.36 -24.96 -34.00
C GLY B 117 -13.79 -23.54 -34.29
N PHE B 118 -13.15 -22.90 -35.27
CA PHE B 118 -13.49 -21.55 -35.66
C PHE B 118 -14.82 -21.51 -36.39
N GLU B 119 -15.03 -22.45 -37.29
CA GLU B 119 -16.25 -22.52 -38.10
C GLU B 119 -17.49 -22.94 -37.29
N GLN B 120 -17.28 -23.75 -36.26
CA GLN B 120 -18.36 -24.13 -35.32
C GLN B 120 -18.68 -23.03 -34.28
N GLY B 121 -17.90 -21.95 -34.25
CA GLY B 121 -18.12 -20.89 -33.28
C GLY B 121 -17.59 -21.17 -31.89
N VAL B 122 -16.78 -22.22 -31.75
CA VAL B 122 -16.21 -22.59 -30.46
C VAL B 122 -15.02 -21.67 -30.16
N PHE B 123 -14.07 -21.62 -31.08
CA PHE B 123 -12.92 -20.73 -30.97
C PHE B 123 -13.20 -19.40 -31.65
N THR B 124 -13.04 -18.31 -30.90
CA THR B 124 -13.11 -16.97 -31.44
C THR B 124 -11.73 -16.53 -31.95
N ALA B 125 -10.68 -17.07 -31.34
CA ALA B 125 -9.31 -16.75 -31.72
C ALA B 125 -8.33 -17.82 -31.21
N ALA B 126 -7.08 -17.71 -31.62
CA ALA B 126 -6.01 -18.58 -31.14
C ALA B 126 -4.94 -17.75 -30.47
N LEU B 128 -1.03 -17.30 -29.03
CA LEU B 128 0.37 -17.69 -29.09
C LEU B 128 1.13 -17.30 -27.82
N TYR B 129 1.57 -18.31 -27.06
CA TYR B 129 2.52 -18.14 -25.96
C TYR B 129 3.88 -18.66 -26.37
N PRO B 130 4.90 -17.81 -26.38
CA PRO B 130 6.25 -18.35 -26.52
C PRO B 130 6.55 -19.24 -25.33
N ALA B 131 7.18 -20.39 -25.59
CA ALA B 131 7.43 -21.38 -24.54
C ALA B 131 8.18 -20.78 -23.34
N ASN B 132 7.59 -20.97 -22.15
CA ASN B 132 8.14 -20.49 -20.86
C ASN B 132 8.09 -18.97 -20.64
N ALA B 133 7.31 -18.26 -21.45
CA ALA B 133 7.19 -16.80 -21.32
C ALA B 133 6.44 -16.39 -20.06
N THR B 134 5.49 -17.21 -19.64
CA THR B 134 4.58 -16.85 -18.55
C THR B 134 3.95 -18.05 -17.85
N THR B 135 2.88 -17.80 -17.10
CA THR B 135 2.10 -18.81 -16.38
C THR B 135 1.52 -19.89 -17.32
N ASN B 136 1.77 -21.15 -16.97
CA ASN B 136 1.27 -22.33 -17.70
C ASN B 136 1.63 -22.26 -19.20
N SER B 137 2.90 -22.00 -19.47
CA SER B 137 3.41 -21.83 -20.84
C SER B 137 4.50 -22.85 -21.22
N THR B 138 4.70 -23.90 -20.40
CA THR B 138 5.69 -24.93 -20.71
C THR B 138 5.35 -25.70 -21.99
N HIS B 139 4.06 -25.77 -22.33
CA HIS B 139 3.60 -26.40 -23.57
C HIS B 139 3.42 -25.41 -24.72
N GLY B 140 3.89 -24.17 -24.53
CA GLY B 140 3.83 -23.14 -25.57
C GLY B 140 4.73 -23.44 -26.75
N VAL B 141 4.74 -22.53 -27.71
CA VAL B 141 5.45 -22.72 -28.98
C VAL B 141 6.93 -22.38 -28.81
N SER B 142 7.80 -23.34 -29.12
CA SER B 142 9.23 -23.15 -28.93
C SER B 142 9.90 -22.61 -30.22
N ASP B 143 9.50 -23.12 -31.39
CA ASP B 143 10.09 -22.68 -32.65
C ASP B 143 9.01 -22.06 -33.54
N ILE B 144 8.82 -20.76 -33.39
CA ILE B 144 7.61 -20.08 -33.89
C ILE B 144 7.44 -20.19 -35.42
N PRO B 145 8.52 -20.04 -36.20
CA PRO B 145 8.31 -20.18 -37.65
C PRO B 145 7.83 -21.59 -38.10
N ALA B 146 8.00 -22.61 -37.26
CA ALA B 146 7.55 -23.95 -37.59
C ALA B 146 6.03 -24.04 -37.71
N ILE B 147 5.28 -23.16 -37.04
CA ILE B 147 3.83 -23.17 -37.10
C ILE B 147 3.25 -22.14 -38.06
N TYR B 148 4.09 -21.62 -38.96
CA TYR B 148 3.62 -20.76 -40.05
C TYR B 148 2.45 -21.38 -40.82
N PRO B 149 2.45 -22.71 -41.05
CA PRO B 149 1.30 -23.30 -41.73
C PRO B 149 -0.03 -23.09 -41.01
N LEU B 150 -0.02 -23.00 -39.67
CA LEU B 150 -1.23 -22.64 -38.92
C LEU B 150 -1.67 -21.22 -39.20
N PHE B 151 -0.72 -20.29 -39.19
CA PHE B 151 -1.03 -18.89 -39.47
C PHE B 151 -1.63 -18.75 -40.87
N GLU B 152 -1.06 -19.47 -41.83
CA GLU B 152 -1.59 -19.45 -43.19
C GLU B 152 -3.07 -19.84 -43.23
N GLN B 153 -3.40 -20.90 -42.49
CA GLN B 153 -4.78 -21.36 -42.42
C GLN B 153 -5.67 -20.33 -41.71
N MET B 154 -5.16 -19.77 -40.62
CA MET B 154 -5.89 -18.73 -39.89
C MET B 154 -6.15 -17.50 -40.76
N GLN B 155 -5.15 -17.11 -41.55
CA GLN B 155 -5.28 -15.98 -42.45
C GLN B 155 -6.38 -16.25 -43.45
N LYS B 156 -6.36 -17.46 -44.03
CA LYS B 156 -7.33 -17.86 -45.03
C LYS B 156 -8.77 -17.76 -44.51
N ILE B 157 -9.01 -18.24 -43.29
CA ILE B 157 -10.37 -18.32 -42.73
C ILE B 157 -10.81 -17.08 -41.94
N GLY B 158 -9.89 -16.16 -41.67
CA GLY B 158 -10.21 -14.93 -40.95
C GLY B 158 -10.21 -15.08 -39.43
N MET B 159 -9.43 -16.02 -38.91
CA MET B 159 -9.32 -16.24 -37.48
C MET B 159 -8.20 -15.36 -36.91
N PRO B 160 -8.51 -14.56 -35.88
CA PRO B 160 -7.46 -13.70 -35.31
C PRO B 160 -6.42 -14.45 -34.48
N LEU B 161 -5.18 -13.96 -34.54
CA LEU B 161 -4.07 -14.49 -33.77
C LEU B 161 -3.77 -13.50 -32.63
N LEU B 162 -3.86 -13.98 -31.39
CA LEU B 162 -3.55 -13.17 -30.23
C LEU B 162 -2.14 -13.56 -29.77
N ILE B 163 -1.31 -12.57 -29.45
CA ILE B 163 0.10 -12.84 -29.17
C ILE B 163 0.57 -12.25 -27.85
N HIS B 164 1.16 -13.10 -27.01
CA HIS B 164 1.92 -12.64 -25.87
C HIS B 164 3.30 -12.36 -26.42
N GLY B 165 3.60 -11.09 -26.66
CA GLY B 165 4.80 -10.72 -27.39
C GLY B 165 6.04 -10.45 -26.57
N GLU B 166 6.70 -11.51 -26.14
CA GLU B 166 7.97 -11.42 -25.42
C GLU B 166 8.89 -12.54 -25.85
N VAL B 167 10.14 -12.21 -26.14
CA VAL B 167 11.14 -13.25 -26.33
C VAL B 167 11.48 -13.81 -24.95
N THR B 168 12.10 -14.98 -24.92
CA THR B 168 12.41 -15.69 -23.67
C THR B 168 13.91 -15.98 -23.48
N ASP B 169 14.72 -15.58 -24.46
CA ASP B 169 16.16 -15.76 -24.41
C ASP B 169 16.72 -15.23 -23.11
N ALA B 170 17.50 -16.06 -22.41
CA ALA B 170 18.04 -15.73 -21.10
C ALA B 170 18.97 -14.52 -21.10
N ALA B 171 19.63 -14.27 -22.24
CA ALA B 171 20.54 -13.14 -22.37
C ALA B 171 19.81 -11.81 -22.53
N VAL B 172 18.50 -11.84 -22.76
CA VAL B 172 17.73 -10.61 -22.95
C VAL B 172 17.14 -10.16 -21.62
N ASP B 173 17.43 -8.92 -21.24
CA ASP B 173 16.92 -8.35 -20.01
C ASP B 173 15.39 -8.29 -20.06
N ILE B 174 14.76 -8.57 -18.93
CA ILE B 174 13.31 -8.72 -18.88
C ILE B 174 12.57 -7.49 -19.41
N PHE B 175 13.12 -6.30 -19.15
CA PHE B 175 12.48 -5.06 -19.58
C PHE B 175 12.62 -4.81 -21.09
N ASP B 176 13.50 -5.55 -21.76
CA ASP B 176 13.73 -5.44 -23.21
C ASP B 176 12.97 -6.48 -24.04
N ARG B 177 12.29 -7.42 -23.38
CA ARG B 177 11.79 -8.59 -24.10
C ARG B 177 10.66 -8.29 -25.08
N GLU B 178 9.82 -7.31 -24.75
CA GLU B 178 8.74 -6.92 -25.64
C GLU B 178 9.27 -6.30 -26.92
N ALA B 179 10.19 -5.35 -26.77
CA ALA B 179 10.77 -4.66 -27.94
C ALA B 179 11.50 -5.61 -28.88
N ARG B 180 12.23 -6.57 -28.33
CA ARG B 180 12.92 -7.56 -29.16
C ARG B 180 11.93 -8.41 -29.95
N PHE B 181 10.80 -8.74 -29.30
CA PHE B 181 9.77 -9.54 -29.95
C PHE B 181 9.27 -8.89 -31.24
N ILE B 182 9.07 -7.58 -31.18
CA ILE B 182 8.53 -6.83 -32.30
C ILE B 182 9.35 -7.05 -33.57
N ASP B 183 10.66 -6.84 -33.46
CA ASP B 183 11.56 -6.93 -34.62
C ASP B 183 11.84 -8.36 -35.03
N GLN B 184 12.01 -9.24 -34.04
CA GLN B 184 12.51 -10.58 -34.30
C GLN B 184 11.40 -11.58 -34.70
N ILE B 185 10.21 -11.42 -34.13
CA ILE B 185 9.13 -12.37 -34.34
C ILE B 185 7.88 -11.80 -35.03
N LEU B 186 7.39 -10.66 -34.52
CA LEU B 186 6.13 -10.10 -34.99
C LEU B 186 6.22 -9.55 -36.40
N GLU B 187 7.25 -8.74 -36.68
CA GLU B 187 7.39 -8.14 -37.99
C GLU B 187 7.50 -9.19 -39.10
N PRO B 188 8.32 -10.25 -38.90
CA PRO B 188 8.33 -11.30 -39.94
C PRO B 188 6.98 -11.99 -40.16
N ILE B 189 6.22 -12.23 -39.10
CA ILE B 189 4.86 -12.77 -39.24
C ILE B 189 3.99 -11.84 -40.08
N ARG B 190 4.06 -10.54 -39.80
CA ARG B 190 3.24 -9.57 -40.52
C ARG B 190 3.66 -9.40 -41.97
N GLN B 191 4.95 -9.52 -42.25
CA GLN B 191 5.44 -9.49 -43.63
C GLN B 191 4.93 -10.69 -44.43
N LYS B 192 4.94 -11.88 -43.82
CA LYS B 192 4.55 -13.09 -44.54
C LYS B 192 3.02 -13.26 -44.63
N PHE B 193 2.30 -12.83 -43.59
CA PHE B 193 0.85 -12.97 -43.56
C PHE B 193 0.18 -11.61 -43.38
N PRO B 194 0.17 -10.80 -44.45
CA PRO B 194 -0.27 -9.40 -44.35
C PRO B 194 -1.76 -9.20 -44.08
N GLU B 195 -2.57 -10.24 -44.29
CA GLU B 195 -4.01 -10.16 -44.03
C GLU B 195 -4.46 -10.99 -42.83
N LEU B 196 -3.50 -11.43 -42.01
CA LEU B 196 -3.81 -12.11 -40.76
C LEU B 196 -4.12 -11.06 -39.70
N LYS B 197 -5.26 -11.20 -39.04
CA LYS B 197 -5.62 -10.33 -37.94
C LYS B 197 -4.82 -10.72 -36.72
N ILE B 198 -4.11 -9.75 -36.16
CA ILE B 198 -3.24 -9.98 -35.01
C ILE B 198 -3.54 -8.97 -33.91
N VAL B 199 -3.74 -9.47 -32.70
CA VAL B 199 -3.82 -8.60 -31.54
C VAL B 199 -2.51 -8.74 -30.77
N PHE B 200 -1.83 -7.61 -30.63
CA PHE B 200 -0.65 -7.52 -29.82
C PHE B 200 -1.19 -7.31 -28.41
N GLU B 201 -1.27 -8.40 -27.64
CA GLU B 201 -1.89 -8.35 -26.33
C GLU B 201 -1.09 -7.56 -25.30
N HIS B 202 -1.81 -6.95 -24.36
CA HIS B 202 -1.24 -6.19 -23.25
C HIS B 202 0.09 -5.51 -23.53
N ILE B 203 0.04 -4.50 -24.40
CA ILE B 203 1.25 -3.77 -24.71
C ILE B 203 1.69 -2.93 -23.53
N THR B 204 2.99 -2.78 -23.40
CA THR B 204 3.60 -2.11 -22.27
C THR B 204 4.66 -1.08 -22.65
N THR B 205 4.98 -0.95 -23.94
CA THR B 205 6.08 -0.10 -24.36
C THR B 205 5.67 0.90 -25.42
N LYS B 206 6.38 2.03 -25.42
CA LYS B 206 6.37 2.97 -26.52
C LYS B 206 6.71 2.30 -27.85
N ASP B 207 7.63 1.33 -27.82
CA ASP B 207 7.98 0.57 -29.03
C ASP B 207 6.72 -0.08 -29.61
N ALA B 208 5.95 -0.73 -28.75
CA ALA B 208 4.73 -1.42 -29.19
C ALA B 208 3.65 -0.43 -29.63
N ALA B 209 3.46 0.63 -28.84
CA ALA B 209 2.49 1.66 -29.16
C ALA B 209 2.76 2.26 -30.54
N ASP B 210 4.00 2.67 -30.78
CA ASP B 210 4.40 3.25 -32.07
C ASP B 210 4.23 2.27 -33.21
N TYR B 211 4.56 1.00 -32.96
CA TYR B 211 4.47 -0.03 -33.99
C TYR B 211 3.02 -0.25 -34.40
N VAL B 212 2.13 -0.31 -33.41
CA VAL B 212 0.70 -0.49 -33.68
C VAL B 212 0.12 0.73 -34.39
N LEU B 213 0.49 1.93 -33.93
CA LEU B 213 0.03 3.18 -34.55
C LEU B 213 0.45 3.28 -36.01
N ALA B 214 1.62 2.74 -36.33
CA ALA B 214 2.16 2.77 -37.70
C ALA B 214 1.72 1.57 -38.56
N GLY B 215 0.86 0.71 -38.03
CA GLY B 215 0.40 -0.48 -38.73
C GLY B 215 -0.77 -0.22 -39.66
N ASN B 216 -1.67 -1.20 -39.71
CA ASN B 216 -2.87 -1.12 -40.56
C ASN B 216 -4.04 -1.78 -39.82
N ARG B 217 -5.16 -1.99 -40.51
CA ARG B 217 -6.35 -2.51 -39.84
C ARG B 217 -6.23 -3.96 -39.36
N PHE B 218 -5.19 -4.66 -39.81
CA PHE B 218 -4.96 -6.05 -39.39
C PHE B 218 -4.13 -6.19 -38.10
N LEU B 219 -3.70 -5.07 -37.52
CA LEU B 219 -2.97 -5.09 -36.26
C LEU B 219 -3.64 -4.23 -35.20
N GLY B 220 -4.00 -4.87 -34.09
CA GLY B 220 -4.61 -4.18 -32.97
C GLY B 220 -3.86 -4.49 -31.69
N ALA B 221 -4.30 -3.89 -30.58
CA ALA B 221 -3.66 -4.13 -29.29
C ALA B 221 -4.60 -3.90 -28.12
N THR B 222 -4.41 -4.67 -27.06
CA THR B 222 -5.11 -4.45 -25.80
C THR B 222 -4.19 -3.78 -24.80
N VAL B 223 -4.78 -3.01 -23.90
CA VAL B 223 -4.04 -2.29 -22.88
C VAL B 223 -4.75 -2.47 -21.54
N THR B 224 -3.97 -2.85 -20.53
CA THR B 224 -4.51 -3.11 -19.20
C THR B 224 -4.61 -1.84 -18.40
N PRO B 225 -5.38 -1.86 -17.30
CA PRO B 225 -5.43 -0.68 -16.46
C PRO B 225 -4.12 -0.44 -15.73
N GLN B 226 -3.44 -1.49 -15.29
CA GLN B 226 -2.20 -1.32 -14.52
C GLN B 226 -1.08 -0.68 -15.35
N HIS B 227 -0.99 -1.01 -16.64
CA HIS B 227 0.06 -0.43 -17.48
C HIS B 227 -0.25 1.02 -17.86
N LEU B 228 -1.52 1.42 -17.75
CA LEU B 228 -1.88 2.81 -17.89
C LEU B 228 -1.68 3.61 -16.61
N MET B 229 -2.00 3.00 -15.48
CA MET B 229 -1.99 3.70 -14.19
C MET B 229 -0.62 3.78 -13.53
N PHE B 230 0.24 2.80 -13.81
CA PHE B 230 1.49 2.65 -13.08
C PHE B 230 2.68 2.39 -13.99
N ASN B 231 3.86 2.57 -13.41
CA ASN B 231 5.12 2.17 -14.01
C ASN B 231 5.93 1.39 -12.98
N ARG B 232 7.11 0.92 -13.36
CA ARG B 232 7.90 0.05 -12.50
C ARG B 232 8.28 0.66 -11.16
N ASN B 233 8.38 1.98 -11.07
CA ASN B 233 8.63 2.63 -9.77
C ASN B 233 7.57 2.28 -8.73
N HIS B 234 6.31 2.13 -9.15
CA HIS B 234 5.23 1.83 -8.22
C HIS B 234 5.36 0.43 -7.64
N MET B 235 6.02 -0.47 -8.37
CA MET B 235 6.26 -1.83 -7.91
C MET B 235 7.48 -1.95 -6.96
N LEU B 236 8.39 -0.99 -7.05
CA LEU B 236 9.72 -1.16 -6.42
C LEU B 236 10.20 -0.06 -5.47
N VAL B 237 9.70 1.17 -5.61
CA VAL B 237 10.16 2.27 -4.77
C VAL B 237 9.48 2.18 -3.40
N GLY B 238 10.30 2.22 -2.35
CA GLY B 238 9.80 2.16 -0.98
C GLY B 238 9.32 0.78 -0.52
N GLY B 239 9.56 -0.24 -1.33
CA GLY B 239 9.08 -1.58 -1.02
C GLY B 239 8.78 -2.33 -2.29
N ILE B 240 8.76 -3.65 -2.21
CA ILE B 240 8.52 -4.49 -3.38
C ILE B 240 7.10 -5.02 -3.28
N ARG B 241 6.32 -4.81 -4.36
CA ARG B 241 4.87 -4.99 -4.33
C ARG B 241 4.43 -6.04 -5.32
N PRO B 242 4.34 -7.31 -4.88
CA PRO B 242 4.06 -8.38 -5.83
C PRO B 242 2.69 -8.32 -6.47
N HIS B 243 1.75 -7.59 -5.88
CA HIS B 243 0.43 -7.46 -6.48
C HIS B 243 0.41 -6.51 -7.67
N LEU B 244 1.53 -5.85 -7.96
CA LEU B 244 1.72 -5.12 -9.22
C LEU B 244 2.62 -5.88 -10.19
N PHE B 245 3.09 -7.06 -9.79
CA PHE B 245 3.96 -7.87 -10.64
C PHE B 245 3.10 -8.66 -11.61
N CYS B 246 3.31 -8.43 -12.91
CA CYS B 246 2.60 -9.14 -13.96
C CYS B 246 3.51 -9.29 -15.16
N LEU B 247 3.09 -10.07 -16.14
CA LEU B 247 3.84 -10.22 -17.38
C LEU B 247 2.96 -9.70 -18.50
N PRO B 248 3.49 -8.86 -19.39
CA PRO B 248 4.83 -8.30 -19.39
C PRO B 248 4.97 -7.31 -18.25
N ILE B 249 6.17 -7.18 -17.74
CA ILE B 249 6.44 -6.39 -16.56
C ILE B 249 6.19 -4.90 -16.79
N LEU B 250 5.79 -4.21 -15.73
CA LEU B 250 5.66 -2.75 -15.76
C LEU B 250 6.96 -2.13 -16.20
N LYS B 251 6.88 -1.16 -17.09
CA LYS B 251 8.07 -0.55 -17.68
C LYS B 251 8.32 0.82 -17.06
N ARG B 252 9.36 1.51 -17.54
CA ARG B 252 9.64 2.84 -17.01
C ARG B 252 8.57 3.85 -17.44
N SER B 253 8.54 4.98 -16.74
CA SER B 253 7.51 6.01 -16.90
C SER B 253 7.36 6.49 -18.34
N THR B 254 8.46 6.59 -19.07
CA THR B 254 8.44 6.96 -20.49
C THR B 254 7.46 6.10 -21.28
N HIS B 255 7.50 4.80 -21.05
CA HIS B 255 6.65 3.86 -21.76
C HIS B 255 5.19 4.01 -21.32
N GLN B 256 4.98 4.15 -20.01
CA GLN B 256 3.65 4.39 -19.47
C GLN B 256 3.00 5.59 -20.15
N GLN B 257 3.76 6.69 -20.28
CA GLN B 257 3.24 7.90 -20.92
C GLN B 257 2.87 7.70 -22.39
N ALA B 258 3.65 6.88 -23.09
CA ALA B 258 3.34 6.57 -24.49
C ALA B 258 2.04 5.79 -24.63
N LEU B 259 1.79 4.86 -23.72
CA LEU B 259 0.55 4.08 -23.74
C LEU B 259 -0.64 4.99 -23.49
N ARG B 260 -0.50 5.86 -22.49
CA ARG B 260 -1.54 6.81 -22.16
C ARG B 260 -1.87 7.71 -23.34
N ALA B 261 -0.85 8.21 -24.02
CA ALA B 261 -1.06 9.08 -25.19
C ALA B 261 -1.70 8.32 -26.34
N ALA B 262 -1.33 7.06 -26.51
CA ALA B 262 -1.91 6.21 -27.55
C ALA B 262 -3.42 6.06 -27.40
N VAL B 263 -3.89 5.69 -26.20
CA VAL B 263 -5.34 5.49 -25.98
C VAL B 263 -6.09 6.81 -25.96
N ALA B 264 -5.45 7.86 -25.46
CA ALA B 264 -6.04 9.22 -25.42
C ALA B 264 -6.19 9.84 -26.79
N SER B 265 -5.39 9.38 -27.76
CA SER B 265 -5.50 9.87 -29.14
C SER B 265 -6.83 9.48 -29.79
N GLY B 266 -7.46 8.44 -29.26
CA GLY B 266 -8.72 7.94 -29.81
C GLY B 266 -8.51 6.99 -30.98
N SER B 267 -7.26 6.58 -31.23
CA SER B 267 -6.98 5.60 -32.26
C SER B 267 -7.82 4.34 -32.00
N ASP B 268 -8.40 3.81 -33.07
CA ASP B 268 -9.25 2.63 -32.98
C ASP B 268 -8.49 1.30 -33.00
N ARG B 269 -7.17 1.37 -32.91
CA ARG B 269 -6.32 0.18 -32.92
C ARG B 269 -6.16 -0.39 -31.51
N PHE B 270 -6.57 0.38 -30.51
CA PHE B 270 -6.43 -0.04 -29.10
C PHE B 270 -7.80 -0.29 -28.49
N PHE B 271 -7.90 -1.35 -27.71
CA PHE B 271 -9.14 -1.66 -27.00
C PHE B 271 -8.88 -2.30 -25.65
N LEU B 272 -9.94 -2.35 -24.84
CA LEU B 272 -9.88 -2.82 -23.47
C LEU B 272 -9.59 -4.32 -23.38
N GLY B 273 -8.51 -4.65 -22.67
CA GLY B 273 -8.18 -6.02 -22.28
C GLY B 273 -7.48 -5.95 -20.94
N THR B 274 -8.12 -6.46 -19.90
CA THR B 274 -7.61 -6.30 -18.55
C THR B 274 -6.39 -7.17 -18.25
N ASP B 275 -6.34 -8.33 -18.88
CA ASP B 275 -5.42 -9.39 -18.50
C ASP B 275 -5.54 -9.67 -17.00
N SER B 276 -6.77 -9.66 -16.49
CA SER B 276 -7.03 -10.07 -15.12
C SER B 276 -6.48 -11.48 -14.99
N ALA B 277 -5.57 -11.67 -14.04
CA ALA B 277 -4.82 -12.92 -13.88
C ALA B 277 -4.68 -13.24 -12.40
N PRO B 278 -5.76 -13.74 -11.77
CA PRO B 278 -5.79 -13.92 -10.33
C PRO B 278 -4.97 -15.11 -9.83
N HIS B 279 -4.29 -14.89 -8.71
CA HIS B 279 -3.65 -15.96 -7.94
C HIS B 279 -3.98 -15.78 -6.48
N ALA B 280 -4.02 -16.88 -5.75
CA ALA B 280 -4.22 -16.83 -4.31
C ALA B 280 -3.14 -15.97 -3.66
N LYS B 281 -3.52 -15.27 -2.60
CA LYS B 281 -2.62 -14.39 -1.88
C LYS B 281 -1.28 -15.05 -1.56
N HIS B 282 -1.31 -16.28 -1.09
CA HIS B 282 -0.08 -16.93 -0.60
C HIS B 282 0.87 -17.26 -1.77
N ARG B 283 0.33 -17.37 -2.98
CA ARG B 283 1.13 -17.60 -4.19
C ARG B 283 1.74 -16.29 -4.72
N LYS B 284 1.19 -15.15 -4.29
CA LYS B 284 1.72 -13.85 -4.67
C LYS B 284 2.75 -13.35 -3.66
N GLU B 285 2.46 -13.52 -2.38
CA GLU B 285 3.29 -13.01 -1.31
C GLU B 285 4.22 -14.11 -0.78
N SER B 286 5.08 -14.62 -1.66
CA SER B 286 5.95 -15.72 -1.30
C SER B 286 7.37 -15.42 -1.71
N SER B 287 8.27 -16.39 -1.48
CA SER B 287 9.65 -16.25 -1.91
C SER B 287 9.80 -16.17 -3.43
N GLY B 289 7.00 -15.03 -6.20
CA GLY B 289 5.62 -14.63 -6.47
C GLY B 289 5.19 -14.82 -7.92
N ALA B 291 3.26 -14.16 -11.39
CA ALA B 291 2.89 -12.98 -12.15
C ALA B 291 1.38 -12.94 -12.42
N GLY B 292 0.78 -11.78 -12.22
CA GLY B 292 -0.58 -11.53 -12.61
C GLY B 292 -1.31 -10.64 -11.63
N VAL B 293 -2.06 -9.68 -12.15
CA VAL B 293 -2.85 -8.76 -11.35
C VAL B 293 -4.32 -9.12 -11.45
N PHE B 294 -5.02 -9.19 -10.32
CA PHE B 294 -6.46 -9.42 -10.32
C PHE B 294 -7.20 -8.09 -10.35
N ASN B 295 -7.46 -7.59 -11.57
CA ASN B 295 -8.00 -6.24 -11.76
C ASN B 295 -9.45 -6.22 -12.23
N ALA B 296 -10.09 -7.39 -12.30
CA ALA B 296 -11.49 -7.42 -12.73
C ALA B 296 -12.42 -6.56 -11.84
N PRO B 297 -12.27 -6.64 -10.50
CA PRO B 297 -13.20 -5.91 -9.63
C PRO B 297 -13.37 -4.41 -9.91
N ALA B 298 -12.29 -3.70 -10.22
CA ALA B 298 -12.41 -2.26 -10.47
C ALA B 298 -12.09 -1.86 -11.92
N ALA B 299 -12.21 -2.80 -12.85
CA ALA B 299 -11.66 -2.62 -14.19
C ALA B 299 -12.23 -1.37 -14.89
N LEU B 300 -13.55 -1.30 -15.06
CA LEU B 300 -14.12 -0.18 -15.81
C LEU B 300 -13.92 1.19 -15.11
N PRO B 301 -14.20 1.26 -13.81
CA PRO B 301 -13.90 2.51 -13.09
C PRO B 301 -12.43 2.96 -13.19
N ALA B 302 -11.49 2.02 -13.16
CA ALA B 302 -10.08 2.33 -13.28
C ALA B 302 -9.75 2.99 -14.63
N TYR B 303 -10.29 2.41 -15.70
CA TYR B 303 -10.12 2.95 -17.03
C TYR B 303 -10.75 4.34 -17.14
N ALA B 304 -11.95 4.51 -16.58
CA ALA B 304 -12.60 5.81 -16.55
C ALA B 304 -11.71 6.87 -15.91
N SER B 305 -11.09 6.52 -14.77
CA SER B 305 -10.17 7.44 -14.10
C SER B 305 -9.02 7.86 -15.00
N VAL B 306 -8.47 6.91 -15.75
CA VAL B 306 -7.35 7.20 -16.64
C VAL B 306 -7.77 8.15 -17.75
N PHE B 307 -8.88 7.82 -18.43
CA PHE B 307 -9.35 8.65 -19.53
C PHE B 307 -9.74 10.05 -19.06
N GLU B 308 -10.24 10.15 -17.83
CA GLU B 308 -10.52 11.44 -17.23
C GLU B 308 -9.24 12.26 -17.06
N GLU B 309 -8.22 11.68 -16.42
CA GLU B 309 -6.93 12.36 -16.22
C GLU B 309 -6.33 12.84 -17.54
N LEU B 310 -6.59 12.10 -18.62
CA LEU B 310 -6.06 12.43 -19.94
C LEU B 310 -6.94 13.38 -20.75
N ASN B 311 -8.00 13.89 -20.14
CA ASN B 311 -8.99 14.76 -20.80
C ASN B 311 -9.53 14.10 -22.06
N ALA B 312 -9.84 12.81 -21.95
CA ALA B 312 -10.16 11.97 -23.10
C ALA B 312 -11.38 11.07 -22.86
N LEU B 313 -12.30 11.50 -22.00
CA LEU B 313 -13.51 10.72 -21.73
C LEU B 313 -14.37 10.48 -22.97
N GLN B 314 -14.27 11.38 -23.95
CA GLN B 314 -14.97 11.19 -25.24
C GLN B 314 -14.52 9.92 -25.99
N HIS B 315 -13.31 9.43 -25.70
CA HIS B 315 -12.79 8.24 -26.37
C HIS B 315 -12.97 6.95 -25.57
N LEU B 316 -13.55 7.04 -24.38
CA LEU B 316 -13.68 5.88 -23.49
C LEU B 316 -14.58 4.81 -24.10
N GLU B 317 -15.74 5.23 -24.61
CA GLU B 317 -16.70 4.31 -25.19
C GLU B 317 -16.09 3.48 -26.31
N ALA B 318 -15.37 4.14 -27.21
CA ALA B 318 -14.76 3.44 -28.34
C ALA B 318 -13.79 2.36 -27.85
N PHE B 319 -12.89 2.76 -26.95
CA PHE B 319 -11.93 1.84 -26.33
C PHE B 319 -12.59 0.65 -25.63
N CYS B 320 -13.67 0.91 -24.89
CA CYS B 320 -14.32 -0.12 -24.08
C CYS B 320 -15.31 -0.99 -24.86
N ALA B 321 -15.96 -0.42 -25.87
CA ALA B 321 -17.17 -1.02 -26.46
C ALA B 321 -17.23 -1.10 -27.98
N LEU B 322 -16.37 -0.37 -28.69
CA LEU B 322 -16.44 -0.30 -30.15
C LEU B 322 -15.19 -0.84 -30.87
N ASN B 323 -14.01 -0.43 -30.42
CA ASN B 323 -12.76 -0.75 -31.13
C ASN B 323 -12.52 -2.27 -31.23
N GLY B 324 -12.72 -2.96 -30.12
CA GLY B 324 -12.56 -4.42 -30.07
C GLY B 324 -13.48 -5.16 -31.03
N PRO B 325 -14.80 -4.98 -30.87
CA PRO B 325 -15.75 -5.62 -31.78
C PRO B 325 -15.45 -5.35 -33.25
N ARG B 326 -15.09 -4.11 -33.58
CA ARG B 326 -14.81 -3.75 -34.97
C ARG B 326 -13.54 -4.43 -35.48
N PHE B 327 -12.55 -4.61 -34.62
CA PHE B 327 -11.34 -5.30 -35.03
C PHE B 327 -11.60 -6.78 -35.29
N TYR B 328 -12.31 -7.43 -34.38
CA TYR B 328 -12.65 -8.86 -34.51
C TYR B 328 -13.71 -9.13 -35.57
N GLY B 329 -14.52 -8.13 -35.90
CA GLY B 329 -15.64 -8.32 -36.81
C GLY B 329 -16.85 -8.92 -36.10
N LEU B 330 -17.04 -8.54 -34.84
CA LEU B 330 -18.17 -8.99 -34.05
C LEU B 330 -19.10 -7.82 -33.78
N PRO B 331 -20.37 -8.11 -33.48
CA PRO B 331 -21.31 -7.02 -33.25
C PRO B 331 -21.03 -6.24 -31.97
N VAL B 332 -21.43 -4.97 -31.99
CA VAL B 332 -21.34 -4.10 -30.83
C VAL B 332 -22.57 -4.34 -29.93
N ASN B 333 -22.38 -4.24 -28.62
CA ASN B 333 -23.46 -4.51 -27.66
C ASN B 333 -24.60 -3.48 -27.74
N ASP B 334 -25.84 -3.94 -27.57
CA ASP B 334 -27.00 -3.05 -27.57
C ASP B 334 -27.17 -2.33 -26.23
N ASP B 335 -26.86 -3.02 -25.13
CA ASP B 335 -27.03 -2.45 -23.78
C ASP B 335 -26.17 -1.22 -23.54
N VAL B 336 -26.50 -0.51 -22.46
CA VAL B 336 -25.66 0.58 -21.95
C VAL B 336 -25.31 0.34 -20.48
N VAL B 337 -24.21 0.93 -20.03
CA VAL B 337 -23.90 1.03 -18.61
C VAL B 337 -23.68 2.49 -18.26
N GLU B 338 -23.92 2.82 -16.99
CA GLU B 338 -23.76 4.18 -16.51
C GLU B 338 -22.63 4.22 -15.51
N LEU B 339 -21.66 5.09 -15.78
CA LEU B 339 -20.59 5.38 -14.85
C LEU B 339 -20.99 6.64 -14.09
N VAL B 340 -20.88 6.59 -12.77
CA VAL B 340 -21.20 7.74 -11.91
C VAL B 340 -19.98 8.12 -11.11
N ARG B 341 -19.69 9.41 -11.02
CA ARG B 341 -18.50 9.89 -10.35
C ARG B 341 -18.74 10.05 -8.85
N THR B 342 -18.90 8.92 -8.17
CA THR B 342 -19.01 8.88 -6.71
C THR B 342 -17.97 7.90 -6.17
N PRO B 343 -17.42 8.16 -4.98
CA PRO B 343 -16.35 7.32 -4.47
C PRO B 343 -16.74 5.86 -4.31
N PHE B 344 -15.73 5.00 -4.34
CA PHE B 344 -15.91 3.57 -4.46
C PHE B 344 -14.69 2.89 -3.86
N LEU B 345 -14.87 2.30 -2.69
CA LEU B 345 -13.77 1.67 -1.98
C LEU B 345 -13.56 0.23 -2.45
N GLN B 346 -12.34 -0.08 -2.90
CA GLN B 346 -11.97 -1.45 -3.20
C GLN B 346 -11.78 -2.26 -1.93
N PRO B 347 -12.31 -3.48 -1.89
CA PRO B 347 -12.06 -4.32 -0.72
C PRO B 347 -10.59 -4.70 -0.61
N GLU B 348 -10.15 -4.98 0.61
CA GLU B 348 -8.78 -5.39 0.86
C GLU B 348 -8.52 -6.82 0.35
N GLU B 349 -9.49 -7.70 0.51
CA GLU B 349 -9.34 -9.13 0.18
C GLU B 349 -10.65 -9.70 -0.34
N ILE B 350 -10.56 -10.71 -1.20
CA ILE B 350 -11.73 -11.38 -1.73
C ILE B 350 -11.59 -12.87 -1.42
N PRO B 351 -12.59 -13.46 -0.72
CA PRO B 351 -12.49 -14.85 -0.31
C PRO B 351 -12.41 -15.86 -1.46
N LEU B 352 -11.64 -16.93 -1.21
CA LEU B 352 -11.41 -17.99 -2.17
C LEU B 352 -11.21 -19.29 -1.40
N GLY B 353 -12.27 -20.09 -1.28
CA GLY B 353 -12.18 -21.29 -0.45
C GLY B 353 -11.80 -20.83 0.95
N ASN B 354 -10.84 -21.53 1.57
CA ASN B 354 -10.36 -21.09 2.89
C ASN B 354 -9.26 -20.02 2.79
N GLU B 355 -8.87 -19.68 1.55
CA GLU B 355 -7.83 -18.68 1.29
C GLU B 355 -8.42 -17.39 0.71
N SER B 356 -7.61 -16.53 0.10
CA SER B 356 -8.13 -15.28 -0.48
C SER B 356 -7.32 -14.82 -1.70
N VAL B 357 -7.88 -13.83 -2.39
CA VAL B 357 -7.23 -13.17 -3.53
C VAL B 357 -7.22 -11.67 -3.25
N ILE B 358 -6.07 -11.04 -3.46
CA ILE B 358 -5.94 -9.60 -3.26
C ILE B 358 -6.22 -8.89 -4.56
N PRO B 359 -7.24 -8.02 -4.60
CA PRO B 359 -7.52 -7.29 -5.81
C PRO B 359 -6.61 -6.12 -6.09
N PHE B 360 -6.57 -5.72 -7.35
CA PHE B 360 -5.93 -4.50 -7.82
C PHE B 360 -6.48 -3.31 -7.05
N LEU B 361 -5.58 -2.44 -6.60
CA LEU B 361 -5.96 -1.25 -5.82
C LEU B 361 -6.67 -1.58 -4.51
N ALA B 362 -6.33 -2.71 -3.91
CA ALA B 362 -6.94 -3.13 -2.65
C ALA B 362 -6.93 -2.02 -1.61
N GLY B 363 -8.09 -1.76 -1.01
CA GLY B 363 -8.22 -0.75 0.04
C GLY B 363 -8.19 0.70 -0.43
N GLN B 364 -8.06 0.94 -1.72
CA GLN B 364 -8.03 2.30 -2.26
C GLN B 364 -9.41 2.73 -2.74
N THR B 365 -9.56 4.05 -2.93
CA THR B 365 -10.82 4.64 -3.30
C THR B 365 -10.76 5.14 -4.74
N LEU B 366 -11.62 4.59 -5.60
CA LEU B 366 -11.75 5.06 -6.98
C LEU B 366 -12.77 6.21 -7.02
N ASN B 367 -12.59 7.12 -7.96
CA ASN B 367 -13.52 8.26 -8.13
C ASN B 367 -14.78 7.90 -8.88
N TRP B 368 -14.75 6.80 -9.62
CA TRP B 368 -15.89 6.38 -10.44
C TRP B 368 -16.49 5.05 -9.95
N SER B 369 -17.80 4.93 -10.08
CA SER B 369 -18.53 3.71 -9.78
C SER B 369 -19.39 3.34 -10.98
N VAL B 370 -19.88 2.11 -10.98
CA VAL B 370 -20.82 1.64 -11.99
C VAL B 370 -22.21 1.58 -11.36
N LYS B 371 -23.19 2.22 -11.99
CA LYS B 371 -24.57 2.24 -11.48
C LYS B 371 -25.25 0.90 -11.70
N TYR C 19 -23.94 -6.32 25.17
CA TYR C 19 -24.44 -5.94 26.53
C TYR C 19 -24.84 -4.44 26.57
N PHE C 20 -24.80 -3.81 27.75
CA PHE C 20 -24.81 -2.33 27.96
C PHE C 20 -24.18 -1.61 26.75
N GLN C 21 -22.95 -2.00 26.42
CA GLN C 21 -22.29 -1.50 25.23
C GLN C 21 -21.25 -2.53 24.78
N SER C 22 -21.43 -3.10 23.59
CA SER C 22 -20.51 -4.12 23.04
C SER C 22 -19.33 -3.46 22.31
N ASN C 23 -18.32 -4.27 21.94
CA ASN C 23 -17.14 -3.78 21.22
C ASN C 23 -17.41 -3.22 19.82
N ALA C 24 -18.56 -3.60 19.23
CA ALA C 24 -18.96 -3.13 17.90
C ALA C 24 -19.37 -1.65 17.85
N MET C 25 -19.62 -1.06 19.02
CA MET C 25 -19.86 0.38 19.10
C MET C 25 -18.53 1.10 18.94
N THR C 26 -18.52 2.20 18.20
CA THR C 26 -17.33 3.04 18.12
C THR C 26 -16.98 3.51 19.52
N ALA C 27 -15.69 3.56 19.80
CA ALA C 27 -15.22 4.15 21.05
C ALA C 27 -15.62 5.62 21.06
N GLN C 28 -16.00 6.15 22.23
CA GLN C 28 -15.98 7.60 22.41
C GLN C 28 -14.59 8.05 21.92
N PRO C 29 -14.54 9.01 20.96
CA PRO C 29 -13.24 9.40 20.37
C PRO C 29 -12.25 9.89 21.42
N GLN C 30 -10.96 9.88 21.11
CA GLN C 30 -9.94 10.26 22.10
C GLN C 30 -10.25 11.65 22.68
N THR C 31 -10.18 11.77 24.00
CA THR C 31 -10.42 13.04 24.68
C THR C 31 -9.22 13.41 25.55
N LEU C 32 -9.08 14.70 25.78
CA LEU C 32 -7.99 15.21 26.58
C LEU C 32 -8.53 16.34 27.44
N LYS C 33 -8.48 16.14 28.75
CA LYS C 33 -8.98 17.11 29.72
C LYS C 33 -7.77 17.87 30.24
N ILE C 34 -7.80 19.19 30.14
CA ILE C 34 -6.71 20.04 30.63
C ILE C 34 -7.31 21.23 31.35
N ARG C 35 -6.49 21.87 32.20
CA ARG C 35 -6.91 23.11 32.82
C ARG C 35 -7.20 24.16 31.79
N ARG C 36 -8.14 25.06 32.09
CA ARG C 36 -8.56 26.07 31.14
C ARG C 36 -7.37 26.95 30.79
N PRO C 37 -7.10 27.13 29.49
CA PRO C 37 -5.91 27.86 29.07
C PRO C 37 -6.09 29.37 29.09
N ASP C 38 -4.97 30.06 28.88
CA ASP C 38 -4.94 31.51 28.67
C ASP C 38 -4.19 31.78 27.38
N ASP C 39 -4.44 32.95 26.78
CA ASP C 39 -3.73 33.38 25.56
C ASP C 39 -2.83 34.57 25.90
N TRP C 40 -1.52 34.31 26.00
CA TRP C 40 -0.60 35.32 26.53
C TRP C 40 -0.12 36.36 25.51
N HIS C 41 -0.82 36.44 24.37
CA HIS C 41 -0.52 37.42 23.35
C HIS C 41 -1.64 37.52 22.31
N ILE C 42 -2.45 38.56 22.39
CA ILE C 42 -3.52 38.70 21.41
C ILE C 42 -3.82 40.15 21.04
N HIS C 43 -4.31 40.34 19.81
CA HIS C 43 -4.84 41.62 19.36
C HIS C 43 -6.33 41.52 19.19
N LEU C 44 -7.08 42.29 19.98
CA LEU C 44 -8.53 42.30 19.91
C LEU C 44 -9.07 43.44 19.04
N ARG C 45 -8.20 44.36 18.63
CA ARG C 45 -8.63 45.55 17.89
C ARG C 45 -9.72 46.30 18.66
N ASP C 46 -10.66 46.93 17.95
CA ASP C 46 -11.64 47.79 18.59
C ASP C 46 -12.93 47.84 17.77
N ASP C 47 -13.96 48.45 18.36
CA ASP C 47 -15.22 48.71 17.66
C ASP C 47 -15.82 47.42 17.09
N GLU C 48 -16.26 47.40 15.83
CA GLU C 48 -16.96 46.22 15.29
C GLU C 48 -16.05 44.99 15.18
N MET C 49 -14.76 45.21 14.89
CA MET C 49 -13.80 44.11 14.81
C MET C 49 -13.68 43.43 16.18
N LEU C 50 -13.54 44.22 17.24
CA LEU C 50 -13.51 43.70 18.61
C LEU C 50 -14.72 42.81 18.91
N SER C 51 -15.91 43.30 18.59
CA SER C 51 -17.14 42.54 18.83
C SER C 51 -17.15 41.21 18.10
N THR C 52 -16.62 41.20 16.88
CA THR C 52 -16.62 40.01 16.04
C THR C 52 -15.57 38.98 16.47
N VAL C 53 -14.37 39.43 16.84
CA VAL C 53 -13.26 38.49 17.08
C VAL C 53 -13.13 37.99 18.51
N LEU C 54 -13.53 38.80 19.48
CA LEU C 54 -13.36 38.43 20.90
C LEU C 54 -14.01 37.10 21.26
N PRO C 55 -15.26 36.86 20.83
CA PRO C 55 -15.95 35.62 21.20
C PRO C 55 -15.16 34.34 20.90
N TYR C 56 -14.37 34.33 19.81
CA TYR C 56 -13.58 33.16 19.48
C TYR C 56 -12.53 32.87 20.56
N THR C 57 -12.04 33.93 21.21
CA THR C 57 -11.09 33.78 22.30
C THR C 57 -11.78 33.50 23.65
N SER C 58 -12.81 34.29 23.97
CA SER C 58 -13.47 34.20 25.29
C SER C 58 -14.20 32.87 25.53
N GLU C 59 -14.57 32.21 24.43
CA GLU C 59 -15.20 30.89 24.49
C GLU C 59 -14.30 29.83 25.14
N VAL C 60 -12.99 29.95 24.91
CA VAL C 60 -12.03 28.92 25.29
C VAL C 60 -11.06 29.39 26.38
N PHE C 61 -10.53 30.61 26.23
CA PHE C 61 -9.49 31.12 27.12
C PHE C 61 -10.09 31.97 28.24
N ALA C 62 -9.61 31.76 29.46
CA ALA C 62 -10.10 32.49 30.63
C ALA C 62 -9.54 33.91 30.69
N ARG C 63 -8.28 34.05 30.29
CA ARG C 63 -7.61 35.35 30.27
C ARG C 63 -6.81 35.48 28.99
N ALA C 64 -6.53 36.71 28.62
CA ALA C 64 -5.63 36.99 27.51
C ALA C 64 -4.87 38.30 27.73
N ILE C 65 -3.59 38.30 27.35
CA ILE C 65 -2.79 39.52 27.33
C ILE C 65 -3.21 40.30 26.09
N VAL C 66 -3.79 41.47 26.31
CA VAL C 66 -4.34 42.28 25.24
C VAL C 66 -3.33 43.35 24.84
N MET C 67 -2.86 43.26 23.60
CA MET C 67 -1.84 44.16 23.12
C MET C 67 -2.40 45.57 22.93
N PRO C 68 -1.52 46.58 23.03
CA PRO C 68 -1.96 47.95 23.11
C PRO C 68 -1.83 48.76 21.81
N ASN C 69 -1.60 48.09 20.68
CA ASN C 69 -1.29 48.80 19.42
C ASN C 69 -2.55 49.16 18.61
N LEU C 70 -3.43 49.94 19.22
CA LEU C 70 -4.58 50.50 18.50
C LEU C 70 -4.10 51.71 17.69
N ALA C 71 -4.99 52.24 16.86
CA ALA C 71 -4.69 53.44 16.05
C ALA C 71 -4.10 54.56 16.91
N GLN C 72 -4.72 54.80 18.07
CA GLN C 72 -4.15 55.60 19.13
C GLN C 72 -3.68 54.62 20.21
N PRO C 73 -2.37 54.43 20.34
CA PRO C 73 -1.87 53.40 21.24
C PRO C 73 -2.23 53.63 22.72
N ILE C 74 -2.36 52.54 23.46
CA ILE C 74 -2.72 52.58 24.87
C ILE C 74 -1.48 52.92 25.69
N THR C 75 -1.34 54.20 26.04
CA THR C 75 -0.16 54.69 26.77
C THR C 75 -0.48 55.32 28.13
N THR C 76 -1.76 55.38 28.49
CA THR C 76 -2.17 55.94 29.77
C THR C 76 -3.09 54.96 30.51
N VAL C 77 -3.16 55.13 31.82
CA VAL C 77 -4.07 54.33 32.65
C VAL C 77 -5.51 54.56 32.20
N ALA C 78 -5.85 55.83 31.96
CA ALA C 78 -7.21 56.20 31.56
C ALA C 78 -7.66 55.49 30.28
N SER C 79 -6.80 55.49 29.26
CA SER C 79 -7.15 54.86 27.99
C SER C 79 -7.22 53.33 28.13
N ALA C 80 -6.40 52.77 29.00
CA ALA C 80 -6.42 51.33 29.27
C ALA C 80 -7.71 50.91 29.99
N ILE C 81 -8.15 51.69 30.97
CA ILE C 81 -9.41 51.43 31.65
C ILE C 81 -10.56 51.46 30.66
N ALA C 82 -10.59 52.48 29.81
CA ALA C 82 -11.65 52.63 28.82
C ALA C 82 -11.68 51.45 27.83
N TYR C 83 -10.51 51.03 27.36
CA TYR C 83 -10.41 49.90 26.42
C TYR C 83 -10.85 48.60 27.10
N ARG C 84 -10.41 48.40 28.34
CA ARG C 84 -10.85 47.24 29.12
C ARG C 84 -12.37 47.17 29.21
N GLU C 85 -13.01 48.31 29.48
CA GLU C 85 -14.47 48.37 29.54
C GLU C 85 -15.13 48.00 28.20
N ARG C 86 -14.56 48.45 27.10
CA ARG C 86 -15.10 48.13 25.78
C ARG C 86 -14.99 46.64 25.49
N ILE C 87 -13.89 46.03 25.94
CA ILE C 87 -13.67 44.60 25.78
C ILE C 87 -14.68 43.80 26.61
N LEU C 88 -14.82 44.17 27.88
CA LEU C 88 -15.78 43.49 28.76
C LEU C 88 -17.21 43.58 28.23
N ALA C 89 -17.57 44.72 27.65
CA ALA C 89 -18.89 44.90 27.03
C ALA C 89 -19.12 43.99 25.82
N ALA C 90 -18.04 43.58 25.16
CA ALA C 90 -18.12 42.69 24.00
C ALA C 90 -18.10 41.20 24.37
N VAL C 91 -17.84 40.87 25.63
CA VAL C 91 -17.84 39.47 26.07
C VAL C 91 -19.27 38.91 26.03
N PRO C 92 -19.50 37.83 25.26
CA PRO C 92 -20.84 37.26 25.19
C PRO C 92 -21.32 36.76 26.54
N ALA C 93 -22.63 36.80 26.75
CA ALA C 93 -23.22 36.26 27.96
C ALA C 93 -22.89 34.77 28.05
N GLY C 94 -22.50 34.34 29.24
CA GLY C 94 -22.14 32.93 29.46
C GLY C 94 -20.66 32.63 29.31
N HIS C 95 -19.88 33.56 28.76
CA HIS C 95 -18.43 33.42 28.70
C HIS C 95 -17.81 34.01 29.97
N LYS C 96 -16.76 33.38 30.47
CA LYS C 96 -15.98 33.91 31.58
C LYS C 96 -14.63 34.33 31.02
N PHE C 97 -14.40 35.64 30.95
CA PHE C 97 -13.17 36.16 30.35
C PHE C 97 -12.72 37.46 31.03
N THR C 98 -11.41 37.55 31.26
CA THR C 98 -10.80 38.74 31.83
C THR C 98 -9.63 39.19 30.96
N PRO C 99 -9.70 40.42 30.42
CA PRO C 99 -8.56 40.92 29.66
C PRO C 99 -7.47 41.43 30.60
N LEU C 100 -6.23 41.06 30.30
CA LEU C 100 -5.07 41.56 31.01
C LEU C 100 -4.45 42.63 30.14
N MET C 101 -4.51 43.88 30.59
CA MET C 101 -4.12 45.02 29.75
C MET C 101 -2.62 45.26 29.75
N THR C 102 -2.16 45.92 28.69
CA THR C 102 -0.75 46.25 28.55
C THR C 102 -0.58 47.71 28.19
N CYS C 103 0.57 48.25 28.59
CA CYS C 103 0.95 49.61 28.25
C CYS C 103 1.92 49.62 27.07
N TYR C 104 1.63 50.46 26.10
CA TYR C 104 2.47 50.63 24.92
C TYR C 104 3.61 51.57 25.28
N LEU C 105 4.84 51.04 25.30
CA LEU C 105 5.99 51.86 25.66
C LEU C 105 6.33 52.85 24.55
N THR C 106 6.70 54.06 24.95
CA THR C 106 7.16 55.09 24.00
C THR C 106 8.39 55.79 24.56
N ASN C 107 9.05 56.59 23.72
CA ASN C 107 10.23 57.34 24.15
C ASN C 107 9.89 58.44 25.16
N SER C 108 8.66 58.94 25.12
CA SER C 108 8.23 60.03 26.01
C SER C 108 7.36 59.58 27.18
N LEU C 109 7.12 58.28 27.32
CA LEU C 109 6.24 57.75 28.36
C LEU C 109 6.74 58.10 29.77
N ASP C 110 5.82 58.56 30.61
CA ASP C 110 6.13 58.88 32.00
C ASP C 110 6.12 57.62 32.86
N ALA C 111 7.20 57.41 33.62
CA ALA C 111 7.35 56.23 34.46
C ALA C 111 6.25 56.10 35.54
N LYS C 112 5.81 57.22 36.10
CA LYS C 112 4.72 57.22 37.10
C LYS C 112 3.44 56.60 36.54
N GLU C 113 3.13 56.90 35.28
CA GLU C 113 1.96 56.33 34.60
C GLU C 113 2.02 54.79 34.55
N LEU C 114 3.21 54.28 34.30
CA LEU C 114 3.46 52.84 34.25
C LEU C 114 3.36 52.22 35.65
N THR C 115 3.99 52.88 36.61
CA THR C 115 4.04 52.39 37.99
C THR C 115 2.66 52.32 38.64
N THR C 116 1.87 53.38 38.52
CA THR C 116 0.57 53.42 39.19
C THR C 116 -0.41 52.49 38.47
N GLY C 117 -0.27 52.40 37.15
CA GLY C 117 -1.07 51.47 36.37
C GLY C 117 -0.87 50.03 36.80
N PHE C 118 0.39 49.69 37.11
CA PHE C 118 0.72 48.34 37.54
C PHE C 118 0.19 48.08 38.95
N GLU C 119 0.34 49.05 39.84
CA GLU C 119 -0.07 48.91 41.24
C GLU C 119 -1.59 48.93 41.41
N GLN C 120 -2.29 49.64 40.52
CA GLN C 120 -3.75 49.63 40.49
C GLN C 120 -4.36 48.38 39.82
N GLY C 121 -3.53 47.53 39.24
CA GLY C 121 -4.01 46.33 38.55
C GLY C 121 -4.57 46.57 37.16
N VAL C 122 -4.31 47.75 36.61
CA VAL C 122 -4.78 48.10 35.26
C VAL C 122 -3.84 47.46 34.24
N PHE C 123 -2.56 47.74 34.36
CA PHE C 123 -1.54 47.12 33.50
C PHE C 123 -1.01 45.85 34.14
N THR C 124 -1.06 44.75 33.37
CA THR C 124 -0.43 43.51 33.76
C THR C 124 1.03 43.48 33.28
N ALA C 125 1.31 44.19 32.18
CA ALA C 125 2.64 44.24 31.61
C ALA C 125 2.79 45.44 30.68
N ALA C 126 4.02 45.68 30.23
CA ALA C 126 4.29 46.73 29.25
C ALA C 126 4.88 46.08 28.01
N LEU C 128 6.99 46.41 24.41
CA LEU C 128 7.98 47.12 23.61
C LEU C 128 7.84 46.80 22.13
N TYR C 129 7.46 47.81 21.33
CA TYR C 129 7.53 47.76 19.87
C TYR C 129 8.67 48.62 19.39
N PRO C 130 9.66 48.04 18.71
CA PRO C 130 10.61 48.89 18.01
C PRO C 130 9.88 49.71 16.95
N ALA C 131 10.23 50.98 16.84
CA ALA C 131 9.56 51.89 15.94
C ALA C 131 9.54 51.38 14.50
N ASN C 132 8.33 51.30 13.94
CA ASN C 132 8.08 50.84 12.55
C ASN C 132 8.29 49.36 12.30
N ALA C 133 8.40 48.55 13.35
CA ALA C 133 8.63 47.11 13.24
C ALA C 133 7.38 46.40 12.71
N THR C 134 6.20 46.91 13.04
CA THR C 134 4.95 46.24 12.69
C THR C 134 3.75 47.19 12.61
N THR C 135 2.55 46.60 12.67
CA THR C 135 1.26 47.33 12.66
C THR C 135 1.13 48.33 13.82
N ASN C 136 0.78 49.57 13.48
CA ASN C 136 0.54 50.66 14.45
C ASN C 136 1.74 50.83 15.39
N SER C 137 2.93 50.93 14.79
CA SER C 137 4.18 51.03 15.55
C SER C 137 4.98 52.30 15.24
N THR C 138 4.37 53.27 14.57
CA THR C 138 5.03 54.55 14.27
C THR C 138 5.37 55.34 15.54
N HIS C 139 4.60 55.12 16.60
CA HIS C 139 4.86 55.74 17.91
C HIS C 139 5.71 54.86 18.84
N GLY C 140 6.24 53.76 18.33
CA GLY C 140 7.07 52.86 19.10
C GLY C 140 8.42 53.48 19.48
N VAL C 141 9.24 52.69 20.18
CA VAL C 141 10.51 53.15 20.73
C VAL C 141 11.60 53.11 19.65
N SER C 142 12.24 54.24 19.38
CA SER C 142 13.24 54.34 18.32
C SER C 142 14.66 54.00 18.80
N ASP C 143 15.05 54.48 19.97
CA ASP C 143 16.41 54.18 20.49
C ASP C 143 16.26 53.48 21.83
N ILE C 144 16.23 52.15 21.79
CA ILE C 144 15.76 51.37 22.94
C ILE C 144 16.53 51.61 24.25
N PRO C 145 17.87 51.70 24.19
CA PRO C 145 18.60 52.03 25.43
C PRO C 145 18.22 53.35 26.12
N ALA C 146 17.60 54.27 25.38
CA ALA C 146 17.17 55.55 25.98
C ALA C 146 16.08 55.38 27.04
N ILE C 147 15.30 54.30 26.94
CA ILE C 147 14.24 54.05 27.94
C ILE C 147 14.64 53.03 29.02
N TYR C 148 15.94 52.80 29.16
CA TYR C 148 16.45 52.00 30.27
C TYR C 148 15.89 52.44 31.65
N PRO C 149 15.71 53.76 31.87
CA PRO C 149 15.12 54.15 33.15
C PRO C 149 13.72 53.57 33.41
N LEU C 150 12.94 53.32 32.36
CA LEU C 150 11.67 52.62 32.51
C LEU C 150 11.86 51.18 32.93
N PHE C 151 12.79 50.49 32.29
CA PHE C 151 13.07 49.09 32.63
C PHE C 151 13.51 48.99 34.08
N GLU C 152 14.34 49.93 34.53
CA GLU C 152 14.79 49.95 35.92
C GLU C 152 13.61 50.01 36.88
N GLN C 153 12.64 50.86 36.56
CA GLN C 153 11.44 50.99 37.38
C GLN C 153 10.60 49.71 37.32
N MET C 154 10.46 49.14 36.13
CA MET C 154 9.73 47.89 35.97
C MET C 154 10.37 46.75 36.76
N GLN C 155 11.70 46.69 36.73
CA GLN C 155 12.42 45.67 37.47
C GLN C 155 12.15 45.83 38.95
N LYS C 156 12.23 47.05 39.43
CA LYS C 156 12.00 47.36 40.85
C LYS C 156 10.62 46.88 41.33
N ILE C 157 9.58 47.14 40.55
CA ILE C 157 8.21 46.84 40.97
C ILE C 157 7.70 45.45 40.58
N GLY C 158 8.47 44.73 39.74
CA GLY C 158 8.08 43.38 39.32
C GLY C 158 7.12 43.32 38.14
N MET C 159 7.16 44.35 37.29
CA MET C 159 6.30 44.40 36.10
C MET C 159 7.02 43.73 34.93
N PRO C 160 6.37 42.77 34.26
CA PRO C 160 7.02 42.11 33.13
C PRO C 160 7.09 42.98 31.88
N LEU C 161 8.17 42.80 31.12
CA LEU C 161 8.38 43.48 29.84
C LEU C 161 8.15 42.49 28.71
N LEU C 162 7.20 42.80 27.83
CA LEU C 162 6.94 41.97 26.65
C LEU C 162 7.60 42.63 25.45
N ILE C 163 8.30 41.86 24.62
CA ILE C 163 9.09 42.42 23.55
C ILE C 163 8.78 41.83 22.19
N HIS C 164 8.48 42.69 21.22
CA HIS C 164 8.48 42.30 19.82
C HIS C 164 9.93 42.43 19.38
N GLY C 165 10.64 41.31 19.31
CA GLY C 165 12.10 41.34 19.15
C GLY C 165 12.63 41.28 17.74
N GLU C 166 12.60 42.44 17.08
CA GLU C 166 13.16 42.60 15.76
C GLU C 166 13.85 43.96 15.66
N VAL C 167 15.05 43.99 15.10
CA VAL C 167 15.66 45.27 14.73
C VAL C 167 14.93 45.78 13.50
N THR C 168 15.08 47.07 13.21
CA THR C 168 14.44 47.69 12.06
C THR C 168 15.41 48.34 11.07
N ASP C 169 16.70 48.24 11.37
CA ASP C 169 17.76 48.76 10.51
C ASP C 169 17.56 48.29 9.07
N ALA C 170 17.55 49.24 8.14
CA ALA C 170 17.25 48.96 6.73
C ALA C 170 18.27 48.05 6.07
N ALA C 171 19.51 48.07 6.56
CA ALA C 171 20.57 47.22 6.02
C ALA C 171 20.44 45.74 6.45
N VAL C 172 19.56 45.46 7.41
CA VAL C 172 19.39 44.09 7.89
C VAL C 172 18.26 43.40 7.13
N ASP C 173 18.59 42.26 6.55
CA ASP C 173 17.60 41.45 5.84
C ASP C 173 16.48 41.03 6.78
N ILE C 174 15.25 41.05 6.27
CA ILE C 174 14.08 40.82 7.11
C ILE C 174 14.14 39.49 7.87
N PHE C 175 14.70 38.46 7.24
CA PHE C 175 14.79 37.15 7.87
C PHE C 175 15.87 37.06 8.96
N ASP C 176 16.74 38.06 9.02
CA ASP C 176 17.80 38.14 10.04
C ASP C 176 17.45 39.03 11.23
N ARG C 177 16.31 39.70 11.20
CA ARG C 177 16.04 40.76 12.16
C ARG C 177 15.82 40.27 13.59
N GLU C 178 15.26 39.08 13.74
CA GLU C 178 15.07 38.50 15.07
C GLU C 178 16.41 38.14 15.71
N ALA C 179 17.27 37.46 14.96
CA ALA C 179 18.58 37.06 15.47
C ALA C 179 19.44 38.25 15.87
N ARG C 180 19.41 39.32 15.07
CA ARG C 180 20.17 40.52 15.41
C ARG C 180 19.66 41.15 16.69
N PHE C 181 18.34 41.12 16.88
CA PHE C 181 17.74 41.69 18.08
C PHE C 181 18.31 41.04 19.34
N ILE C 182 18.47 39.72 19.31
CA ILE C 182 18.92 38.97 20.47
C ILE C 182 20.25 39.50 20.97
N ASP C 183 21.23 39.62 20.08
CA ASP C 183 22.59 40.03 20.45
C ASP C 183 22.68 41.52 20.73
N GLN C 184 21.99 42.31 19.92
CA GLN C 184 22.17 43.77 19.92
C GLN C 184 21.33 44.48 20.96
N ILE C 185 20.13 43.98 21.23
CA ILE C 185 19.19 44.65 22.13
C ILE C 185 18.83 43.84 23.38
N LEU C 186 18.45 42.58 23.21
CA LEU C 186 17.92 41.77 24.31
C LEU C 186 18.99 41.39 25.31
N GLU C 187 20.13 40.90 24.84
CA GLU C 187 21.20 40.48 25.74
C GLU C 187 21.68 41.65 26.62
N PRO C 188 21.90 42.84 26.04
CA PRO C 188 22.28 43.96 26.91
C PRO C 188 21.23 44.32 27.96
N ILE C 189 19.95 44.25 27.60
CA ILE C 189 18.88 44.48 28.58
C ILE C 189 18.99 43.47 29.72
N ARG C 190 19.19 42.20 29.37
CA ARG C 190 19.26 41.14 30.38
C ARG C 190 20.50 41.25 31.27
N GLN C 191 21.62 41.70 30.69
CA GLN C 191 22.83 41.94 31.47
C GLN C 191 22.63 43.07 32.48
N LYS C 192 21.97 44.15 32.06
CA LYS C 192 21.81 45.32 32.93
C LYS C 192 20.67 45.15 33.95
N PHE C 193 19.61 44.44 33.55
CA PHE C 193 18.45 44.24 34.43
C PHE C 193 18.19 42.75 34.61
N PRO C 194 19.04 42.09 35.42
CA PRO C 194 19.01 40.62 35.53
C PRO C 194 17.77 40.05 36.19
N GLU C 195 17.00 40.86 36.91
CA GLU C 195 15.78 40.40 37.56
C GLU C 195 14.51 40.97 36.96
N LEU C 196 14.62 41.53 35.75
CA LEU C 196 13.46 41.98 35.00
C LEU C 196 12.85 40.79 34.28
N LYS C 197 11.55 40.58 34.48
CA LYS C 197 10.83 39.51 33.78
C LYS C 197 10.59 39.95 32.35
N ILE C 198 11.03 39.14 31.41
CA ILE C 198 10.92 39.46 30.00
C ILE C 198 10.28 38.30 29.24
N VAL C 199 9.26 38.61 28.44
CA VAL C 199 8.73 37.63 27.50
C VAL C 199 9.19 38.00 26.12
N PHE C 200 9.92 37.07 25.51
CA PHE C 200 10.33 37.18 24.14
C PHE C 200 9.13 36.71 23.34
N GLU C 201 8.31 37.65 22.86
CA GLU C 201 7.06 37.31 22.20
C GLU C 201 7.26 36.65 20.84
N HIS C 202 6.31 35.78 20.49
CA HIS C 202 6.25 35.07 19.22
C HIS C 202 7.60 34.78 18.56
N ILE C 203 8.36 33.89 19.18
CA ILE C 203 9.65 33.53 18.63
C ILE C 203 9.48 32.72 17.36
N THR C 204 10.43 32.90 16.45
CA THR C 204 10.38 32.32 15.12
C THR C 204 11.66 31.62 14.69
N THR C 205 12.71 31.68 15.50
CA THR C 205 14.02 31.18 15.09
C THR C 205 14.60 30.20 16.09
N LYS C 206 15.42 29.29 15.55
CA LYS C 206 16.32 28.48 16.36
C LYS C 206 17.20 29.34 17.28
N ASP C 207 17.63 30.50 16.78
CA ASP C 207 18.44 31.43 17.58
C ASP C 207 17.69 31.79 18.86
N ALA C 208 16.41 32.15 18.70
CA ALA C 208 15.58 32.54 19.84
C ALA C 208 15.29 31.35 20.75
N ALA C 209 14.93 30.22 20.16
CA ALA C 209 14.67 29.00 20.93
C ALA C 209 15.86 28.63 21.81
N ASP C 210 17.05 28.57 21.21
CA ASP C 210 18.28 28.25 21.95
C ASP C 210 18.59 29.26 23.05
N TYR C 211 18.37 30.54 22.74
CA TYR C 211 18.65 31.61 23.69
C TYR C 211 17.74 31.49 24.91
N VAL C 212 16.45 31.25 24.66
CA VAL C 212 15.49 31.10 25.75
C VAL C 212 15.78 29.83 26.57
N LEU C 213 16.09 28.73 25.90
CA LEU C 213 16.43 27.48 26.59
C LEU C 213 17.66 27.63 27.49
N ALA C 214 18.60 28.47 27.07
CA ALA C 214 19.83 28.72 27.82
C ALA C 214 19.71 29.85 28.86
N GLY C 215 18.52 30.40 29.03
CA GLY C 215 18.29 31.51 29.95
C GLY C 215 18.03 31.06 31.38
N ASN C 216 17.14 31.78 32.05
CA ASN C 216 16.78 31.49 33.45
C ASN C 216 15.29 31.78 33.66
N ARG C 217 14.82 31.79 34.90
CA ARG C 217 13.38 31.98 35.16
C ARG C 217 12.85 33.37 34.83
N PHE C 218 13.74 34.33 34.57
CA PHE C 218 13.33 35.68 34.19
C PHE C 218 13.12 35.87 32.68
N LEU C 219 13.35 34.84 31.89
CA LEU C 219 13.15 34.92 30.44
C LEU C 219 12.21 33.83 29.96
N GLY C 220 11.10 34.25 29.35
CA GLY C 220 10.13 33.33 28.79
C GLY C 220 9.85 33.68 27.35
N ALA C 221 9.01 32.88 26.71
CA ALA C 221 8.65 33.12 25.31
C ALA C 221 7.27 32.58 24.97
N THR C 222 6.58 33.24 24.05
CA THR C 222 5.35 32.70 23.47
C THR C 222 5.62 32.19 22.08
N VAL C 223 4.83 31.20 21.66
CA VAL C 223 4.95 30.64 20.32
C VAL C 223 3.56 30.51 19.70
N THR C 224 3.43 30.97 18.46
CA THR C 224 2.15 30.96 17.76
C THR C 224 1.93 29.62 17.08
N PRO C 225 0.66 29.34 16.70
CA PRO C 225 0.45 28.11 15.95
C PRO C 225 1.03 28.16 14.53
N GLN C 226 0.99 29.32 13.88
CA GLN C 226 1.48 29.40 12.50
C GLN C 226 2.99 29.17 12.37
N HIS C 227 3.76 29.62 13.37
CA HIS C 227 5.22 29.41 13.33
C HIS C 227 5.58 27.97 13.66
N LEU C 228 4.67 27.25 14.32
CA LEU C 228 4.85 25.81 14.52
C LEU C 228 4.43 25.00 13.28
N MET C 229 3.34 25.43 12.65
CA MET C 229 2.74 24.65 11.55
C MET C 229 3.40 24.87 10.20
N PHE C 230 3.96 26.06 9.99
CA PHE C 230 4.43 26.46 8.66
C PHE C 230 5.82 27.08 8.66
N ASN C 231 6.40 27.16 7.48
CA ASN C 231 7.62 27.91 7.23
C ASN C 231 7.42 28.78 5.98
N ARG C 232 8.43 29.56 5.63
CA ARG C 232 8.29 30.54 4.56
C ARG C 232 7.96 29.94 3.19
N ASN C 233 8.33 28.68 2.94
CA ASN C 233 7.93 28.03 1.69
C ASN C 233 6.41 27.98 1.52
N HIS C 234 5.67 27.82 2.62
CA HIS C 234 4.22 27.77 2.53
C HIS C 234 3.61 29.11 2.08
N MET C 235 4.31 30.19 2.38
CA MET C 235 3.88 31.53 2.00
C MET C 235 4.23 31.90 0.56
N LEU C 236 5.22 31.23 -0.03
CA LEU C 236 5.83 31.70 -1.28
C LEU C 236 5.90 30.70 -2.43
N VAL C 237 5.91 29.39 -2.16
CA VAL C 237 6.03 28.40 -3.21
C VAL C 237 4.71 28.22 -3.93
N GLY C 238 4.74 28.33 -5.26
CA GLY C 238 3.54 28.18 -6.08
C GLY C 238 2.55 29.35 -6.03
N GLY C 239 2.96 30.45 -5.40
CA GLY C 239 2.11 31.62 -5.26
C GLY C 239 2.37 32.31 -3.94
N ILE C 240 1.98 33.58 -3.86
CA ILE C 240 2.25 34.39 -2.67
C ILE C 240 0.98 34.49 -1.85
N ARG C 241 1.08 34.15 -0.56
CA ARG C 241 -0.10 33.92 0.29
C ARG C 241 -0.15 34.87 1.48
N PRO C 242 -0.80 36.03 1.30
CA PRO C 242 -0.75 37.05 2.34
C PRO C 242 -1.40 36.66 3.65
N HIS C 243 -2.27 35.66 3.66
CA HIS C 243 -2.86 35.21 4.93
C HIS C 243 -1.90 34.40 5.79
N LEU C 244 -0.72 34.09 5.27
CA LEU C 244 0.38 33.56 6.07
C LEU C 244 1.44 34.60 6.40
N PHE C 245 1.24 35.83 5.91
CA PHE C 245 2.16 36.92 6.19
C PHE C 245 1.85 37.51 7.56
N CYS C 246 2.85 37.45 8.44
CA CYS C 246 2.77 38.03 9.77
C CYS C 246 4.16 38.49 10.14
N LEU C 247 4.25 39.25 11.22
CA LEU C 247 5.54 39.71 11.73
C LEU C 247 5.68 39.14 13.13
N PRO C 248 6.82 38.55 13.48
CA PRO C 248 7.98 38.33 12.63
C PRO C 248 7.68 37.31 11.57
N ILE C 249 8.32 37.46 10.43
CA ILE C 249 8.02 36.67 9.25
C ILE C 249 8.34 35.19 9.47
N LEU C 250 7.57 34.33 8.79
CA LEU C 250 7.86 32.90 8.78
C LEU C 250 9.28 32.68 8.28
N LYS C 251 10.00 31.79 8.93
CA LYS C 251 11.40 31.56 8.63
C LYS C 251 11.55 30.25 7.87
N ARG C 252 12.79 29.88 7.55
CA ARG C 252 13.01 28.63 6.84
C ARG C 252 12.71 27.41 7.73
N SER C 253 12.57 26.25 7.09
CA SER C 253 12.11 25.03 7.76
C SER C 253 12.99 24.64 8.96
N THR C 254 14.29 24.89 8.86
CA THR C 254 15.22 24.66 9.96
C THR C 254 14.74 25.29 11.25
N HIS C 255 14.31 26.53 11.16
CA HIS C 255 13.86 27.28 12.33
C HIS C 255 12.53 26.74 12.84
N GLN C 256 11.62 26.45 11.92
CA GLN C 256 10.34 25.83 12.28
C GLN C 256 10.57 24.56 13.11
N GLN C 257 11.48 23.71 12.65
CA GLN C 257 11.77 22.46 13.36
C GLN C 257 12.34 22.68 14.76
N ALA C 258 13.15 23.73 14.92
CA ALA C 258 13.69 24.07 16.23
C ALA C 258 12.60 24.52 17.20
N LEU C 259 11.63 25.28 16.71
CA LEU C 259 10.51 25.71 17.55
C LEU C 259 9.69 24.53 18.00
N ARG C 260 9.41 23.63 17.06
CA ARG C 260 8.66 22.42 17.34
C ARG C 260 9.36 21.58 18.41
N ALA C 261 10.67 21.42 18.29
CA ALA C 261 11.44 20.66 19.26
C ALA C 261 11.48 21.35 20.63
N ALA C 262 11.53 22.66 20.63
CA ALA C 262 11.51 23.45 21.87
C ALA C 262 10.23 23.21 22.69
N VAL C 263 9.06 23.32 22.06
CA VAL C 263 7.81 23.13 22.78
C VAL C 263 7.57 21.66 23.14
N ALA C 264 8.02 20.75 22.26
CA ALA C 264 7.90 19.31 22.49
C ALA C 264 8.80 18.80 23.63
N SER C 265 9.86 19.54 23.93
CA SER C 265 10.76 19.20 25.03
C SER C 265 10.06 19.31 26.39
N GLY C 266 8.98 20.09 26.45
CA GLY C 266 8.27 20.32 27.69
C GLY C 266 8.89 21.39 28.57
N SER C 267 9.86 22.11 28.03
CA SER C 267 10.45 23.24 28.76
C SER C 267 9.36 24.19 29.22
N ASP C 268 9.46 24.64 30.47
CA ASP C 268 8.48 25.56 31.05
C ASP C 268 8.73 27.03 30.71
N ARG C 269 9.68 27.29 29.82
CA ARG C 269 10.00 28.66 29.42
C ARG C 269 9.10 29.12 28.28
N PHE C 270 8.37 28.19 27.66
CA PHE C 270 7.49 28.50 26.53
C PHE C 270 6.02 28.34 26.92
N PHE C 271 5.20 29.27 26.45
CA PHE C 271 3.77 29.19 26.67
C PHE C 271 2.97 29.74 25.50
N LEU C 272 1.67 29.45 25.53
CA LEU C 272 0.76 29.77 24.45
C LEU C 272 0.55 31.28 24.29
N GLY C 273 0.83 31.77 23.09
CA GLY C 273 0.49 33.14 22.70
C GLY C 273 0.22 33.12 21.21
N THR C 274 -1.03 33.36 20.84
CA THR C 274 -1.43 33.18 19.44
C THR C 274 -0.92 34.28 18.52
N ASP C 275 -0.81 35.48 19.07
CA ASP C 275 -0.63 36.69 18.27
C ASP C 275 -1.71 36.78 17.20
N SER C 276 -2.93 36.41 17.56
CA SER C 276 -4.08 36.60 16.67
C SER C 276 -4.12 38.08 16.33
N ALA C 277 -4.05 38.39 15.04
CA ALA C 277 -3.92 39.74 14.55
C ALA C 277 -4.80 39.95 13.31
N PRO C 278 -6.11 40.11 13.53
CA PRO C 278 -7.06 40.14 12.41
C PRO C 278 -7.05 41.43 11.60
N HIS C 279 -7.15 41.28 10.28
CA HIS C 279 -7.41 42.41 9.38
C HIS C 279 -8.48 42.00 8.39
N ALA C 280 -9.23 42.99 7.91
CA ALA C 280 -10.20 42.73 6.86
C ALA C 280 -9.52 42.15 5.64
N LYS C 281 -10.23 41.27 4.95
CA LYS C 281 -9.73 40.60 3.76
C LYS C 281 -9.11 41.58 2.77
N HIS C 282 -9.77 42.70 2.51
CA HIS C 282 -9.31 43.63 1.48
C HIS C 282 -7.99 44.31 1.89
N ARG C 283 -7.72 44.38 3.18
CA ARG C 283 -6.45 44.92 3.68
C ARG C 283 -5.32 43.90 3.63
N LYS C 284 -5.66 42.62 3.51
CA LYS C 284 -4.68 41.54 3.38
C LYS C 284 -4.34 41.26 1.92
N GLU C 285 -5.36 41.24 1.08
CA GLU C 285 -5.21 40.88 -0.33
C GLU C 285 -5.13 42.14 -1.17
N SER C 286 -4.12 42.95 -0.93
CA SER C 286 -3.98 44.24 -1.63
C SER C 286 -2.55 44.39 -2.16
N SER C 287 -2.27 45.55 -2.77
CA SER C 287 -0.92 45.83 -3.25
C SER C 287 0.09 45.93 -2.12
N GLY C 289 -0.09 44.28 1.62
CA GLY C 289 -0.88 43.53 2.59
C GLY C 289 -0.40 43.70 4.02
N ALA C 291 0.35 42.81 7.88
CA ALA C 291 0.83 41.63 8.57
C ALA C 291 -0.12 41.20 9.68
N GLY C 292 -0.37 39.89 9.74
CA GLY C 292 -1.12 39.33 10.85
C GLY C 292 -2.04 38.21 10.42
N VAL C 293 -2.04 37.15 11.22
CA VAL C 293 -2.88 35.98 11.00
C VAL C 293 -4.01 35.99 12.03
N PHE C 294 -5.24 35.77 11.57
CA PHE C 294 -6.38 35.63 12.48
C PHE C 294 -6.57 34.17 12.87
N ASN C 295 -5.90 33.76 13.93
CA ASN C 295 -5.85 32.35 14.34
C ASN C 295 -6.66 32.02 15.58
N ALA C 296 -7.38 32.99 16.13
CA ALA C 296 -8.19 32.74 17.31
C ALA C 296 -9.22 31.63 17.13
N PRO C 297 -9.95 31.59 15.99
CA PRO C 297 -11.00 30.58 15.82
C PRO C 297 -10.61 29.12 16.08
N ALA C 298 -9.44 28.71 15.60
CA ALA C 298 -9.02 27.31 15.78
C ALA C 298 -7.77 27.17 16.65
N ALA C 299 -7.52 28.16 17.52
CA ALA C 299 -6.24 28.25 18.21
C ALA C 299 -5.88 27.00 19.01
N LEU C 300 -6.73 26.62 19.96
CA LEU C 300 -6.40 25.49 20.82
C LEU C 300 -6.33 24.15 20.05
N PRO C 301 -7.34 23.87 19.20
CA PRO C 301 -7.24 22.68 18.34
C PRO C 301 -5.98 22.62 17.46
N ALA C 302 -5.54 23.76 16.94
CA ALA C 302 -4.33 23.83 16.11
C ALA C 302 -3.10 23.41 16.89
N TYR C 303 -2.97 23.94 18.10
CA TYR C 303 -1.87 23.57 19.00
C TYR C 303 -1.92 22.10 19.35
N ALA C 304 -3.11 21.59 19.65
CA ALA C 304 -3.29 20.16 19.92
C ALA C 304 -2.76 19.31 18.78
N SER C 305 -3.10 19.68 17.54
CA SER C 305 -2.61 18.98 16.36
C SER C 305 -1.08 18.94 16.30
N VAL C 306 -0.45 20.07 16.63
CA VAL C 306 1.01 20.14 16.61
C VAL C 306 1.62 19.23 17.67
N PHE C 307 1.14 19.34 18.90
CA PHE C 307 1.67 18.53 20.00
C PHE C 307 1.44 17.04 19.76
N GLU C 308 0.33 16.71 19.09
CA GLU C 308 0.07 15.33 18.69
C GLU C 308 1.12 14.84 17.69
N GLU C 309 1.35 15.59 16.62
CA GLU C 309 2.36 15.23 15.62
C GLU C 309 3.74 15.04 16.24
N LEU C 310 4.03 15.79 17.29
CA LEU C 310 5.31 15.72 17.97
C LEU C 310 5.39 14.67 19.07
N ASN C 311 4.34 13.85 19.21
CA ASN C 311 4.23 12.84 20.26
C ASN C 311 4.43 13.45 21.64
N ALA C 312 3.81 14.61 21.85
CA ALA C 312 4.07 15.45 23.02
C ALA C 312 2.80 15.99 23.68
N LEU C 313 1.68 15.29 23.53
CA LEU C 313 0.42 15.72 24.15
C LEU C 313 0.49 15.83 25.67
N GLN C 314 1.39 15.08 26.29
CA GLN C 314 1.62 15.19 27.73
C GLN C 314 2.11 16.60 28.16
N HIS C 315 2.70 17.34 27.23
CA HIS C 315 3.20 18.69 27.54
C HIS C 315 2.25 19.82 27.16
N LEU C 316 1.10 19.47 26.58
CA LEU C 316 0.17 20.49 26.09
C LEU C 316 -0.41 21.34 27.23
N GLU C 317 -0.84 20.69 28.29
CA GLU C 317 -1.44 21.38 29.43
C GLU C 317 -0.51 22.45 30.00
N ALA C 318 0.75 22.09 30.21
CA ALA C 318 1.72 23.02 30.78
C ALA C 318 1.87 24.25 29.88
N PHE C 319 2.08 24.01 28.59
CA PHE C 319 2.19 25.07 27.58
C PHE C 319 0.96 25.98 27.54
N CYS C 320 -0.22 25.40 27.61
CA CYS C 320 -1.48 26.15 27.47
C CYS C 320 -1.96 26.82 28.76
N ALA C 321 -1.67 26.20 29.90
CA ALA C 321 -2.37 26.56 31.15
C ALA C 321 -1.49 26.77 32.39
N LEU C 322 -0.23 26.34 32.36
CA LEU C 322 0.62 26.39 33.54
C LEU C 322 1.85 27.28 33.39
N ASN C 323 2.58 27.13 32.29
CA ASN C 323 3.86 27.82 32.10
C ASN C 323 3.71 29.35 32.14
N GLY C 324 2.69 29.87 31.45
CA GLY C 324 2.43 31.30 31.44
C GLY C 324 2.14 31.89 32.81
N PRO C 325 1.10 31.38 33.50
CA PRO C 325 0.80 31.86 34.84
C PRO C 325 1.99 31.82 35.80
N ARG C 326 2.77 30.74 35.72
CA ARG C 326 3.92 30.60 36.60
C ARG C 326 5.01 31.61 36.27
N PHE C 327 5.18 31.93 35.00
CA PHE C 327 6.15 32.95 34.63
C PHE C 327 5.75 34.34 35.11
N TYR C 328 4.48 34.70 34.89
CA TYR C 328 3.97 36.00 35.30
C TYR C 328 3.78 36.12 36.82
N GLY C 329 3.63 34.98 37.50
CA GLY C 329 3.33 34.96 38.93
C GLY C 329 1.84 35.17 39.19
N LEU C 330 1.02 34.64 38.29
CA LEU C 330 -0.42 34.74 38.42
C LEU C 330 -1.00 33.37 38.70
N PRO C 331 -2.20 33.32 39.28
CA PRO C 331 -2.79 32.02 39.59
C PRO C 331 -3.18 31.23 38.33
N VAL C 332 -3.17 29.91 38.48
CA VAL C 332 -3.62 28.99 37.45
C VAL C 332 -5.14 28.86 37.54
N ASN C 333 -5.80 28.70 36.40
CA ASN C 333 -7.26 28.63 36.35
C ASN C 333 -7.83 27.38 37.05
N ASP C 334 -8.97 27.51 37.70
CA ASP C 334 -9.65 26.39 38.34
C ASP C 334 -10.38 25.49 37.32
N ASP C 335 -10.97 26.10 36.29
CA ASP C 335 -11.75 25.34 35.30
C ASP C 335 -10.95 24.31 34.53
N VAL C 336 -11.66 23.44 33.83
CA VAL C 336 -11.09 22.55 32.82
C VAL C 336 -11.78 22.74 31.48
N VAL C 337 -11.09 22.40 30.40
CA VAL C 337 -11.70 22.24 29.08
C VAL C 337 -11.39 20.84 28.57
N GLU C 338 -12.24 20.34 27.68
CA GLU C 338 -12.03 19.05 27.06
C GLU C 338 -11.77 19.24 25.59
N LEU C 339 -10.65 18.67 25.14
CA LEU C 339 -10.39 18.55 23.72
C LEU C 339 -10.83 17.16 23.29
N VAL C 340 -11.58 17.10 22.18
CA VAL C 340 -12.09 15.84 21.66
C VAL C 340 -11.60 15.68 20.23
N ARG C 341 -11.13 14.48 19.90
CA ARG C 341 -10.55 14.23 18.58
C ARG C 341 -11.64 13.86 17.58
N THR C 342 -12.45 14.86 17.22
CA THR C 342 -13.45 14.73 16.17
C THR C 342 -13.25 15.86 15.17
N PRO C 343 -13.52 15.60 13.89
CA PRO C 343 -13.25 16.61 12.85
C PRO C 343 -13.99 17.92 13.07
N PHE C 344 -13.42 18.97 12.51
CA PHE C 344 -13.83 20.34 12.79
C PHE C 344 -13.43 21.21 11.61
N LEU C 345 -14.41 21.60 10.81
CA LEU C 345 -14.16 22.35 9.59
C LEU C 345 -14.08 23.85 9.90
N GLN C 346 -12.95 24.47 9.54
CA GLN C 346 -12.83 25.93 9.61
C GLN C 346 -13.63 26.58 8.50
N PRO C 347 -14.36 27.65 8.83
CA PRO C 347 -15.07 28.36 7.76
C PRO C 347 -14.10 29.07 6.82
N GLU C 348 -14.53 29.31 5.59
CA GLU C 348 -13.69 30.01 4.60
C GLU C 348 -13.53 31.50 4.94
N GLU C 349 -14.61 32.10 5.42
CA GLU C 349 -14.65 33.54 5.74
C GLU C 349 -15.48 33.77 7.00
N ILE C 350 -15.17 34.84 7.71
CA ILE C 350 -15.96 35.26 8.85
C ILE C 350 -16.46 36.67 8.59
N PRO C 351 -17.80 36.85 8.59
CA PRO C 351 -18.34 38.16 8.22
C PRO C 351 -18.00 39.27 9.21
N LEU C 352 -17.82 40.48 8.66
CA LEU C 352 -17.47 41.67 9.43
C LEU C 352 -18.14 42.85 8.75
N GLY C 353 -19.33 43.21 9.22
CA GLY C 353 -20.16 44.19 8.52
C GLY C 353 -20.33 43.73 7.07
N ASN C 354 -20.11 44.65 6.13
CA ASN C 354 -20.15 44.31 4.70
C ASN C 354 -18.83 43.75 4.19
N GLU C 355 -17.83 43.65 5.06
CA GLU C 355 -16.52 43.07 4.73
C GLU C 355 -16.40 41.68 5.37
N SER C 356 -15.20 41.10 5.34
CA SER C 356 -14.96 39.83 6.01
C SER C 356 -13.51 39.68 6.46
N VAL C 357 -13.29 38.66 7.30
CA VAL C 357 -11.96 38.32 7.79
C VAL C 357 -11.70 36.86 7.46
N ILE C 358 -10.53 36.56 6.91
CA ILE C 358 -10.17 35.20 6.54
C ILE C 358 -9.43 34.55 7.71
N PRO C 359 -9.98 33.47 8.26
CA PRO C 359 -9.32 32.84 9.40
C PRO C 359 -8.15 31.95 9.00
N PHE C 360 -7.29 31.70 9.98
CA PHE C 360 -6.23 30.72 9.89
C PHE C 360 -6.80 29.35 9.51
N LEU C 361 -6.16 28.69 8.55
CA LEU C 361 -6.59 27.36 8.08
C LEU C 361 -8.00 27.36 7.50
N ALA C 362 -8.39 28.49 6.87
CA ALA C 362 -9.69 28.63 6.25
C ALA C 362 -10.01 27.44 5.34
N GLY C 363 -11.20 26.85 5.54
CA GLY C 363 -11.67 25.75 4.71
C GLY C 363 -11.05 24.39 5.01
N GLN C 364 -10.10 24.33 5.94
CA GLN C 364 -9.45 23.08 6.28
C GLN C 364 -10.14 22.40 7.47
N THR C 365 -9.85 21.11 7.62
CA THR C 365 -10.46 20.29 8.67
C THR C 365 -9.41 19.96 9.72
N LEU C 366 -9.65 20.41 10.95
CA LEU C 366 -8.78 20.09 12.09
C LEU C 366 -9.24 18.76 12.69
N ASN C 367 -8.31 18.00 13.25
CA ASN C 367 -8.61 16.71 13.85
C ASN C 367 -9.18 16.83 15.26
N TRP C 368 -8.97 17.99 15.89
CA TRP C 368 -9.41 18.23 17.26
C TRP C 368 -10.48 19.32 17.35
N SER C 369 -11.40 19.16 18.30
CA SER C 369 -12.43 20.15 18.61
C SER C 369 -12.42 20.42 20.10
N VAL C 370 -13.10 21.48 20.51
CA VAL C 370 -13.28 21.80 21.92
C VAL C 370 -14.71 21.47 22.31
N LYS C 371 -14.90 20.75 23.43
CA LYS C 371 -16.25 20.49 23.97
C LYS C 371 -16.72 21.66 24.83
N PRO D 29 18.69 68.85 -20.86
CA PRO D 29 18.99 67.75 -19.93
C PRO D 29 19.91 66.69 -20.55
N GLN D 30 20.58 65.92 -19.71
CA GLN D 30 21.49 64.88 -20.19
C GLN D 30 20.75 63.94 -21.15
N THR D 31 21.38 63.64 -22.28
CA THR D 31 20.84 62.70 -23.26
C THR D 31 21.83 61.58 -23.54
N LEU D 32 21.31 60.45 -23.99
CA LEU D 32 22.11 59.29 -24.29
C LEU D 32 21.54 58.63 -25.53
N LYS D 33 22.34 58.56 -26.61
CA LYS D 33 21.94 57.90 -27.83
C LYS D 33 22.56 56.51 -27.83
N ILE D 34 21.73 55.48 -28.02
CA ILE D 34 22.21 54.11 -28.12
C ILE D 34 21.50 53.40 -29.27
N ARG D 35 22.09 52.32 -29.75
CA ARG D 35 21.43 51.46 -30.74
C ARG D 35 20.13 50.94 -30.19
N ARG D 36 19.16 50.75 -31.08
CA ARG D 36 17.84 50.27 -30.67
C ARG D 36 17.97 48.92 -29.99
N PRO D 37 17.40 48.78 -28.79
CA PRO D 37 17.55 47.55 -28.02
C PRO D 37 16.61 46.42 -28.44
N ASP D 38 16.86 45.25 -27.86
CA ASP D 38 15.99 44.08 -27.98
C ASP D 38 15.70 43.57 -26.57
N ASP D 39 14.60 42.83 -26.40
CA ASP D 39 14.23 42.25 -25.11
C ASP D 39 14.35 40.72 -25.21
N TRP D 40 15.41 40.17 -24.62
CA TRP D 40 15.75 38.76 -24.82
C TRP D 40 14.98 37.78 -23.90
N HIS D 41 13.90 38.26 -23.28
CA HIS D 41 13.06 37.42 -22.44
C HIS D 41 11.73 38.13 -22.13
N ILE D 42 10.65 37.74 -22.80
CA ILE D 42 9.37 38.37 -22.51
C ILE D 42 8.21 37.41 -22.62
N HIS D 43 7.15 37.69 -21.83
CA HIS D 43 5.87 37.02 -21.96
C HIS D 43 4.86 38.00 -22.53
N LEU D 44 4.34 37.67 -23.71
CA LEU D 44 3.33 38.50 -24.35
C LEU D 44 1.91 38.01 -24.09
N ARG D 45 1.77 36.83 -23.49
CA ARG D 45 0.47 36.21 -23.28
C ARG D 45 -0.29 36.10 -24.61
N ASP D 46 -1.61 36.22 -24.59
CA ASP D 46 -2.42 35.98 -25.77
C ASP D 46 -3.71 36.79 -25.71
N ASP D 47 -4.45 36.79 -26.83
CA ASP D 47 -5.78 37.39 -26.89
C ASP D 47 -5.75 38.87 -26.47
N GLU D 48 -6.66 39.30 -25.61
CA GLU D 48 -6.76 40.73 -25.27
C GLU D 48 -5.53 41.23 -24.50
N MET D 49 -4.94 40.38 -23.67
CA MET D 49 -3.73 40.74 -22.91
C MET D 49 -2.60 41.04 -23.88
N LEU D 50 -2.39 40.16 -24.86
CA LEU D 50 -1.40 40.38 -25.91
C LEU D 50 -1.56 41.73 -26.59
N SER D 51 -2.80 42.06 -27.00
CA SER D 51 -3.07 43.33 -27.67
C SER D 51 -2.72 44.53 -26.79
N THR D 52 -2.99 44.40 -25.50
CA THR D 52 -2.77 45.49 -24.56
C THR D 52 -1.29 45.67 -24.19
N VAL D 53 -0.55 44.59 -24.01
CA VAL D 53 0.82 44.69 -23.47
C VAL D 53 1.91 44.84 -24.53
N LEU D 54 1.70 44.26 -25.71
CA LEU D 54 2.73 44.28 -26.76
C LEU D 54 3.20 45.68 -27.13
N PRO D 55 2.28 46.63 -27.31
CA PRO D 55 2.69 47.99 -27.72
C PRO D 55 3.76 48.62 -26.83
N TYR D 56 3.73 48.34 -25.54
CA TYR D 56 4.74 48.88 -24.63
C TYR D 56 6.13 48.37 -24.99
N THR D 57 6.21 47.15 -25.50
CA THR D 57 7.47 46.57 -25.94
C THR D 57 7.85 47.01 -27.37
N SER D 58 6.90 46.91 -28.30
CA SER D 58 7.17 47.16 -29.73
C SER D 58 7.53 48.63 -30.02
N GLU D 59 7.10 49.53 -29.15
CA GLU D 59 7.42 50.95 -29.25
C GLU D 59 8.93 51.21 -29.16
N VAL D 60 9.62 50.41 -28.33
CA VAL D 60 11.02 50.63 -27.99
C VAL D 60 11.96 49.55 -28.54
N PHE D 61 11.56 48.29 -28.40
CA PHE D 61 12.41 47.16 -28.75
C PHE D 61 12.11 46.66 -30.17
N ALA D 62 13.16 46.40 -30.93
CA ALA D 62 13.01 45.92 -32.31
C ALA D 62 12.64 44.44 -32.37
N ARG D 63 13.20 43.66 -31.46
CA ARG D 63 12.95 42.22 -31.38
C ARG D 63 12.75 41.83 -29.94
N ALA D 64 12.06 40.71 -29.72
CA ALA D 64 11.97 40.11 -28.40
C ALA D 64 11.86 38.58 -28.48
N ILE D 65 12.51 37.92 -27.54
CA ILE D 65 12.38 36.47 -27.36
C ILE D 65 11.05 36.24 -26.66
N VAL D 66 10.14 35.58 -27.35
CA VAL D 66 8.79 35.39 -26.86
C VAL D 66 8.66 33.99 -26.24
N MET D 67 8.41 33.97 -24.94
CA MET D 67 8.37 32.72 -24.21
C MET D 67 7.12 31.92 -24.59
N PRO D 68 7.19 30.60 -24.44
CA PRO D 68 6.19 29.70 -24.99
C PRO D 68 5.18 29.16 -23.98
N ASN D 69 5.13 29.72 -22.77
CA ASN D 69 4.31 29.15 -21.70
C ASN D 69 2.88 29.69 -21.68
N LEU D 70 2.16 29.48 -22.78
CA LEU D 70 0.74 29.78 -22.82
C LEU D 70 -0.03 28.66 -22.14
N ALA D 71 -1.33 28.87 -21.96
CA ALA D 71 -2.22 27.86 -21.37
C ALA D 71 -2.02 26.50 -22.06
N GLN D 72 -1.99 26.51 -23.40
CA GLN D 72 -1.51 25.37 -24.18
C GLN D 72 -0.13 25.73 -24.67
N PRO D 73 0.91 25.10 -24.10
CA PRO D 73 2.28 25.52 -24.43
C PRO D 73 2.66 25.34 -25.90
N ILE D 74 3.56 26.19 -26.37
CA ILE D 74 4.01 26.17 -27.75
C ILE D 74 5.05 25.07 -27.92
N THR D 75 4.62 23.90 -28.40
CA THR D 75 5.48 22.72 -28.54
C THR D 75 5.60 22.20 -29.97
N THR D 76 4.91 22.85 -30.92
CA THR D 76 4.97 22.45 -32.32
C THR D 76 5.26 23.65 -33.19
N VAL D 77 5.79 23.39 -34.38
CA VAL D 77 6.03 24.44 -35.37
C VAL D 77 4.70 25.14 -35.72
N ALA D 78 3.67 24.34 -35.94
CA ALA D 78 2.35 24.86 -36.32
C ALA D 78 1.81 25.86 -35.30
N SER D 79 1.88 25.52 -34.01
CA SER D 79 1.35 26.39 -32.97
C SER D 79 2.21 27.66 -32.83
N ALA D 80 3.51 27.53 -33.07
CA ALA D 80 4.43 28.67 -33.04
C ALA D 80 4.15 29.65 -34.20
N ILE D 81 3.92 29.12 -35.38
CA ILE D 81 3.56 29.96 -36.53
C ILE D 81 2.27 30.73 -36.25
N ALA D 82 1.26 30.02 -35.72
CA ALA D 82 -0.02 30.64 -35.42
C ALA D 82 0.12 31.76 -34.37
N TYR D 83 0.90 31.50 -33.32
CA TYR D 83 1.11 32.48 -32.26
C TYR D 83 1.88 33.69 -32.80
N ARG D 84 2.90 33.44 -33.61
CA ARG D 84 3.63 34.53 -34.26
C ARG D 84 2.70 35.43 -35.07
N GLU D 85 1.78 34.83 -35.82
CA GLU D 85 0.80 35.60 -36.59
C GLU D 85 -0.10 36.47 -35.71
N ARG D 86 -0.53 35.92 -34.57
CA ARG D 86 -1.37 36.69 -33.64
C ARG D 86 -0.60 37.87 -33.06
N ILE D 87 0.69 37.67 -32.80
CA ILE D 87 1.56 38.73 -32.28
C ILE D 87 1.73 39.82 -33.32
N LEU D 88 2.06 39.43 -34.55
CA LEU D 88 2.26 40.40 -35.62
C LEU D 88 0.99 41.22 -35.88
N ALA D 89 -0.18 40.59 -35.77
CA ALA D 89 -1.46 41.30 -35.92
C ALA D 89 -1.70 42.34 -34.81
N ALA D 90 -1.09 42.14 -33.65
CA ALA D 90 -1.21 43.07 -32.53
C ALA D 90 -0.20 44.21 -32.54
N VAL D 91 0.79 44.14 -33.44
CA VAL D 91 1.77 45.23 -33.54
C VAL D 91 1.10 46.49 -34.10
N PRO D 92 1.16 47.60 -33.35
CA PRO D 92 0.53 48.84 -33.85
C PRO D 92 1.18 49.33 -35.14
N ALA D 93 0.38 49.99 -35.98
CA ALA D 93 0.90 50.54 -37.21
C ALA D 93 1.97 51.57 -36.88
N GLY D 94 3.09 51.52 -37.60
CA GLY D 94 4.19 52.45 -37.34
C GLY D 94 5.26 51.93 -36.38
N HIS D 95 4.99 50.82 -35.70
CA HIS D 95 6.01 50.11 -34.93
C HIS D 95 6.74 49.12 -35.81
N LYS D 96 8.04 48.97 -35.61
CA LYS D 96 8.83 47.94 -36.28
C LYS D 96 9.21 46.93 -35.21
N PHE D 97 8.62 45.74 -35.29
CA PHE D 97 8.83 44.70 -34.29
C PHE D 97 8.76 43.31 -34.91
N THR D 98 9.69 42.45 -34.48
CA THR D 98 9.74 41.06 -34.92
C THR D 98 9.83 40.15 -33.70
N PRO D 99 8.83 39.26 -33.52
CA PRO D 99 8.95 38.31 -32.42
C PRO D 99 9.86 37.14 -32.79
N LEU D 100 10.73 36.78 -31.87
CA LEU D 100 11.59 35.61 -32.01
C LEU D 100 10.95 34.50 -31.18
N MET D 101 10.45 33.45 -31.84
CA MET D 101 9.66 32.43 -31.15
C MET D 101 10.54 31.37 -30.47
N THR D 102 9.96 30.72 -29.46
CA THR D 102 10.64 29.66 -28.74
C THR D 102 9.77 28.43 -28.63
N CYS D 103 10.43 27.28 -28.53
CA CYS D 103 9.78 26.00 -28.31
C CYS D 103 9.84 25.61 -26.84
N TYR D 104 8.69 25.22 -26.30
CA TYR D 104 8.57 24.76 -24.92
C TYR D 104 8.99 23.30 -24.87
N LEU D 105 10.10 23.02 -24.20
CA LEU D 105 10.59 21.66 -24.12
C LEU D 105 9.72 20.80 -23.21
N THR D 106 9.50 19.56 -23.61
CA THR D 106 8.78 18.58 -22.79
C THR D 106 9.50 17.25 -22.80
N ASN D 107 9.09 16.34 -21.93
CA ASN D 107 9.69 15.01 -21.87
C ASN D 107 9.39 14.16 -23.11
N SER D 108 8.28 14.44 -23.77
CA SER D 108 7.84 13.67 -24.94
C SER D 108 8.07 14.38 -26.27
N LEU D 109 8.67 15.56 -26.25
CA LEU D 109 8.91 16.36 -27.46
C LEU D 109 9.77 15.61 -28.47
N ASP D 110 9.33 15.63 -29.74
CA ASP D 110 10.06 14.99 -30.83
C ASP D 110 11.17 15.91 -31.31
N ALA D 111 12.38 15.37 -31.41
CA ALA D 111 13.54 16.14 -31.85
C ALA D 111 13.41 16.72 -33.27
N LYS D 112 12.77 15.99 -34.18
CA LYS D 112 12.52 16.47 -35.56
C LYS D 112 11.72 17.78 -35.57
N GLU D 113 10.73 17.88 -34.68
CA GLU D 113 9.92 19.09 -34.54
C GLU D 113 10.77 20.31 -34.17
N LEU D 114 11.74 20.08 -33.30
CA LEU D 114 12.67 21.12 -32.85
C LEU D 114 13.64 21.49 -33.98
N THR D 115 14.17 20.48 -34.64
CA THR D 115 15.16 20.66 -35.70
C THR D 115 14.59 21.41 -36.90
N THR D 116 13.42 21.01 -37.39
CA THR D 116 12.86 21.63 -38.59
C THR D 116 12.35 23.03 -38.26
N GLY D 117 11.84 23.21 -37.04
CA GLY D 117 11.44 24.52 -36.58
C GLY D 117 12.59 25.52 -36.57
N PHE D 118 13.76 25.05 -36.17
CA PHE D 118 14.94 25.89 -36.13
C PHE D 118 15.44 26.21 -37.54
N GLU D 119 15.44 25.20 -38.41
CA GLU D 119 15.93 25.37 -39.78
C GLU D 119 14.99 26.19 -40.65
N GLN D 120 13.69 26.14 -40.36
CA GLN D 120 12.69 26.98 -41.04
C GLN D 120 12.65 28.43 -40.52
N GLY D 121 13.40 28.73 -39.46
CA GLY D 121 13.40 30.07 -38.89
C GLY D 121 12.20 30.38 -38.00
N VAL D 122 11.44 29.35 -37.63
CA VAL D 122 10.28 29.52 -36.77
C VAL D 122 10.74 29.65 -35.32
N PHE D 123 11.52 28.68 -34.85
CA PHE D 123 12.10 28.73 -33.52
C PHE D 123 13.48 29.38 -33.55
N THR D 124 13.66 30.39 -32.72
CA THR D 124 14.97 30.99 -32.50
C THR D 124 15.72 30.24 -31.39
N ALA D 125 14.96 29.65 -30.47
CA ALA D 125 15.53 28.93 -29.33
C ALA D 125 14.51 28.00 -28.70
N ALA D 126 14.97 27.16 -27.77
CA ALA D 126 14.08 26.29 -27.00
C ALA D 126 14.22 26.65 -25.54
N LEU D 128 13.64 25.68 -21.50
CA LEU D 128 13.51 24.64 -20.49
C LEU D 128 12.85 25.17 -19.22
N TYR D 129 11.65 24.67 -18.93
CA TYR D 129 10.97 24.88 -17.64
C TYR D 129 11.00 23.58 -16.85
N PRO D 130 11.63 23.59 -15.68
CA PRO D 130 11.44 22.45 -14.79
C PRO D 130 9.98 22.35 -14.40
N ALA D 131 9.45 21.13 -14.40
CA ALA D 131 8.05 20.89 -14.14
C ALA D 131 7.60 21.52 -12.82
N ASN D 132 6.55 22.35 -12.90
CA ASN D 132 5.93 23.06 -11.76
C ASN D 132 6.77 24.18 -11.14
N ALA D 133 7.81 24.62 -11.84
CA ALA D 133 8.69 25.69 -11.36
C ALA D 133 8.01 27.04 -11.35
N THR D 134 7.11 27.25 -12.31
CA THR D 134 6.49 28.56 -12.49
C THR D 134 5.12 28.51 -13.18
N THR D 135 4.68 29.66 -13.69
CA THR D 135 3.43 29.83 -14.45
C THR D 135 3.37 28.92 -15.68
N ASN D 136 2.26 28.17 -15.80
CA ASN D 136 1.99 27.28 -16.95
C ASN D 136 3.16 26.32 -17.22
N SER D 137 3.60 25.64 -16.16
CA SER D 137 4.75 24.74 -16.22
C SER D 137 4.42 23.27 -15.84
N THR D 138 3.14 22.92 -15.77
CA THR D 138 2.75 21.55 -15.43
C THR D 138 3.19 20.53 -16.48
N HIS D 139 3.33 20.99 -17.73
CA HIS D 139 3.84 20.16 -18.82
C HIS D 139 5.36 20.28 -19.04
N GLY D 140 6.05 20.95 -18.11
CA GLY D 140 7.49 21.09 -18.22
C GLY D 140 8.26 19.77 -18.02
N VAL D 141 9.57 19.86 -18.05
CA VAL D 141 10.45 18.70 -17.98
C VAL D 141 10.67 18.27 -16.53
N SER D 142 10.34 17.01 -16.23
CA SER D 142 10.44 16.49 -14.86
C SER D 142 11.83 15.91 -14.53
N ASP D 143 12.41 15.14 -15.44
CA ASP D 143 13.73 14.50 -15.17
C ASP D 143 14.69 14.96 -16.24
N ILE D 144 15.39 16.04 -15.98
CA ILE D 144 16.07 16.81 -17.02
C ILE D 144 17.12 16.00 -17.82
N PRO D 145 17.94 15.18 -17.15
CA PRO D 145 18.85 14.33 -17.92
C PRO D 145 18.22 13.39 -18.95
N ALA D 146 16.94 13.08 -18.81
CA ALA D 146 16.25 12.22 -19.77
C ALA D 146 16.14 12.85 -21.17
N ILE D 147 16.16 14.18 -21.25
CA ILE D 147 16.09 14.86 -22.55
C ILE D 147 17.45 15.33 -23.07
N TYR D 148 18.52 14.76 -22.53
CA TYR D 148 19.86 14.97 -23.07
C TYR D 148 19.94 14.75 -24.60
N PRO D 149 19.21 13.75 -25.13
CA PRO D 149 19.25 13.60 -26.59
C PRO D 149 18.76 14.83 -27.36
N LEU D 150 17.84 15.61 -26.79
CA LEU D 150 17.44 16.89 -27.40
C LEU D 150 18.56 17.90 -27.38
N PHE D 151 19.25 18.01 -26.24
CA PHE D 151 20.36 18.95 -26.12
C PHE D 151 21.45 18.60 -27.13
N GLU D 152 21.71 17.31 -27.30
CA GLU D 152 22.70 16.86 -28.29
C GLU D 152 22.36 17.36 -29.68
N GLN D 153 21.09 17.24 -30.04
CA GLN D 153 20.62 17.70 -31.35
C GLN D 153 20.73 19.23 -31.44
N MET D 154 20.34 19.93 -30.38
CA MET D 154 20.45 21.38 -30.34
C MET D 154 21.90 21.84 -30.49
N GLN D 155 22.81 21.16 -29.81
CA GLN D 155 24.23 21.47 -29.89
C GLN D 155 24.71 21.32 -31.32
N LYS D 156 24.33 20.21 -31.94
CA LYS D 156 24.73 19.90 -33.31
C LYS D 156 24.31 20.99 -34.31
N ILE D 157 23.07 21.47 -34.19
CA ILE D 157 22.51 22.44 -35.14
C ILE D 157 22.74 23.91 -34.77
N GLY D 158 23.21 24.17 -33.56
CA GLY D 158 23.48 25.55 -33.12
C GLY D 158 22.28 26.29 -32.55
N MET D 159 21.32 25.54 -32.02
CA MET D 159 20.12 26.14 -31.42
C MET D 159 20.37 26.42 -29.94
N PRO D 160 20.13 27.67 -29.51
CA PRO D 160 20.35 27.98 -28.09
C PRO D 160 19.30 27.39 -27.15
N LEU D 161 19.74 27.01 -25.96
CA LEU D 161 18.88 26.51 -24.90
C LEU D 161 18.70 27.60 -23.85
N LEU D 162 17.47 28.01 -23.61
CA LEU D 162 17.16 29.01 -22.57
C LEU D 162 16.63 28.26 -21.37
N ILE D 163 17.10 28.61 -20.17
CA ILE D 163 16.77 27.85 -18.98
C ILE D 163 16.21 28.70 -17.85
N HIS D 164 15.05 28.29 -17.34
CA HIS D 164 14.55 28.80 -16.07
C HIS D 164 15.21 27.91 -15.02
N GLY D 165 16.26 28.41 -14.38
CA GLY D 165 17.13 27.58 -13.55
C GLY D 165 16.78 27.49 -12.08
N GLU D 166 15.78 26.68 -11.77
CA GLU D 166 15.39 26.43 -10.38
C GLU D 166 15.01 24.96 -10.21
N VAL D 167 15.52 24.33 -9.15
CA VAL D 167 15.02 23.01 -8.77
C VAL D 167 13.64 23.19 -8.16
N THR D 168 12.87 22.10 -8.08
CA THR D 168 11.49 22.17 -7.59
C THR D 168 11.22 21.26 -6.39
N ASP D 169 12.25 20.54 -5.95
CA ASP D 169 12.15 19.65 -4.79
C ASP D 169 11.54 20.41 -3.60
N ALA D 170 10.48 19.84 -3.01
CA ALA D 170 9.74 20.49 -1.94
C ALA D 170 10.57 20.73 -0.68
N ALA D 171 11.58 19.90 -0.46
CA ALA D 171 12.48 20.05 0.68
C ALA D 171 13.50 21.18 0.52
N VAL D 172 13.61 21.75 -0.67
CA VAL D 172 14.55 22.86 -0.90
C VAL D 172 13.84 24.19 -0.71
N ASP D 173 14.41 25.01 0.17
CA ASP D 173 13.86 26.34 0.45
C ASP D 173 13.87 27.18 -0.82
N ILE D 174 12.82 27.96 -1.00
CA ILE D 174 12.62 28.69 -2.24
C ILE D 174 13.79 29.60 -2.61
N PHE D 175 14.43 30.19 -1.60
CA PHE D 175 15.55 31.10 -1.83
C PHE D 175 16.84 30.38 -2.24
N ASP D 176 16.88 29.05 -2.05
CA ASP D 176 18.04 28.22 -2.39
C ASP D 176 17.91 27.52 -3.75
N ARG D 177 16.76 27.64 -4.40
CA ARG D 177 16.49 26.80 -5.56
C ARG D 177 17.35 27.11 -6.78
N GLU D 178 17.73 28.38 -6.96
CA GLU D 178 18.58 28.74 -8.07
C GLU D 178 19.99 28.17 -7.90
N ALA D 179 20.56 28.34 -6.70
CA ALA D 179 21.90 27.84 -6.41
C ALA D 179 22.02 26.33 -6.58
N ARG D 180 21.00 25.59 -6.11
CA ARG D 180 21.00 24.14 -6.27
C ARG D 180 20.98 23.75 -7.73
N PHE D 181 20.21 24.49 -8.54
CA PHE D 181 20.11 24.21 -9.96
C PHE D 181 21.48 24.24 -10.64
N ILE D 182 22.30 25.22 -10.27
CA ILE D 182 23.60 25.40 -10.90
C ILE D 182 24.46 24.14 -10.78
N ASP D 183 24.58 23.62 -9.56
CA ASP D 183 25.44 22.45 -9.31
C ASP D 183 24.82 21.17 -9.80
N GLN D 184 23.51 21.01 -9.61
CA GLN D 184 22.83 19.75 -9.83
C GLN D 184 22.42 19.52 -11.27
N ILE D 185 22.04 20.57 -11.98
CA ILE D 185 21.51 20.45 -13.33
C ILE D 185 22.35 21.14 -14.41
N LEU D 186 22.69 22.41 -14.18
CA LEU D 186 23.37 23.20 -15.21
C LEU D 186 24.79 22.77 -15.48
N GLU D 187 25.57 22.58 -14.42
CA GLU D 187 26.98 22.19 -14.57
C GLU D 187 27.10 20.87 -15.33
N PRO D 188 26.29 19.84 -14.97
CA PRO D 188 26.38 18.60 -15.76
C PRO D 188 26.03 18.78 -17.24
N ILE D 189 25.03 19.60 -17.54
CA ILE D 189 24.71 19.91 -18.94
C ILE D 189 25.90 20.53 -19.65
N ARG D 190 26.56 21.48 -18.99
CA ARG D 190 27.69 22.16 -19.61
CA ARG D 190 27.69 22.16 -19.61
C ARG D 190 28.91 21.27 -19.77
N GLN D 191 29.12 20.34 -18.83
CA GLN D 191 30.18 19.35 -18.96
C GLN D 191 29.95 18.42 -20.16
N LYS D 192 28.71 17.97 -20.35
CA LYS D 192 28.41 17.03 -21.42
C LYS D 192 28.27 17.70 -22.80
N PHE D 193 27.74 18.92 -22.83
CA PHE D 193 27.51 19.65 -24.08
C PHE D 193 28.25 21.00 -24.06
N PRO D 194 29.58 20.96 -24.20
CA PRO D 194 30.40 22.17 -24.02
C PRO D 194 30.22 23.25 -25.09
N GLU D 195 29.64 22.89 -26.23
CA GLU D 195 29.42 23.88 -27.32
C GLU D 195 27.94 24.21 -27.52
N LEU D 196 27.10 23.84 -26.55
CA LEU D 196 25.69 24.22 -26.55
C LEU D 196 25.56 25.62 -26.03
N LYS D 197 24.90 26.48 -26.78
CA LYS D 197 24.64 27.85 -26.33
C LYS D 197 23.52 27.82 -25.31
N ILE D 198 23.79 28.36 -24.13
CA ILE D 198 22.86 28.33 -23.03
C ILE D 198 22.67 29.73 -22.46
N VAL D 199 21.43 30.16 -22.34
CA VAL D 199 21.14 31.38 -21.60
C VAL D 199 20.56 31.00 -20.26
N PHE D 200 21.24 31.42 -19.21
CA PHE D 200 20.76 31.28 -17.87
C PHE D 200 19.82 32.47 -17.68
N GLU D 201 18.53 32.24 -17.85
CA GLU D 201 17.56 33.33 -17.83
C GLU D 201 17.37 33.93 -16.44
N HIS D 202 17.04 35.22 -16.43
CA HIS D 202 16.76 36.00 -15.22
C HIS D 202 17.49 35.55 -13.96
N ILE D 203 18.80 35.75 -13.95
CA ILE D 203 19.58 35.36 -12.79
C ILE D 203 19.28 36.30 -11.63
N THR D 204 19.36 35.74 -10.44
CA THR D 204 19.01 36.44 -9.22
C THR D 204 20.04 36.31 -8.10
N THR D 205 21.09 35.53 -8.30
CA THR D 205 22.04 35.25 -7.21
C THR D 205 23.47 35.56 -7.59
N LYS D 206 24.26 35.89 -6.58
CA LYS D 206 25.71 35.91 -6.66
C LYS D 206 26.27 34.59 -7.19
N ASP D 207 25.65 33.48 -6.78
CA ASP D 207 26.07 32.15 -7.26
C ASP D 207 26.00 32.11 -8.78
N ALA D 208 24.88 32.58 -9.34
CA ALA D 208 24.68 32.59 -10.78
C ALA D 208 25.60 33.59 -11.47
N ALA D 209 25.70 34.78 -10.91
CA ALA D 209 26.58 35.81 -11.47
C ALA D 209 28.02 35.31 -11.58
N ASP D 210 28.54 34.76 -10.49
CA ASP D 210 29.91 34.22 -10.45
C ASP D 210 30.09 33.07 -11.44
N TYR D 211 29.09 32.21 -11.53
CA TYR D 211 29.15 31.05 -12.40
C TYR D 211 29.20 31.48 -13.87
N VAL D 212 28.37 32.45 -14.23
CA VAL D 212 28.35 32.98 -15.59
C VAL D 212 29.65 33.70 -15.92
N LEU D 213 30.14 34.52 -14.99
CA LEU D 213 31.41 35.23 -15.18
C LEU D 213 32.58 34.30 -15.38
N ALA D 214 32.54 33.14 -14.72
CA ALA D 214 33.60 32.12 -14.82
C ALA D 214 33.41 31.12 -15.97
N GLY D 215 32.39 31.34 -16.80
CA GLY D 215 32.10 30.46 -17.92
C GLY D 215 32.91 30.80 -19.17
N ASN D 216 32.26 30.67 -20.32
CA ASN D 216 32.87 30.94 -21.62
C ASN D 216 31.82 31.54 -22.55
N ARG D 217 32.13 31.67 -23.84
CA ARG D 217 31.22 32.33 -24.76
C ARG D 217 29.91 31.58 -25.02
N PHE D 218 29.83 30.32 -24.60
CA PHE D 218 28.63 29.52 -24.77
C PHE D 218 27.62 29.65 -23.61
N LEU D 219 27.95 30.44 -22.60
CA LEU D 219 27.04 30.68 -21.47
C LEU D 219 26.78 32.15 -21.28
N GLY D 220 25.51 32.53 -21.38
CA GLY D 220 25.08 33.91 -21.18
C GLY D 220 23.98 33.98 -20.16
N ALA D 221 23.53 35.19 -19.87
CA ALA D 221 22.45 35.38 -18.90
C ALA D 221 21.67 36.66 -19.16
N THR D 222 20.39 36.64 -18.85
CA THR D 222 19.57 37.85 -18.85
C THR D 222 19.35 38.32 -17.43
N VAL D 223 19.18 39.61 -17.26
CA VAL D 223 18.91 40.19 -15.96
C VAL D 223 17.76 41.18 -16.07
N THR D 224 16.80 41.06 -15.16
CA THR D 224 15.61 41.90 -15.17
C THR D 224 15.87 43.21 -14.44
N PRO D 225 14.99 44.20 -14.66
CA PRO D 225 15.17 45.43 -13.90
C PRO D 225 14.85 45.26 -12.42
N GLN D 226 13.84 44.44 -12.09
CA GLN D 226 13.45 44.29 -10.69
C GLN D 226 14.55 43.62 -9.83
N HIS D 227 15.28 42.68 -10.40
CA HIS D 227 16.36 42.01 -9.65
C HIS D 227 17.58 42.90 -9.49
N LEU D 228 17.71 43.92 -10.35
CA LEU D 228 18.73 44.93 -10.17
C LEU D 228 18.31 46.02 -9.18
N MET D 229 17.04 46.40 -9.22
CA MET D 229 16.55 47.54 -8.43
C MET D 229 16.18 47.17 -7.00
N PHE D 230 15.79 45.93 -6.78
CA PHE D 230 15.21 45.54 -5.50
C PHE D 230 15.78 44.24 -4.95
N ASN D 231 15.53 44.01 -3.67
CA ASN D 231 15.79 42.75 -3.01
C ASN D 231 14.54 42.35 -2.21
N ARG D 232 14.59 41.20 -1.55
CA ARG D 232 13.41 40.66 -0.90
C ARG D 232 12.85 41.54 0.21
N ASN D 233 13.67 42.39 0.83
CA ASN D 233 13.15 43.35 1.81
C ASN D 233 12.09 44.28 1.22
N HIS D 234 12.24 44.64 -0.04
CA HIS D 234 11.26 45.53 -0.70
C HIS D 234 9.90 44.88 -0.86
N MET D 235 9.89 43.55 -0.96
CA MET D 235 8.65 42.79 -1.08
C MET D 235 7.96 42.53 0.26
N LEU D 236 8.71 42.59 1.36
CA LEU D 236 8.21 42.07 2.64
C LEU D 236 8.27 43.00 3.85
N VAL D 237 9.16 44.00 3.85
CA VAL D 237 9.28 44.89 5.00
C VAL D 237 8.16 45.92 4.99
N GLY D 238 7.45 46.03 6.11
CA GLY D 238 6.35 46.99 6.23
C GLY D 238 5.07 46.61 5.51
N GLY D 239 5.01 45.40 4.98
CA GLY D 239 3.87 44.93 4.22
C GLY D 239 4.29 43.99 3.13
N ILE D 240 3.35 43.17 2.65
CA ILE D 240 3.66 42.18 1.63
C ILE D 240 3.16 42.69 0.28
N ARG D 241 4.05 42.70 -0.72
CA ARG D 241 3.81 43.43 -1.98
C ARG D 241 3.83 42.49 -3.17
N PRO D 242 2.65 41.97 -3.55
CA PRO D 242 2.63 40.92 -4.58
C PRO D 242 3.06 41.39 -5.95
N HIS D 243 3.05 42.69 -6.22
CA HIS D 243 3.53 43.19 -7.51
C HIS D 243 5.05 43.15 -7.65
N LEU D 244 5.76 42.82 -6.56
CA LEU D 244 7.19 42.50 -6.63
C LEU D 244 7.47 41.01 -6.56
N PHE D 245 6.40 40.21 -6.46
CA PHE D 245 6.55 38.76 -6.43
C PHE D 245 6.68 38.23 -7.84
N CYS D 246 7.82 37.57 -8.10
CA CYS D 246 8.11 36.96 -9.40
C CYS D 246 8.95 35.74 -9.16
N LEU D 247 9.12 34.94 -10.19
CA LEU D 247 9.99 33.76 -10.12
C LEU D 247 11.10 33.95 -11.12
N PRO D 248 12.36 33.71 -10.74
CA PRO D 248 12.81 33.34 -9.40
C PRO D 248 12.65 34.50 -8.46
N ILE D 249 12.43 34.18 -7.19
CA ILE D 249 12.09 35.16 -6.20
C ILE D 249 13.24 36.15 -5.93
N LEU D 250 12.88 37.38 -5.57
CA LEU D 250 13.87 38.36 -5.15
C LEU D 250 14.68 37.81 -3.99
N LYS D 251 15.99 38.02 -4.05
CA LYS D 251 16.90 37.44 -3.07
C LYS D 251 17.35 38.51 -2.08
N ARG D 252 18.22 38.13 -1.14
CA ARG D 252 18.72 39.10 -0.18
C ARG D 252 19.66 40.12 -0.86
N SER D 253 19.90 41.24 -0.18
CA SER D 253 20.64 42.37 -0.73
C SER D 253 22.03 42.00 -1.25
N THR D 254 22.69 41.06 -0.58
CA THR D 254 23.99 40.55 -1.02
C THR D 254 23.96 40.11 -2.47
N HIS D 255 22.91 39.38 -2.84
CA HIS D 255 22.79 38.86 -4.19
C HIS D 255 22.47 39.97 -5.17
N GLN D 256 21.58 40.88 -4.78
CA GLN D 256 21.26 42.05 -5.58
C GLN D 256 22.53 42.81 -5.94
N GLN D 257 23.39 43.04 -4.96
CA GLN D 257 24.64 43.78 -5.18
C GLN D 257 25.59 43.07 -6.14
N ALA D 258 25.63 41.73 -6.08
CA ALA D 258 26.44 40.96 -7.01
C ALA D 258 25.96 41.10 -8.45
N LEU D 259 24.64 41.10 -8.65
CA LEU D 259 24.08 41.27 -9.99
C LEU D 259 24.43 42.64 -10.53
N ARG D 260 24.27 43.66 -9.70
CA ARG D 260 24.59 45.02 -10.07
C ARG D 260 26.05 45.17 -10.47
N ALA D 261 26.95 44.55 -9.71
CA ALA D 261 28.38 44.61 -10.01
C ALA D 261 28.70 43.87 -11.30
N ALA D 262 28.00 42.76 -11.54
CA ALA D 262 28.18 41.98 -12.76
C ALA D 262 27.87 42.78 -14.03
N VAL D 263 26.71 43.45 -14.06
CA VAL D 263 26.33 44.22 -15.25
C VAL D 263 27.17 45.50 -15.37
N ALA D 264 27.54 46.09 -14.24
CA ALA D 264 28.36 47.30 -14.20
C ALA D 264 29.80 47.06 -14.66
N SER D 265 30.26 45.81 -14.55
CA SER D 265 31.59 45.44 -15.02
C SER D 265 31.72 45.56 -16.55
N GLY D 266 30.60 45.53 -17.24
CA GLY D 266 30.59 45.58 -18.70
C GLY D 266 30.78 44.25 -19.36
N SER D 267 30.78 43.18 -18.58
CA SER D 267 30.89 41.83 -19.14
C SER D 267 29.84 41.64 -20.22
N ASP D 268 30.25 41.03 -21.33
CA ASP D 268 29.37 40.79 -22.47
C ASP D 268 28.51 39.52 -22.32
N ARG D 269 28.58 38.89 -21.15
CA ARG D 269 27.83 37.66 -20.90
C ARG D 269 26.43 37.97 -20.42
N PHE D 270 26.16 39.23 -20.06
CA PHE D 270 24.84 39.64 -19.58
C PHE D 270 24.17 40.55 -20.60
N PHE D 271 22.86 40.33 -20.77
CA PHE D 271 22.07 41.19 -21.66
C PHE D 271 20.65 41.37 -21.14
N LEU D 272 19.98 42.35 -21.71
CA LEU D 272 18.64 42.76 -21.30
C LEU D 272 17.60 41.68 -21.57
N GLY D 273 16.91 41.27 -20.51
CA GLY D 273 15.74 40.41 -20.60
C GLY D 273 14.84 40.78 -19.46
N THR D 274 13.68 41.37 -19.77
CA THR D 274 12.82 41.93 -18.75
C THR D 274 12.08 40.87 -17.92
N ASP D 275 11.77 39.76 -18.57
CA ASP D 275 10.82 38.78 -18.04
C ASP D 275 9.52 39.48 -17.66
N SER D 276 9.09 40.42 -18.49
CA SER D 276 7.78 41.04 -18.32
C SER D 276 6.77 39.90 -18.34
N ALA D 277 5.98 39.81 -17.27
CA ALA D 277 5.08 38.70 -17.05
C ALA D 277 3.77 39.22 -16.45
N PRO D 278 2.92 39.80 -17.29
CA PRO D 278 1.72 40.46 -16.80
C PRO D 278 0.60 39.51 -16.37
N HIS D 279 -0.06 39.88 -15.26
CA HIS D 279 -1.28 39.25 -14.83
C HIS D 279 -2.27 40.34 -14.45
N ALA D 280 -3.54 40.04 -14.58
CA ALA D 280 -4.57 40.94 -14.12
C ALA D 280 -4.41 41.22 -12.63
N LYS D 281 -4.76 42.44 -12.24
CA LYS D 281 -4.68 42.88 -10.86
C LYS D 281 -5.29 41.87 -9.89
N HIS D 282 -6.47 41.35 -10.22
CA HIS D 282 -7.19 40.49 -9.28
C HIS D 282 -6.46 39.15 -9.09
N ARG D 283 -5.65 38.75 -10.07
CA ARG D 283 -4.86 37.53 -9.98
C ARG D 283 -3.56 37.74 -9.17
N LYS D 284 -3.16 39.00 -9.01
CA LYS D 284 -1.99 39.36 -8.21
C LYS D 284 -2.35 39.62 -6.76
N GLU D 285 -3.44 40.35 -6.55
CA GLU D 285 -3.85 40.78 -5.22
C GLU D 285 -4.93 39.85 -4.68
N SER D 286 -4.58 38.58 -4.52
CA SER D 286 -5.53 37.57 -4.07
C SER D 286 -4.93 36.75 -2.94
N SER D 287 -5.68 35.77 -2.46
CA SER D 287 -5.19 34.86 -1.42
C SER D 287 -4.01 34.02 -1.89
N GLY D 289 -1.33 34.83 -4.91
CA GLY D 289 -0.96 35.71 -6.01
C GLY D 289 -0.03 35.06 -7.02
N ALA D 291 2.89 34.75 -9.78
CA ALA D 291 4.22 35.33 -9.94
C ALA D 291 4.37 36.05 -11.27
N GLY D 292 4.96 37.23 -11.23
CA GLY D 292 5.33 37.96 -12.45
C GLY D 292 5.12 39.45 -12.31
N VAL D 293 6.10 40.20 -12.80
CA VAL D 293 6.08 41.66 -12.80
C VAL D 293 5.84 42.15 -14.22
N PHE D 294 4.91 43.10 -14.39
CA PHE D 294 4.70 43.72 -15.69
C PHE D 294 5.57 44.95 -15.84
N ASN D 295 6.78 44.77 -16.33
CA ASN D 295 7.81 45.83 -16.37
C ASN D 295 8.08 46.39 -17.76
N ALA D 296 7.34 45.94 -18.76
CA ALA D 296 7.54 46.43 -20.12
C ALA D 296 7.40 47.97 -20.24
N PRO D 297 6.35 48.56 -19.61
CA PRO D 297 6.13 50.01 -19.77
C PRO D 297 7.34 50.91 -19.49
N ALA D 298 8.09 50.63 -18.44
CA ALA D 298 9.23 51.50 -18.11
C ALA D 298 10.59 50.80 -18.23
N ALA D 299 10.66 49.74 -19.04
CA ALA D 299 11.80 48.84 -19.03
C ALA D 299 13.13 49.56 -19.29
N LEU D 300 13.26 50.21 -20.43
CA LEU D 300 14.54 50.84 -20.78
C LEU D 300 14.94 51.98 -19.82
N PRO D 301 14.01 52.89 -19.51
CA PRO D 301 14.32 53.91 -18.50
C PRO D 301 14.74 53.35 -17.14
N ALA D 302 14.12 52.25 -16.72
CA ALA D 302 14.48 51.60 -15.44
C ALA D 302 15.93 51.12 -15.45
N TYR D 303 16.32 50.46 -16.53
CA TYR D 303 17.68 50.00 -16.70
C TYR D 303 18.67 51.17 -16.73
N ALA D 304 18.32 52.23 -17.45
CA ALA D 304 19.13 53.45 -17.48
C ALA D 304 19.39 53.98 -16.06
N SER D 305 18.35 54.03 -15.23
CA SER D 305 18.48 54.47 -13.85
C SER D 305 19.49 53.62 -13.08
N VAL D 306 19.43 52.30 -13.28
CA VAL D 306 20.35 51.39 -12.60
C VAL D 306 21.80 51.64 -13.02
N PHE D 307 22.02 51.68 -14.34
CA PHE D 307 23.38 51.88 -14.87
C PHE D 307 23.94 53.23 -14.46
N GLU D 308 23.06 54.24 -14.35
CA GLU D 308 23.46 55.54 -13.84
C GLU D 308 23.95 55.44 -12.39
N GLU D 309 23.14 54.86 -11.52
CA GLU D 309 23.53 54.69 -10.11
C GLU D 309 24.86 53.95 -9.95
N LEU D 310 25.15 53.05 -10.89
CA LEU D 310 26.38 52.26 -10.85
C LEU D 310 27.56 52.92 -11.55
N ASN D 311 27.39 54.17 -12.00
CA ASN D 311 28.42 54.91 -12.76
C ASN D 311 28.88 54.10 -13.97
N ALA D 312 27.92 53.50 -14.67
CA ALA D 312 28.20 52.54 -15.72
C ALA D 312 27.37 52.76 -16.99
N LEU D 313 26.95 54.00 -17.24
CA LEU D 313 26.17 54.31 -18.44
C LEU D 313 26.89 53.97 -19.75
N GLN D 314 28.23 53.97 -19.71
CA GLN D 314 29.02 53.55 -20.88
C GLN D 314 28.77 52.08 -21.29
N HIS D 315 28.29 51.26 -20.36
CA HIS D 315 28.02 49.85 -20.65
C HIS D 315 26.56 49.55 -20.98
N LEU D 316 25.70 50.56 -20.94
CA LEU D 316 24.26 50.36 -21.15
C LEU D 316 23.96 49.86 -22.56
N GLU D 317 24.56 50.51 -23.55
CA GLU D 317 24.34 50.14 -24.94
C GLU D 317 24.64 48.67 -25.19
N ALA D 318 25.78 48.20 -24.72
CA ALA D 318 26.18 46.82 -24.93
C ALA D 318 25.15 45.86 -24.33
N PHE D 319 24.79 46.09 -23.07
CA PHE D 319 23.77 45.31 -22.36
C PHE D 319 22.41 45.30 -23.09
N CYS D 320 21.98 46.44 -23.59
CA CYS D 320 20.67 46.58 -24.22
C CYS D 320 20.61 46.15 -25.68
N ALA D 321 21.71 46.33 -26.41
CA ALA D 321 21.67 46.28 -27.87
C ALA D 321 22.75 45.44 -28.56
N LEU D 322 23.81 45.06 -27.85
CA LEU D 322 24.94 44.37 -28.48
C LEU D 322 25.18 42.96 -27.93
N ASN D 323 25.20 42.81 -26.61
CA ASN D 323 25.58 41.55 -25.97
C ASN D 323 24.66 40.39 -26.38
N GLY D 324 23.35 40.64 -26.37
CA GLY D 324 22.36 39.64 -26.78
C GLY D 324 22.55 39.15 -28.21
N PRO D 325 22.48 40.08 -29.19
CA PRO D 325 22.70 39.70 -30.59
C PRO D 325 23.99 38.92 -30.81
N ARG D 326 25.07 39.35 -30.16
CA ARG D 326 26.36 38.68 -30.32
C ARG D 326 26.33 37.27 -29.74
N PHE D 327 25.63 37.08 -28.64
CA PHE D 327 25.51 35.75 -28.07
C PHE D 327 24.73 34.80 -28.96
N TYR D 328 23.59 35.26 -29.45
CA TYR D 328 22.73 34.46 -30.34
C TYR D 328 23.29 34.31 -31.74
N GLY D 329 24.17 35.21 -32.15
CA GLY D 329 24.71 35.22 -33.50
C GLY D 329 23.77 35.89 -34.49
N LEU D 330 23.09 36.91 -34.02
CA LEU D 330 22.13 37.66 -34.84
C LEU D 330 22.66 39.05 -35.05
N PRO D 331 22.18 39.74 -36.10
CA PRO D 331 22.68 41.08 -36.36
C PRO D 331 22.22 42.10 -35.31
N VAL D 332 23.04 43.14 -35.16
CA VAL D 332 22.72 44.27 -34.30
C VAL D 332 21.83 45.25 -35.06
N ASN D 333 20.90 45.90 -34.37
CA ASN D 333 19.95 46.81 -35.00
C ASN D 333 20.63 48.06 -35.57
N ASP D 334 20.14 48.53 -36.73
CA ASP D 334 20.67 49.76 -37.35
C ASP D 334 20.15 51.03 -36.69
N ASP D 335 18.90 51.01 -36.25
CA ASP D 335 18.26 52.19 -35.64
C ASP D 335 18.94 52.65 -34.36
N VAL D 336 18.61 53.86 -33.92
CA VAL D 336 19.02 54.38 -32.60
C VAL D 336 17.80 54.85 -31.83
N VAL D 337 17.92 54.86 -30.49
CA VAL D 337 16.93 55.49 -29.62
C VAL D 337 17.66 56.49 -28.74
N GLU D 338 16.94 57.49 -28.28
CA GLU D 338 17.52 58.53 -27.43
C GLU D 338 16.87 58.48 -26.06
N LEU D 339 17.69 58.33 -25.04
CA LEU D 339 17.23 58.44 -23.67
C LEU D 339 17.51 59.87 -23.19
N VAL D 340 16.51 60.49 -22.59
CA VAL D 340 16.63 61.86 -22.09
C VAL D 340 16.33 61.86 -20.61
N ARG D 341 17.14 62.57 -19.84
CA ARG D 341 16.99 62.58 -18.39
C ARG D 341 15.98 63.64 -17.95
N THR D 342 14.72 63.37 -18.25
CA THR D 342 13.59 64.19 -17.79
C THR D 342 12.58 63.29 -17.10
N PRO D 343 11.88 63.82 -16.08
CA PRO D 343 10.98 62.97 -15.29
C PRO D 343 9.87 62.33 -16.11
N PHE D 344 9.38 61.21 -15.61
CA PHE D 344 8.49 60.33 -16.35
C PHE D 344 7.66 59.54 -15.34
N LEU D 345 6.40 59.90 -15.22
CA LEU D 345 5.51 59.30 -14.25
C LEU D 345 4.89 58.02 -14.79
N GLN D 346 5.07 56.91 -14.08
CA GLN D 346 4.39 55.67 -14.40
CA GLN D 346 4.40 55.66 -14.40
C GLN D 346 2.92 55.75 -14.00
N PRO D 347 2.02 55.28 -14.88
CA PRO D 347 0.61 55.25 -14.49
C PRO D 347 0.37 54.23 -13.37
N GLU D 348 -0.68 54.44 -12.61
CA GLU D 348 -1.05 53.56 -11.49
C GLU D 348 -1.59 52.22 -11.99
N GLU D 349 -2.37 52.25 -13.08
CA GLU D 349 -3.04 51.07 -13.63
C GLU D 349 -3.08 51.17 -15.14
N ILE D 350 -3.11 50.02 -15.80
CA ILE D 350 -3.30 49.96 -17.25
C ILE D 350 -4.54 49.13 -17.52
N PRO D 351 -5.53 49.73 -18.20
CA PRO D 351 -6.83 49.02 -18.37
C PRO D 351 -6.72 47.79 -19.26
N LEU D 352 -7.54 46.80 -18.96
CA LEU D 352 -7.56 45.53 -19.68
C LEU D 352 -9.00 45.02 -19.66
N GLY D 353 -9.78 45.36 -20.68
CA GLY D 353 -11.20 45.07 -20.69
C GLY D 353 -11.83 45.65 -19.44
N ASN D 354 -12.62 44.85 -18.73
CA ASN D 354 -13.21 45.24 -17.46
C ASN D 354 -12.25 45.11 -16.26
N GLU D 355 -11.05 44.58 -16.51
CA GLU D 355 -10.02 44.41 -15.49
C GLU D 355 -8.89 45.43 -15.71
N SER D 356 -7.78 45.26 -15.00
CA SER D 356 -6.59 46.08 -15.22
C SER D 356 -5.32 45.34 -14.85
N VAL D 357 -4.18 45.91 -15.25
CA VAL D 357 -2.86 45.38 -14.97
C VAL D 357 -2.05 46.46 -14.28
N ILE D 358 -1.38 46.11 -13.18
CA ILE D 358 -0.58 47.06 -12.43
C ILE D 358 0.85 46.98 -12.93
N PRO D 359 1.37 48.11 -13.46
CA PRO D 359 2.73 48.08 -13.98
C PRO D 359 3.80 48.19 -12.89
N PHE D 360 5.00 47.77 -13.25
CA PHE D 360 6.20 47.95 -12.44
C PHE D 360 6.39 49.43 -12.13
N LEU D 361 6.68 49.73 -10.86
CA LEU D 361 6.88 51.11 -10.40
C LEU D 361 5.64 51.99 -10.59
N ALA D 362 4.46 51.39 -10.48
CA ALA D 362 3.20 52.12 -10.63
C ALA D 362 3.18 53.38 -9.77
N GLY D 363 2.83 54.51 -10.38
CA GLY D 363 2.71 55.78 -9.67
C GLY D 363 4.02 56.47 -9.32
N GLN D 364 5.14 55.83 -9.64
CA GLN D 364 6.46 56.40 -9.33
C GLN D 364 7.01 57.18 -10.51
N THR D 365 8.01 58.00 -10.22
CA THR D 365 8.61 58.89 -11.22
C THR D 365 10.02 58.40 -11.54
N LEU D 366 10.24 58.05 -12.81
CA LEU D 366 11.57 57.67 -13.29
C LEU D 366 12.32 58.93 -13.72
N ASN D 367 13.64 58.89 -13.59
CA ASN D 367 14.48 60.03 -13.96
C ASN D 367 14.75 60.10 -15.47
N TRP D 368 14.57 58.98 -16.16
CA TRP D 368 14.84 58.89 -17.60
C TRP D 368 13.57 58.64 -18.42
N SER D 369 13.53 59.21 -19.62
CA SER D 369 12.45 58.98 -20.58
C SER D 369 13.06 58.58 -21.92
N VAL D 370 12.21 58.09 -22.82
CA VAL D 370 12.60 57.78 -24.18
C VAL D 370 12.05 58.86 -25.10
N LYS D 371 12.91 59.47 -25.91
CA LYS D 371 12.48 60.50 -26.85
C LYS D 371 11.70 59.88 -28.02
N PRO E 29 -20.40 -70.46 17.92
CA PRO E 29 -20.67 -69.38 16.96
C PRO E 29 -19.78 -69.46 15.71
N GLN E 30 -20.22 -68.84 14.61
CA GLN E 30 -19.48 -68.93 13.36
C GLN E 30 -18.03 -68.44 13.56
N THR E 31 -17.07 -69.20 13.03
CA THR E 31 -15.66 -68.84 13.11
C THR E 31 -15.05 -68.79 11.71
N LEU E 32 -13.99 -68.01 11.59
CA LEU E 32 -13.30 -67.83 10.33
C LEU E 32 -11.80 -67.78 10.63
N LYS E 33 -11.09 -68.75 10.06
CA LYS E 33 -9.65 -68.88 10.25
C LYS E 33 -8.99 -68.29 9.01
N ILE E 34 -8.09 -67.33 9.22
CA ILE E 34 -7.35 -66.70 8.12
C ILE E 34 -5.90 -66.54 8.50
N ARG E 35 -5.04 -66.37 7.50
CA ARG E 35 -3.64 -66.06 7.75
C ARG E 35 -3.54 -64.77 8.54
N ARG E 36 -2.49 -64.67 9.37
CA ARG E 36 -2.30 -63.51 10.21
C ARG E 36 -2.13 -62.28 9.32
N PRO E 37 -2.91 -61.22 9.58
CA PRO E 37 -2.88 -60.04 8.72
C PRO E 37 -1.72 -59.08 9.00
N ASP E 38 -1.58 -58.11 8.12
CA ASP E 38 -0.65 -56.99 8.28
C ASP E 38 -1.45 -55.70 8.09
N ASP E 39 -0.93 -54.59 8.63
CA ASP E 39 -1.55 -53.27 8.47
C ASP E 39 -0.66 -52.39 7.60
N TRP E 40 -1.04 -52.20 6.35
CA TRP E 40 -0.16 -51.55 5.37
C TRP E 40 -0.19 -50.01 5.41
N HIS E 41 -0.71 -49.44 6.49
CA HIS E 41 -0.73 -47.98 6.68
C HIS E 41 -1.10 -47.62 8.11
N ILE E 42 -0.12 -47.23 8.92
CA ILE E 42 -0.45 -46.86 10.30
C ILE E 42 0.42 -45.72 10.83
N HIS E 43 -0.15 -44.95 11.76
CA HIS E 43 0.61 -43.97 12.55
C HIS E 43 0.72 -44.48 13.97
N LEU E 44 1.94 -44.73 14.42
CA LEU E 44 2.18 -45.16 15.79
C LEU E 44 2.57 -44.02 16.74
N ARG E 45 2.78 -42.82 16.18
CA ARG E 45 3.25 -41.68 16.96
C ARG E 45 4.54 -42.06 17.71
N ASP E 46 4.76 -41.49 18.90
CA ASP E 46 6.02 -41.66 19.61
C ASP E 46 5.82 -41.53 21.11
N ASP E 47 6.86 -41.86 21.87
CA ASP E 47 6.87 -41.66 23.32
C ASP E 47 5.68 -42.34 24.00
N GLU E 48 4.94 -41.65 24.88
CA GLU E 48 3.86 -42.29 25.65
C GLU E 48 2.69 -42.75 24.77
N MET E 49 2.42 -42.00 23.70
CA MET E 49 1.35 -42.36 22.76
C MET E 49 1.69 -43.70 22.09
N LEU E 50 2.92 -43.81 21.61
CA LEU E 50 3.43 -45.06 21.02
C LEU E 50 3.23 -46.25 21.95
N SER E 51 3.62 -46.11 23.21
CA SER E 51 3.48 -47.19 24.20
C SER E 51 2.04 -47.60 24.39
N THR E 52 1.14 -46.63 24.37
CA THR E 52 -0.28 -46.88 24.60
C THR E 52 -0.97 -47.53 23.38
N VAL E 53 -0.66 -47.07 22.17
CA VAL E 53 -1.44 -47.49 20.99
C VAL E 53 -0.88 -48.72 20.28
N LEU E 54 0.42 -48.92 20.32
CA LEU E 54 1.04 -50.04 19.59
C LEU E 54 0.45 -51.40 19.95
N PRO E 55 0.24 -51.70 21.25
CA PRO E 55 -0.27 -53.02 21.63
C PRO E 55 -1.55 -53.42 20.92
N TYR E 56 -2.43 -52.47 20.62
CA TYR E 56 -3.67 -52.77 19.90
C TYR E 56 -3.37 -53.30 18.49
N THR E 57 -2.28 -52.85 17.90
CA THR E 57 -1.87 -53.34 16.58
C THR E 57 -1.05 -54.65 16.68
N SER E 58 -0.06 -54.66 17.56
CA SER E 58 0.87 -55.81 17.66
C SER E 58 0.21 -57.11 18.14
N GLU E 59 -0.91 -56.98 18.84
CA GLU E 59 -1.69 -58.12 19.29
C GLU E 59 -2.24 -58.94 18.11
N VAL E 60 -2.58 -58.27 17.00
CA VAL E 60 -3.30 -58.88 15.89
C VAL E 60 -2.45 -58.95 14.61
N PHE E 61 -1.77 -57.85 14.28
CA PHE E 61 -1.03 -57.75 13.03
C PHE E 61 0.44 -58.11 13.23
N ALA E 62 0.98 -58.88 12.30
CA ALA E 62 2.39 -59.32 12.37
C ALA E 62 3.33 -58.20 11.95
N ARG E 63 2.92 -57.42 10.95
CA ARG E 63 3.72 -56.31 10.45
C ARG E 63 2.83 -55.12 10.21
N ALA E 64 3.43 -53.94 10.19
CA ALA E 64 2.72 -52.71 9.79
C ALA E 64 3.65 -51.71 9.12
N ILE E 65 3.15 -51.05 8.09
CA ILE E 65 3.85 -49.95 7.44
C ILE E 65 3.70 -48.73 8.34
N VAL E 66 4.82 -48.27 8.88
CA VAL E 66 4.82 -47.19 9.85
C VAL E 66 5.14 -45.88 9.15
N MET E 67 4.17 -44.96 9.18
CA MET E 67 4.30 -43.71 8.49
C MET E 67 5.34 -42.82 9.17
N PRO E 68 5.96 -41.91 8.39
CA PRO E 68 7.10 -41.17 8.86
C PRO E 68 6.83 -39.74 9.31
N ASN E 69 5.57 -39.36 9.49
CA ASN E 69 5.24 -37.95 9.76
C ASN E 69 5.21 -37.64 11.27
N LEU E 70 6.34 -37.87 11.95
CA LEU E 70 6.51 -37.42 13.31
C LEU E 70 6.80 -35.92 13.34
N ALA E 71 6.85 -35.35 14.54
CA ALA E 71 7.21 -33.94 14.73
C ALA E 71 8.49 -33.60 13.99
N GLN E 72 9.50 -34.47 14.09
CA GLN E 72 10.68 -34.43 13.22
C GLN E 72 10.50 -35.58 12.23
N PRO E 73 10.18 -35.26 10.96
CA PRO E 73 9.89 -36.33 10.01
C PRO E 73 11.08 -37.28 9.75
N ILE E 74 10.78 -38.54 9.46
CA ILE E 74 11.78 -39.56 9.28
C ILE E 74 12.34 -39.46 7.85
N THR E 75 13.46 -38.78 7.68
CA THR E 75 14.06 -38.50 6.37
C THR E 75 15.47 -39.08 6.18
N THR E 76 16.00 -39.74 7.22
CA THR E 76 17.33 -40.34 7.15
C THR E 76 17.26 -41.78 7.64
N VAL E 77 18.24 -42.57 7.22
CA VAL E 77 18.37 -43.95 7.70
C VAL E 77 18.53 -43.97 9.21
N ALA E 78 19.37 -43.08 9.73
CA ALA E 78 19.65 -43.00 11.16
C ALA E 78 18.39 -42.79 11.99
N SER E 79 17.55 -41.84 11.58
CA SER E 79 16.33 -41.53 12.32
C SER E 79 15.31 -42.68 12.21
N ALA E 80 15.31 -43.37 11.07
CA ALA E 80 14.45 -44.53 10.87
C ALA E 80 14.84 -45.71 11.77
N ILE E 81 16.15 -45.96 11.86
CA ILE E 81 16.66 -47.00 12.73
C ILE E 81 16.27 -46.72 14.18
N ALA E 82 16.47 -45.47 14.61
CA ALA E 82 16.17 -45.08 15.98
C ALA E 82 14.67 -45.25 16.30
N TYR E 83 13.81 -44.83 15.37
CA TYR E 83 12.37 -44.93 15.55
C TYR E 83 11.93 -46.41 15.59
N ARG E 84 12.50 -47.21 14.69
CA ARG E 84 12.25 -48.65 14.71
C ARG E 84 12.57 -49.28 16.05
N GLU E 85 13.72 -48.90 16.62
CA GLU E 85 14.12 -49.41 17.92
C GLU E 85 13.16 -49.00 19.03
N ARG E 86 12.66 -47.77 18.98
CA ARG E 86 11.69 -47.31 19.99
C ARG E 86 10.40 -48.09 19.91
N ILE E 87 9.99 -48.41 18.67
CA ILE E 87 8.78 -49.20 18.44
C ILE E 87 8.95 -50.62 18.98
N LEU E 88 10.06 -51.26 18.61
CA LEU E 88 10.34 -52.62 19.07
C LEU E 88 10.41 -52.71 20.60
N ALA E 89 10.97 -51.69 21.25
CA ALA E 89 11.04 -51.64 22.70
C ALA E 89 9.67 -51.52 23.36
N ALA E 90 8.70 -50.98 22.64
CA ALA E 90 7.33 -50.83 23.14
C ALA E 90 6.44 -52.06 22.89
N VAL E 91 6.93 -53.02 22.11
CA VAL E 91 6.17 -54.24 21.84
C VAL E 91 6.04 -55.06 23.12
N PRO E 92 4.79 -55.35 23.54
CA PRO E 92 4.60 -56.15 24.75
C PRO E 92 5.19 -57.54 24.65
N ALA E 93 5.63 -58.09 25.76
CA ALA E 93 6.17 -59.44 25.78
C ALA E 93 5.09 -60.41 25.33
N GLY E 94 5.47 -61.34 24.46
CA GLY E 94 4.51 -62.32 23.93
C GLY E 94 3.86 -61.92 22.62
N HIS E 95 4.02 -60.67 22.19
CA HIS E 95 3.58 -60.24 20.86
C HIS E 95 4.68 -60.47 19.84
N LYS E 96 4.32 -60.87 18.63
CA LYS E 96 5.26 -60.95 17.52
C LYS E 96 4.91 -59.85 16.54
N PHE E 97 5.76 -58.83 16.48
CA PHE E 97 5.52 -57.68 15.60
C PHE E 97 6.80 -57.09 15.04
N THR E 98 6.76 -56.74 13.75
CA THR E 98 7.86 -56.08 13.08
C THR E 98 7.37 -54.82 12.37
N PRO E 99 7.91 -53.64 12.74
CA PRO E 99 7.53 -52.44 11.99
C PRO E 99 8.31 -52.32 10.69
N LEU E 100 7.59 -51.99 9.63
CA LEU E 100 8.18 -51.75 8.32
C LEU E 100 8.26 -50.25 8.13
N MET E 101 9.48 -49.72 8.09
CA MET E 101 9.68 -48.27 8.14
C MET E 101 9.55 -47.63 6.77
N THR E 102 9.25 -46.33 6.79
CA THR E 102 9.13 -45.55 5.58
C THR E 102 9.94 -44.28 5.67
N CYS E 103 10.37 -43.80 4.51
CA CYS E 103 11.08 -42.54 4.37
C CYS E 103 10.14 -41.44 3.92
N TYR E 104 10.18 -40.32 4.62
CA TYR E 104 9.38 -39.14 4.31
C TYR E 104 10.11 -38.39 3.20
N LEU E 105 9.52 -38.34 2.02
CA LEU E 105 10.17 -37.70 0.89
C LEU E 105 10.15 -36.19 1.06
N THR E 106 11.27 -35.54 0.68
CA THR E 106 11.36 -34.08 0.66
C THR E 106 12.04 -33.62 -0.61
N ASN E 107 12.00 -32.32 -0.87
CA ASN E 107 12.66 -31.76 -2.07
C ASN E 107 14.18 -31.85 -2.01
N SER E 108 14.72 -31.86 -0.80
CA SER E 108 16.18 -31.87 -0.60
C SER E 108 16.74 -33.25 -0.22
N LEU E 109 15.88 -34.27 -0.15
CA LEU E 109 16.31 -35.62 0.18
C LEU E 109 17.35 -36.14 -0.85
N ASP E 110 18.41 -36.74 -0.31
CA ASP E 110 19.48 -37.29 -1.13
C ASP E 110 19.10 -38.70 -1.58
N ALA E 111 19.23 -38.98 -2.86
CA ALA E 111 18.88 -40.31 -3.42
C ALA E 111 19.67 -41.47 -2.81
N LYS E 112 20.95 -41.25 -2.50
CA LYS E 112 21.78 -42.28 -1.84
C LYS E 112 21.20 -42.71 -0.50
N GLU E 113 20.68 -41.76 0.27
CA GLU E 113 20.02 -42.04 1.56
C GLU E 113 18.83 -43.02 1.39
N LEU E 114 18.07 -42.82 0.31
CA LEU E 114 16.92 -43.65 -0.02
C LEU E 114 17.37 -45.04 -0.49
N THR E 115 18.37 -45.05 -1.36
CA THR E 115 18.88 -46.29 -1.95
C THR E 115 19.50 -47.22 -0.90
N THR E 116 20.37 -46.68 -0.04
CA THR E 116 21.06 -47.52 0.93
C THR E 116 20.10 -47.95 2.03
N GLY E 117 19.16 -47.08 2.37
CA GLY E 117 18.11 -47.42 3.33
C GLY E 117 17.28 -48.61 2.87
N PHE E 118 16.99 -48.65 1.57
CA PHE E 118 16.21 -49.74 1.01
C PHE E 118 17.03 -51.04 0.98
N GLU E 119 18.28 -50.93 0.58
CA GLU E 119 19.17 -52.10 0.46
C GLU E 119 19.59 -52.68 1.81
N GLN E 120 19.68 -51.83 2.83
CA GLN E 120 19.94 -52.27 4.20
C GLN E 120 18.70 -52.84 4.92
N GLY E 121 17.54 -52.76 4.30
CA GLY E 121 16.31 -53.26 4.90
C GLY E 121 15.67 -52.33 5.91
N VAL E 122 16.14 -51.10 5.98
CA VAL E 122 15.63 -50.12 6.93
C VAL E 122 14.33 -49.54 6.40
N PHE E 123 14.36 -49.00 5.18
CA PHE E 123 13.15 -48.53 4.52
C PHE E 123 12.51 -49.64 3.69
N THR E 124 11.23 -49.88 3.95
CA THR E 124 10.43 -50.77 3.13
C THR E 124 9.81 -50.00 1.96
N ALA E 125 9.57 -48.71 2.15
CA ALA E 125 8.97 -47.85 1.16
C ALA E 125 9.24 -46.36 1.45
N ALA E 126 8.88 -45.50 0.52
CA ALA E 126 8.98 -44.06 0.70
C ALA E 126 7.59 -43.46 0.57
N LEU E 128 5.10 -40.14 -0.02
CA LEU E 128 4.92 -38.80 -0.59
C LEU E 128 3.74 -38.07 0.06
N TYR E 129 4.04 -37.00 0.81
CA TYR E 129 3.03 -36.04 1.29
C TYR E 129 3.17 -34.74 0.50
N PRO E 130 2.12 -34.34 -0.22
CA PRO E 130 2.19 -33.04 -0.88
C PRO E 130 2.28 -31.95 0.18
N ALA E 131 3.14 -30.96 -0.01
CA ALA E 131 3.30 -29.90 1.02
C ALA E 131 1.97 -29.18 1.27
N ASN E 132 1.59 -29.12 2.54
CA ASN E 132 0.39 -28.40 3.04
C ASN E 132 -0.88 -29.21 2.77
N ASN E 136 11.54 -25.00 3.74
CA ASN E 136 10.42 -25.60 3.05
C ASN E 136 10.77 -26.91 2.36
N SER E 137 11.90 -26.94 1.65
CA SER E 137 12.32 -28.16 0.93
C SER E 137 12.75 -29.29 1.86
N THR E 138 13.17 -28.97 3.08
CA THR E 138 13.49 -30.02 4.09
C THR E 138 12.18 -30.77 4.47
N HIS E 139 11.04 -30.07 4.43
CA HIS E 139 9.86 -30.44 5.24
C HIS E 139 8.76 -31.17 4.48
N GLY E 140 8.98 -31.50 3.21
CA GLY E 140 7.84 -31.93 2.35
C GLY E 140 7.91 -31.52 0.92
N VAL E 141 7.24 -32.24 0.01
CA VAL E 141 7.43 -32.02 -1.42
C VAL E 141 6.46 -30.96 -1.94
N SER E 142 7.00 -29.83 -2.40
CA SER E 142 6.19 -28.73 -2.90
C SER E 142 6.01 -28.83 -4.42
N ASP E 143 7.06 -29.16 -5.16
CA ASP E 143 7.00 -29.23 -6.62
C ASP E 143 7.35 -30.65 -7.07
N ILE E 144 6.31 -31.46 -7.20
CA ILE E 144 6.46 -32.92 -7.28
C ILE E 144 7.33 -33.40 -8.46
N PRO E 145 7.16 -32.81 -9.66
CA PRO E 145 8.06 -33.23 -10.74
C PRO E 145 9.57 -33.02 -10.50
N ALA E 146 9.93 -32.15 -9.57
CA ALA E 146 11.34 -31.90 -9.25
C ALA E 146 12.03 -33.12 -8.64
N ILE E 147 11.27 -34.02 -8.00
CA ILE E 147 11.84 -35.23 -7.42
C ILE E 147 11.66 -36.47 -8.29
N TYR E 148 11.36 -36.27 -9.57
CA TYR E 148 11.34 -37.38 -10.53
C TYR E 148 12.64 -38.21 -10.50
N PRO E 149 13.81 -37.56 -10.31
CA PRO E 149 15.03 -38.38 -10.22
C PRO E 149 15.02 -39.40 -9.08
N LEU E 150 14.32 -39.11 -7.98
CA LEU E 150 14.15 -40.08 -6.90
C LEU E 150 13.27 -41.25 -7.35
N PHE E 151 12.16 -40.95 -8.03
CA PHE E 151 11.27 -41.99 -8.52
C PHE E 151 12.01 -42.91 -9.48
N GLU E 152 12.84 -42.33 -10.35
CA GLU E 152 13.64 -43.11 -11.28
C GLU E 152 14.52 -44.13 -10.55
N GLN E 153 15.16 -43.67 -9.48
CA GLN E 153 16.00 -44.54 -8.68
C GLN E 153 15.17 -45.61 -7.97
N MET E 154 14.02 -45.21 -7.42
CA MET E 154 13.12 -46.15 -6.77
C MET E 154 12.63 -47.22 -7.74
N GLN E 155 12.29 -46.81 -8.96
CA GLN E 155 11.84 -47.74 -9.99
C GLN E 155 12.93 -48.75 -10.27
N LYS E 156 14.15 -48.25 -10.44
CA LYS E 156 15.31 -49.10 -10.75
C LYS E 156 15.53 -50.18 -9.69
N ILE E 157 15.45 -49.81 -8.41
CA ILE E 157 15.76 -50.74 -7.31
C ILE E 157 14.56 -51.54 -6.79
N GLY E 158 13.34 -51.19 -7.23
CA GLY E 158 12.14 -51.91 -6.79
C GLY E 158 11.57 -51.43 -5.46
N MET E 159 11.79 -50.17 -5.12
CA MET E 159 11.26 -49.59 -3.89
C MET E 159 9.87 -48.99 -4.16
N PRO E 160 8.86 -49.38 -3.37
CA PRO E 160 7.52 -48.85 -3.60
C PRO E 160 7.36 -47.40 -3.14
N LEU E 161 6.52 -46.67 -3.86
CA LEU E 161 6.16 -45.29 -3.53
C LEU E 161 4.75 -45.27 -2.98
N LEU E 162 4.59 -44.78 -1.76
CA LEU E 162 3.28 -44.64 -1.12
C LEU E 162 2.86 -43.17 -1.23
N ILE E 163 1.62 -42.93 -1.62
CA ILE E 163 1.18 -41.57 -1.91
C ILE E 163 -0.06 -41.17 -1.15
N HIS E 164 0.01 -40.04 -0.44
CA HIS E 164 -1.17 -39.38 0.07
C HIS E 164 -1.67 -38.52 -1.10
N GLY E 165 -2.69 -39.00 -1.80
CA GLY E 165 -3.07 -38.40 -3.07
C GLY E 165 -4.12 -37.33 -3.02
N GLU E 166 -3.71 -36.12 -2.63
CA GLU E 166 -4.58 -34.96 -2.60
C GLU E 166 -3.79 -33.74 -3.05
N VAL E 167 -4.37 -32.95 -3.95
CA VAL E 167 -3.80 -31.65 -4.26
C VAL E 167 -4.11 -30.73 -3.07
N THR E 168 -3.40 -29.61 -3.01
CA THR E 168 -3.58 -28.61 -1.95
C THR E 168 -3.98 -27.23 -2.47
N ASP E 169 -4.13 -27.10 -3.79
CA ASP E 169 -4.50 -25.84 -4.42
C ASP E 169 -5.75 -25.27 -3.74
N ALA E 170 -5.67 -24.00 -3.34
CA ALA E 170 -6.75 -23.35 -2.58
C ALA E 170 -8.05 -23.23 -3.36
N ALA E 171 -7.95 -23.18 -4.69
CA ALA E 171 -9.10 -23.11 -5.57
C ALA E 171 -9.91 -24.43 -5.67
N VAL E 172 -9.31 -25.52 -5.18
CA VAL E 172 -9.95 -26.83 -5.27
C VAL E 172 -10.70 -27.13 -3.99
N ASP E 173 -11.98 -27.44 -4.14
CA ASP E 173 -12.83 -27.83 -3.01
C ASP E 173 -12.29 -29.10 -2.37
N ILE E 174 -12.34 -29.16 -1.04
CA ILE E 174 -11.73 -30.26 -0.29
C ILE E 174 -12.22 -31.63 -0.75
N PHE E 175 -13.50 -31.76 -1.12
CA PHE E 175 -14.04 -33.04 -1.54
C PHE E 175 -13.58 -33.46 -2.94
N ASP E 176 -13.01 -32.52 -3.70
CA ASP E 176 -12.52 -32.76 -5.06
C ASP E 176 -11.01 -33.04 -5.12
N ARG E 177 -10.30 -32.95 -3.99
CA ARG E 177 -8.84 -32.94 -4.02
C ARG E 177 -8.21 -34.26 -4.45
N GLU E 178 -8.87 -35.35 -4.10
CA GLU E 178 -8.38 -36.68 -4.49
C GLU E 178 -8.49 -36.88 -5.99
N ALA E 179 -9.65 -36.56 -6.57
CA ALA E 179 -9.87 -36.70 -7.99
C ALA E 179 -8.90 -35.86 -8.83
N ARG E 180 -8.64 -34.63 -8.41
CA ARG E 180 -7.69 -33.78 -9.11
C ARG E 180 -6.30 -34.36 -9.08
N PHE E 181 -5.93 -34.96 -7.95
CA PHE E 181 -4.62 -35.57 -7.81
C PHE E 181 -4.37 -36.62 -8.88
N ILE E 182 -5.38 -37.44 -9.13
CA ILE E 182 -5.28 -38.54 -10.08
C ILE E 182 -4.82 -38.05 -11.45
N ASP E 183 -5.52 -37.05 -11.98
CA ASP E 183 -5.22 -36.54 -13.33
C ASP E 183 -3.97 -35.69 -13.39
N GLN E 184 -3.76 -34.88 -12.36
CA GLN E 184 -2.73 -33.84 -12.39
C GLN E 184 -1.35 -34.35 -11.95
N ILE E 185 -1.32 -35.28 -11.00
CA ILE E 185 -0.06 -35.75 -10.42
C ILE E 185 0.22 -37.23 -10.65
N LEU E 186 -0.75 -38.09 -10.34
CA LEU E 186 -0.54 -39.53 -10.36
C LEU E 186 -0.36 -40.08 -11.76
N GLU E 187 -1.27 -39.71 -12.67
CA GLU E 187 -1.20 -40.23 -14.04
C GLU E 187 0.13 -39.87 -14.71
N PRO E 188 0.60 -38.61 -14.59
CA PRO E 188 1.92 -38.32 -15.18
C PRO E 188 3.08 -39.15 -14.59
N ILE E 189 3.05 -39.38 -13.28
CA ILE E 189 4.05 -40.26 -12.66
C ILE E 189 4.00 -41.66 -13.27
N ARG E 190 2.79 -42.20 -13.42
CA ARG E 190 2.63 -43.55 -13.95
C ARG E 190 3.01 -43.66 -15.43
N GLN E 191 2.77 -42.60 -16.19
CA GLN E 191 3.20 -42.56 -17.59
C GLN E 191 4.72 -42.57 -17.71
N LYS E 192 5.41 -41.80 -16.86
CA LYS E 192 6.86 -41.69 -16.94
C LYS E 192 7.60 -42.87 -16.29
N PHE E 193 7.03 -43.43 -15.23
CA PHE E 193 7.64 -44.53 -14.50
C PHE E 193 6.69 -45.73 -14.45
N PRO E 194 6.54 -46.43 -15.59
CA PRO E 194 5.52 -47.48 -15.69
C PRO E 194 5.79 -48.73 -14.86
N GLU E 195 7.02 -48.93 -14.38
CA GLU E 195 7.35 -50.08 -13.54
C GLU E 195 7.64 -49.71 -12.08
N LEU E 196 7.27 -48.49 -11.69
CA LEU E 196 7.36 -48.07 -10.30
C LEU E 196 6.15 -48.59 -9.55
N LYS E 197 6.39 -49.29 -8.45
CA LYS E 197 5.31 -49.75 -7.59
C LYS E 197 4.76 -48.58 -6.78
N ILE E 198 3.46 -48.36 -6.91
CA ILE E 198 2.80 -47.24 -6.25
C ILE E 198 1.59 -47.72 -5.47
N VAL E 199 1.51 -47.32 -4.20
CA VAL E 199 0.30 -47.54 -3.43
C VAL E 199 -0.42 -46.21 -3.31
N PHE E 200 -1.64 -46.20 -3.82
CA PHE E 200 -2.53 -45.09 -3.66
C PHE E 200 -3.15 -45.27 -2.28
N GLU E 201 -2.60 -44.59 -1.28
CA GLU E 201 -3.02 -44.79 0.10
C GLU E 201 -4.42 -44.29 0.38
N HIS E 202 -5.08 -44.96 1.33
CA HIS E 202 -6.42 -44.61 1.81
C HIS E 202 -7.33 -43.95 0.77
N ILE E 203 -7.72 -44.71 -0.23
CA ILE E 203 -8.60 -44.17 -1.24
C ILE E 203 -10.00 -43.97 -0.67
N THR E 204 -10.65 -42.94 -1.17
CA THR E 204 -11.95 -42.52 -0.67
C THR E 204 -12.99 -42.28 -1.76
N THR E 205 -12.61 -42.40 -3.04
CA THR E 205 -13.50 -42.04 -4.12
C THR E 205 -13.68 -43.15 -5.14
N LYS E 206 -14.84 -43.14 -5.77
CA LYS E 206 -15.09 -43.90 -6.98
C LYS E 206 -14.04 -43.61 -8.06
N ASP E 207 -13.62 -42.36 -8.17
CA ASP E 207 -12.57 -41.97 -9.12
C ASP E 207 -11.32 -42.80 -8.88
N ALA E 208 -10.90 -42.90 -7.63
CA ALA E 208 -9.71 -43.64 -7.26
C ALA E 208 -9.91 -45.15 -7.45
N ALA E 209 -11.05 -45.66 -7.00
CA ALA E 209 -11.38 -47.07 -7.15
C ALA E 209 -11.32 -47.49 -8.61
N ASP E 210 -12.01 -46.74 -9.48
CA ASP E 210 -12.02 -47.03 -10.92
C ASP E 210 -10.64 -46.94 -11.54
N TYR E 211 -9.86 -45.96 -11.11
CA TYR E 211 -8.51 -45.76 -11.66
C TYR E 211 -7.61 -46.93 -11.30
N VAL E 212 -7.69 -47.38 -10.05
CA VAL E 212 -6.91 -48.54 -9.61
C VAL E 212 -7.36 -49.83 -10.31
N LEU E 213 -8.67 -50.01 -10.42
CA LEU E 213 -9.23 -51.19 -11.12
C LEU E 213 -8.79 -51.25 -12.59
N ALA E 214 -8.63 -50.09 -13.21
CA ALA E 214 -8.22 -49.97 -14.62
C ALA E 214 -6.69 -49.95 -14.81
N GLY E 215 -5.93 -50.10 -13.72
CA GLY E 215 -4.48 -50.04 -13.79
C GLY E 215 -3.83 -51.38 -14.13
N ASN E 216 -2.71 -51.65 -13.48
CA ASN E 216 -1.95 -52.88 -13.68
C ASN E 216 -1.33 -53.31 -12.34
N ARG E 217 -0.45 -54.30 -12.36
CA ARG E 217 0.09 -54.85 -11.11
C ARG E 217 1.01 -53.88 -10.35
N PHE E 218 1.41 -52.78 -11.00
CA PHE E 218 2.26 -51.78 -10.35
C PHE E 218 1.49 -50.69 -9.59
N LEU E 219 0.16 -50.77 -9.59
CA LEU E 219 -0.67 -49.82 -8.84
C LEU E 219 -1.61 -50.55 -7.89
N GLY E 220 -1.48 -50.25 -6.60
CA GLY E 220 -2.32 -50.83 -5.57
C GLY E 220 -2.93 -49.72 -4.72
N ALA E 221 -3.75 -50.11 -3.75
CA ALA E 221 -4.40 -49.16 -2.87
C ALA E 221 -4.75 -49.75 -1.52
N THR E 222 -4.69 -48.93 -0.47
CA THR E 222 -5.18 -49.33 0.84
C THR E 222 -6.54 -48.67 1.09
N VAL E 223 -7.37 -49.34 1.88
CA VAL E 223 -8.68 -48.84 2.24
C VAL E 223 -8.90 -48.99 3.73
N THR E 224 -9.35 -47.92 4.37
CA THR E 224 -9.56 -47.90 5.81
C THR E 224 -10.93 -48.46 6.15
N PRO E 225 -11.14 -48.81 7.43
CA PRO E 225 -12.48 -49.26 7.79
C PRO E 225 -13.50 -48.13 7.78
N GLN E 226 -13.10 -46.93 8.19
CA GLN E 226 -14.05 -45.81 8.26
C GLN E 226 -14.59 -45.40 6.88
N HIS E 227 -13.76 -45.47 5.84
CA HIS E 227 -14.21 -45.12 4.49
C HIS E 227 -15.10 -46.18 3.89
N LEU E 228 -15.01 -47.41 4.41
CA LEU E 228 -15.95 -48.47 4.03
C LEU E 228 -17.26 -48.38 4.81
N MET E 229 -17.17 -48.05 6.09
CA MET E 229 -18.34 -48.08 6.97
C MET E 229 -19.20 -46.83 6.90
N PHE E 230 -18.59 -45.70 6.59
CA PHE E 230 -19.27 -44.41 6.70
C PHE E 230 -19.10 -43.52 5.48
N ASN E 231 -19.93 -42.50 5.40
CA ASN E 231 -19.80 -41.42 4.44
C ASN E 231 -19.96 -40.09 5.19
N ARG E 232 -19.83 -38.97 4.48
CA ARG E 232 -19.81 -37.67 5.12
C ARG E 232 -21.09 -37.33 5.88
N ASN E 233 -22.23 -37.91 5.51
CA ASN E 233 -23.46 -37.71 6.30
C ASN E 233 -23.29 -38.15 7.77
N HIS E 234 -22.51 -39.20 8.00
CA HIS E 234 -22.32 -39.69 9.37
C HIS E 234 -21.55 -38.70 10.23
N MET E 235 -20.71 -37.89 9.58
CA MET E 235 -19.92 -36.88 10.28
C MET E 235 -20.71 -35.59 10.56
N LEU E 236 -21.77 -35.35 9.79
CA LEU E 236 -22.40 -34.03 9.77
C LEU E 236 -23.91 -33.97 10.03
N VAL E 237 -24.65 -35.03 9.77
CA VAL E 237 -26.11 -35.01 9.95
C VAL E 237 -26.44 -35.16 11.43
N GLY E 238 -27.25 -34.25 11.94
CA GLY E 238 -27.66 -34.28 13.35
C GLY E 238 -26.61 -33.84 14.35
N GLY E 239 -25.48 -33.34 13.87
CA GLY E 239 -24.40 -32.88 14.72
C GLY E 239 -23.07 -33.09 14.03
N ILE E 240 -22.04 -32.40 14.48
CA ILE E 240 -20.72 -32.50 13.87
C ILE E 240 -19.84 -33.40 14.74
N ARG E 241 -19.23 -34.42 14.12
CA ARG E 241 -18.57 -35.52 14.84
C ARG E 241 -17.09 -35.60 14.51
N PRO E 242 -16.26 -34.91 15.31
CA PRO E 242 -14.85 -34.84 14.97
C PRO E 242 -14.11 -36.16 15.01
N HIS E 243 -14.64 -37.17 15.69
CA HIS E 243 -13.99 -38.48 15.71
C HIS E 243 -14.18 -39.26 14.42
N LEU E 244 -14.98 -38.74 13.50
CA LEU E 244 -15.05 -39.25 12.12
C LEU E 244 -14.30 -38.37 11.14
N PHE E 245 -13.71 -37.29 11.63
CA PHE E 245 -12.93 -36.39 10.79
C PHE E 245 -11.52 -36.96 10.60
N CYS E 246 -11.18 -37.23 9.34
CA CYS E 246 -9.86 -37.74 8.98
C CYS E 246 -9.50 -37.24 7.60
N LEU E 247 -8.25 -37.45 7.20
CA LEU E 247 -7.82 -37.07 5.87
C LEU E 247 -7.41 -38.32 5.12
N PRO E 248 -7.84 -38.48 3.88
CA PRO E 248 -8.73 -37.61 3.12
C PRO E 248 -10.14 -37.73 3.72
N ILE E 249 -10.90 -36.68 3.57
CA ILE E 249 -12.20 -36.56 4.21
C ILE E 249 -13.20 -37.59 3.68
N LEU E 250 -14.12 -38.01 4.55
CA LEU E 250 -15.21 -38.89 4.15
C LEU E 250 -15.99 -38.24 3.01
N LYS E 251 -16.33 -39.04 2.01
CA LYS E 251 -16.97 -38.53 0.81
C LYS E 251 -18.45 -38.86 0.84
N ARG E 252 -19.17 -38.49 -0.21
CA ARG E 252 -20.60 -38.80 -0.29
C ARG E 252 -20.83 -40.30 -0.47
N SER E 253 -22.06 -40.73 -0.21
CA SER E 253 -22.42 -42.16 -0.18
C SER E 253 -22.07 -42.91 -1.47
N THR E 254 -22.21 -42.22 -2.61
CA THR E 254 -21.84 -42.77 -3.90
C THR E 254 -20.44 -43.33 -3.90
N HIS E 255 -19.51 -42.57 -3.34
CA HIS E 255 -18.11 -42.96 -3.30
C HIS E 255 -17.89 -44.12 -2.33
N GLN E 256 -18.53 -44.03 -1.16
CA GLN E 256 -18.48 -45.12 -0.19
C GLN E 256 -18.91 -46.43 -0.83
N GLN E 257 -20.00 -46.41 -1.58
CA GLN E 257 -20.50 -47.62 -2.24
C GLN E 257 -19.52 -48.19 -3.27
N ALA E 258 -18.83 -47.31 -3.98
CA ALA E 258 -17.83 -47.74 -4.96
C ALA E 258 -16.65 -48.44 -4.27
N LEU E 259 -16.22 -47.92 -3.11
CA LEU E 259 -15.13 -48.56 -2.37
C LEU E 259 -15.54 -49.94 -1.90
N ARG E 260 -16.75 -50.03 -1.36
CA ARG E 260 -17.29 -51.29 -0.88
C ARG E 260 -17.35 -52.32 -2.01
N ALA E 261 -17.82 -51.90 -3.19
CA ALA E 261 -17.90 -52.81 -4.34
C ALA E 261 -16.52 -53.23 -4.83
N ALA E 262 -15.57 -52.31 -4.77
CA ALA E 262 -14.18 -52.60 -5.16
C ALA E 262 -13.56 -53.72 -4.32
N VAL E 263 -13.66 -53.63 -3.00
CA VAL E 263 -13.06 -54.65 -2.12
C VAL E 263 -13.86 -55.96 -2.16
N ALA E 264 -15.18 -55.85 -2.32
CA ALA E 264 -16.06 -57.02 -2.42
C ALA E 264 -15.87 -57.80 -3.72
N SER E 265 -15.35 -57.14 -4.76
CA SER E 265 -15.07 -57.80 -6.02
C SER E 265 -13.96 -58.85 -5.89
N GLY E 266 -13.13 -58.71 -4.87
CA GLY E 266 -12.00 -59.61 -4.65
C GLY E 266 -10.78 -59.25 -5.47
N SER E 267 -10.80 -58.08 -6.08
CA SER E 267 -9.62 -57.56 -6.78
C SER E 267 -8.42 -57.58 -5.83
N ASP E 268 -7.29 -58.04 -6.34
CA ASP E 268 -6.05 -58.13 -5.53
C ASP E 268 -5.27 -56.81 -5.48
N ARG E 269 -5.85 -55.74 -6.01
CA ARG E 269 -5.19 -54.44 -6.04
CA ARG E 269 -5.19 -54.44 -6.04
C ARG E 269 -5.46 -53.67 -4.74
N PHE E 270 -6.40 -54.16 -3.93
CA PHE E 270 -6.75 -53.50 -2.67
C PHE E 270 -6.31 -54.33 -1.48
N PHE E 271 -5.77 -53.67 -0.46
CA PHE E 271 -5.39 -54.34 0.77
C PHE E 271 -5.61 -53.47 1.99
N LEU E 272 -5.54 -54.12 3.16
CA LEU E 272 -5.82 -53.50 4.44
C LEU E 272 -4.77 -52.45 4.82
N GLY E 273 -5.24 -51.23 5.06
CA GLY E 273 -4.44 -50.16 5.64
C GLY E 273 -5.37 -49.30 6.47
N THR E 274 -5.21 -49.31 7.78
CA THR E 274 -6.16 -48.66 8.67
C THR E 274 -6.07 -47.14 8.66
N ASP E 275 -4.85 -46.64 8.45
CA ASP E 275 -4.52 -45.25 8.69
C ASP E 275 -4.95 -44.84 10.11
N SER E 276 -4.74 -45.74 11.07
CA SER E 276 -4.97 -45.43 12.46
C SER E 276 -4.10 -44.21 12.78
N ALA E 277 -4.76 -43.16 13.26
CA ALA E 277 -4.12 -41.86 13.46
C ALA E 277 -4.62 -41.23 14.77
N PRO E 278 -4.10 -41.72 15.90
CA PRO E 278 -4.63 -41.30 17.21
C PRO E 278 -4.21 -39.90 17.64
N HIS E 279 -5.17 -39.18 18.23
CA HIS E 279 -4.91 -37.91 18.91
C HIS E 279 -5.64 -37.91 20.24
N ALA E 280 -5.09 -37.18 21.20
CA ALA E 280 -5.78 -37.00 22.47
C ALA E 280 -7.16 -36.39 22.25
N LYS E 281 -8.10 -36.81 23.11
CA LYS E 281 -9.47 -36.35 23.08
C LYS E 281 -9.57 -34.82 22.96
N HIS E 282 -8.79 -34.11 23.77
CA HIS E 282 -8.93 -32.65 23.83
C HIS E 282 -8.46 -31.99 22.52
N ARG E 283 -7.61 -32.67 21.76
CA ARG E 283 -7.15 -32.19 20.46
C ARG E 283 -8.17 -32.49 19.35
N LYS E 284 -9.08 -33.42 19.60
CA LYS E 284 -10.15 -33.76 18.66
C LYS E 284 -11.39 -32.91 18.88
N GLU E 285 -11.76 -32.74 20.15
CA GLU E 285 -12.98 -32.05 20.53
C GLU E 285 -12.68 -30.61 20.90
N SER E 286 -12.16 -29.85 19.94
CA SER E 286 -11.75 -28.46 20.18
C SER E 286 -12.32 -27.55 19.09
N SER E 287 -11.98 -26.27 19.17
CA SER E 287 -12.39 -25.31 18.15
C SER E 287 -11.77 -25.61 16.79
N GLY E 289 -10.34 -29.19 15.36
CA GLY E 289 -10.04 -30.58 15.64
C GLY E 289 -9.06 -31.20 14.67
N ALA E 291 -7.25 -34.01 12.40
CA ALA E 291 -7.71 -35.11 11.56
C ALA E 291 -7.08 -36.43 12.00
N GLY E 292 -7.92 -37.47 12.08
CA GLY E 292 -7.44 -38.81 12.28
C GLY E 292 -8.34 -39.63 13.19
N VAL E 293 -8.56 -40.88 12.78
CA VAL E 293 -9.39 -41.82 13.53
C VAL E 293 -8.49 -42.86 14.17
N PHE E 294 -8.70 -43.14 15.45
CA PHE E 294 -7.97 -44.20 16.13
C PHE E 294 -8.73 -45.52 16.02
N ASN E 295 -8.46 -46.25 14.95
CA ASN E 295 -9.23 -47.47 14.62
C ASN E 295 -8.47 -48.77 14.85
N ALA E 296 -7.26 -48.70 15.40
CA ALA E 296 -6.50 -49.91 15.66
C ALA E 296 -7.23 -50.93 16.57
N PRO E 297 -7.84 -50.47 17.67
CA PRO E 297 -8.48 -51.42 18.61
C PRO E 297 -9.47 -52.41 17.98
N ALA E 298 -10.32 -51.96 17.07
CA ALA E 298 -11.32 -52.84 16.47
C ALA E 298 -11.11 -53.08 14.98
N ALA E 299 -9.88 -52.89 14.50
CA ALA E 299 -9.62 -52.84 13.06
C ALA E 299 -10.08 -54.09 12.33
N LEU E 300 -9.56 -55.25 12.70
CA LEU E 300 -9.88 -56.47 11.97
C LEU E 300 -11.38 -56.85 12.09
N PRO E 301 -11.95 -56.82 13.30
CA PRO E 301 -13.39 -57.05 13.42
C PRO E 301 -14.26 -56.10 12.59
N ALA E 302 -13.87 -54.84 12.49
CA ALA E 302 -14.60 -53.85 11.70
C ALA E 302 -14.63 -54.25 10.22
N TYR E 303 -13.48 -54.62 9.70
CA TYR E 303 -13.37 -55.08 8.32
C TYR E 303 -14.21 -56.35 8.09
N ALA E 304 -14.13 -57.29 9.03
CA ALA E 304 -14.95 -58.49 8.95
C ALA E 304 -16.45 -58.15 8.83
N SER E 305 -16.91 -57.21 9.64
CA SER E 305 -18.30 -56.76 9.57
C SER E 305 -18.67 -56.25 8.17
N VAL E 306 -17.77 -55.47 7.57
CA VAL E 306 -18.00 -54.91 6.25
C VAL E 306 -18.09 -56.03 5.20
N PHE E 307 -17.11 -56.93 5.19
CA PHE E 307 -17.08 -58.01 4.21
C PHE E 307 -18.29 -58.94 4.37
N GLU E 308 -18.74 -59.11 5.62
CA GLU E 308 -19.96 -59.86 5.88
C GLU E 308 -21.17 -59.19 5.23
N GLU E 309 -21.38 -57.91 5.50
CA GLU E 309 -22.49 -57.15 4.91
C GLU E 309 -22.50 -57.23 3.38
N LEU E 310 -21.30 -57.33 2.79
CA LEU E 310 -21.15 -57.38 1.34
C LEU E 310 -21.22 -58.79 0.75
N ASN E 311 -21.51 -59.79 1.60
CA ASN E 311 -21.52 -61.21 1.20
C ASN E 311 -20.20 -61.61 0.54
N ALA E 312 -19.12 -61.16 1.15
CA ALA E 312 -17.78 -61.27 0.56
C ALA E 312 -16.71 -61.76 1.55
N LEU E 313 -17.12 -62.52 2.56
CA LEU E 313 -16.15 -63.04 3.54
C LEU E 313 -15.07 -63.93 2.92
N GLN E 314 -15.37 -64.55 1.77
CA GLN E 314 -14.37 -65.32 1.03
C GLN E 314 -13.18 -64.48 0.56
N HIS E 315 -13.37 -63.17 0.43
CA HIS E 315 -12.29 -62.27 -0.01
C HIS E 315 -11.54 -61.57 1.11
N LEU E 316 -11.96 -61.81 2.36
CA LEU E 316 -11.39 -61.09 3.50
C LEU E 316 -9.92 -61.45 3.71
N GLU E 317 -9.61 -62.74 3.65
CA GLU E 317 -8.24 -63.21 3.86
C GLU E 317 -7.28 -62.53 2.89
N ALA E 318 -7.63 -62.50 1.62
CA ALA E 318 -6.77 -61.91 0.60
C ALA E 318 -6.50 -60.44 0.91
N PHE E 319 -7.56 -59.69 1.16
CA PHE E 319 -7.47 -58.27 1.55
C PHE E 319 -6.60 -58.03 2.78
N CYS E 320 -6.76 -58.86 3.80
CA CYS E 320 -6.06 -58.68 5.08
C CYS E 320 -4.63 -59.22 5.11
N ALA E 321 -4.38 -60.30 4.36
CA ALA E 321 -3.18 -61.10 4.57
C ALA E 321 -2.37 -61.46 3.32
N LEU E 322 -2.95 -61.32 2.14
CA LEU E 322 -2.30 -61.78 0.91
C LEU E 322 -2.00 -60.66 -0.09
N ASN E 323 -2.98 -59.82 -0.37
CA ASN E 323 -2.85 -58.81 -1.43
C ASN E 323 -1.68 -57.85 -1.17
N GLY E 324 -1.56 -57.37 0.07
CA GLY E 324 -0.46 -56.48 0.45
C GLY E 324 0.91 -57.07 0.24
N PRO E 325 1.20 -58.20 0.90
CA PRO E 325 2.50 -58.86 0.71
C PRO E 325 2.84 -59.13 -0.75
N ARG E 326 1.86 -59.56 -1.53
CA ARG E 326 2.09 -59.88 -2.93
C ARG E 326 2.39 -58.62 -3.74
N PHE E 327 1.76 -57.51 -3.40
CA PHE E 327 2.05 -56.25 -4.08
C PHE E 327 3.46 -55.76 -3.78
N TYR E 328 3.84 -55.78 -2.50
CA TYR E 328 5.17 -55.33 -2.07
C TYR E 328 6.28 -56.32 -2.45
N GLY E 329 5.92 -57.58 -2.66
CA GLY E 329 6.91 -58.63 -2.92
C GLY E 329 7.53 -59.14 -1.64
N LEU E 330 6.73 -59.19 -0.57
CA LEU E 330 7.18 -59.66 0.72
C LEU E 330 6.47 -60.97 1.03
N PRO E 331 7.05 -61.78 1.92
CA PRO E 331 6.42 -63.06 2.22
C PRO E 331 5.11 -62.92 2.99
N VAL E 332 4.24 -63.89 2.80
CA VAL E 332 2.98 -63.99 3.52
C VAL E 332 3.23 -64.65 4.88
N ASN E 333 2.49 -64.24 5.90
CA ASN E 333 2.69 -64.75 7.26
C ASN E 333 2.32 -66.24 7.38
N ASP E 334 3.07 -66.98 8.18
CA ASP E 334 2.79 -68.41 8.41
C ASP E 334 1.67 -68.62 9.42
N ASP E 335 1.60 -67.76 10.43
CA ASP E 335 0.56 -67.83 11.47
C ASP E 335 -0.86 -67.72 10.94
N VAL E 336 -1.80 -68.09 11.80
CA VAL E 336 -3.23 -67.87 11.56
C VAL E 336 -3.86 -67.13 12.73
N VAL E 337 -4.97 -66.43 12.45
CA VAL E 337 -5.82 -65.89 13.50
C VAL E 337 -7.23 -66.40 13.27
N GLU E 338 -8.03 -66.43 14.34
CA GLU E 338 -9.41 -66.84 14.24
C GLU E 338 -10.31 -65.66 14.54
N LEU E 339 -11.22 -65.37 13.63
CA LEU E 339 -12.31 -64.46 13.88
C LEU E 339 -13.53 -65.25 14.33
N VAL E 340 -14.14 -64.81 15.43
CA VAL E 340 -15.30 -65.49 16.00
C VAL E 340 -16.46 -64.51 16.04
N ARG E 341 -17.63 -64.96 15.63
CA ARG E 341 -18.79 -64.09 15.56
C ARG E 341 -19.52 -64.02 16.91
N THR E 342 -18.87 -63.37 17.87
CA THR E 342 -19.46 -63.11 19.18
C THR E 342 -19.34 -61.61 19.46
N PRO E 343 -20.31 -61.03 20.17
CA PRO E 343 -20.32 -59.59 20.38
C PRO E 343 -19.08 -59.09 21.11
N PHE E 344 -18.77 -57.82 20.88
CA PHE E 344 -17.51 -57.23 21.27
C PHE E 344 -17.72 -55.73 21.45
N LEU E 345 -17.80 -55.30 22.70
CA LEU E 345 -18.09 -53.92 23.03
C LEU E 345 -16.81 -53.10 23.02
N GLN E 346 -16.80 -52.03 22.20
CA GLN E 346 -15.71 -51.08 22.20
C GLN E 346 -15.78 -50.20 23.44
N PRO E 347 -14.65 -49.97 24.11
CA PRO E 347 -14.68 -49.05 25.24
C PRO E 347 -14.95 -47.62 24.78
N GLU E 348 -15.49 -46.79 25.67
CA GLU E 348 -15.73 -45.39 25.38
C GLU E 348 -14.43 -44.58 25.25
N GLU E 349 -13.44 -44.88 26.10
CA GLU E 349 -12.18 -44.14 26.13
C GLU E 349 -11.00 -45.07 26.40
N ILE E 350 -9.82 -44.69 25.90
CA ILE E 350 -8.60 -45.42 26.14
C ILE E 350 -7.61 -44.48 26.83
N PRO E 351 -7.08 -44.90 28.00
CA PRO E 351 -6.23 -44.01 28.78
C PRO E 351 -4.93 -43.64 28.10
N LEU E 352 -4.46 -42.41 28.35
CA LEU E 352 -3.18 -41.94 27.83
C LEU E 352 -2.62 -40.96 28.84
N GLY E 353 -1.81 -41.47 29.77
CA GLY E 353 -1.36 -40.65 30.89
C GLY E 353 -2.55 -40.05 31.60
N ASN E 354 -2.50 -38.74 31.84
CA ASN E 354 -3.61 -37.99 32.44
C ASN E 354 -4.72 -37.64 31.42
N GLU E 355 -4.49 -37.95 30.13
CA GLU E 355 -5.43 -37.67 29.06
C GLU E 355 -6.07 -38.99 28.58
N SER E 356 -6.77 -38.94 27.46
CA SER E 356 -7.33 -40.15 26.86
C SER E 356 -7.50 -40.01 25.35
N VAL E 357 -7.76 -41.14 24.71
CA VAL E 357 -7.99 -41.22 23.28
C VAL E 357 -9.33 -41.91 23.04
N ILE E 358 -10.15 -41.34 22.16
CA ILE E 358 -11.45 -41.93 21.85
C ILE E 358 -11.30 -42.85 20.65
N PRO E 359 -11.60 -44.15 20.84
CA PRO E 359 -11.43 -45.09 19.75
C PRO E 359 -12.57 -45.05 18.74
N PHE E 360 -12.29 -45.57 17.55
CA PHE E 360 -13.27 -45.80 16.51
C PHE E 360 -14.41 -46.67 17.05
N LEU E 361 -15.64 -46.25 16.78
CA LEU E 361 -16.84 -46.96 17.24
C LEU E 361 -16.94 -47.06 18.75
N ALA E 362 -16.44 -46.05 19.45
CA ALA E 362 -16.49 -46.00 20.91
C ALA E 362 -17.89 -46.31 21.44
N GLY E 363 -17.97 -47.24 22.39
CA GLY E 363 -19.24 -47.62 23.01
C GLY E 363 -20.16 -48.49 22.18
N GLN E 364 -19.76 -48.81 20.96
CA GLN E 364 -20.59 -49.64 20.08
C GLN E 364 -20.19 -51.10 20.15
N THR E 365 -21.07 -51.96 19.66
CA THR E 365 -20.87 -53.41 19.73
C THR E 365 -20.60 -53.94 18.33
N LEU E 366 -19.43 -54.55 18.13
CA LEU E 366 -19.11 -55.24 16.88
C LEU E 366 -19.62 -56.68 16.95
N ASN E 367 -19.97 -57.24 15.81
CA ASN E 367 -20.46 -58.63 15.74
C ASN E 367 -19.34 -59.66 15.77
N TRP E 368 -18.12 -59.22 15.44
CA TRP E 368 -16.95 -60.11 15.36
C TRP E 368 -15.90 -59.78 16.42
N SER E 369 -15.23 -60.82 16.91
CA SER E 369 -14.10 -60.69 17.83
C SER E 369 -12.92 -61.49 17.28
N VAL E 370 -11.74 -61.25 17.85
CA VAL E 370 -10.54 -62.01 17.51
C VAL E 370 -10.24 -62.98 18.64
N LYS E 371 -10.12 -64.26 18.34
CA LYS E 371 -9.43 -65.26 19.16
C LYS E 371 -8.01 -65.24 18.58
N ARG E 372 -7.01 -65.13 19.46
CA ARG E 372 -5.61 -65.16 19.04
C ARG E 372 -5.16 -66.59 18.68
N PRO F 29 41.72 -30.37 1.30
CA PRO F 29 41.10 -29.59 0.19
C PRO F 29 41.91 -28.38 -0.16
N GLN F 30 41.70 -27.78 -1.34
CA GLN F 30 42.27 -26.44 -1.61
C GLN F 30 41.93 -25.46 -0.48
N THR F 31 42.94 -24.76 0.01
CA THR F 31 42.81 -23.92 1.21
C THR F 31 43.40 -22.57 0.89
N LEU F 32 42.88 -21.55 1.57
CA LEU F 32 43.32 -20.19 1.36
C LEU F 32 43.39 -19.52 2.72
N LYS F 33 44.59 -19.12 3.10
CA LYS F 33 44.82 -18.43 4.37
C LYS F 33 44.92 -16.95 4.05
N ILE F 34 44.09 -16.14 4.72
CA ILE F 34 44.11 -14.69 4.55
C ILE F 34 44.00 -14.02 5.91
N ARG F 35 44.41 -12.75 5.97
CA ARG F 35 44.21 -11.96 7.18
C ARG F 35 42.74 -11.88 7.51
N ARG F 36 42.45 -11.81 8.80
CA ARG F 36 41.06 -11.79 9.26
C ARG F 36 40.37 -10.55 8.68
N PRO F 37 39.20 -10.75 8.05
CA PRO F 37 38.52 -9.65 7.38
C PRO F 37 37.70 -8.77 8.31
N ASP F 38 37.23 -7.67 7.75
CA ASP F 38 36.28 -6.77 8.39
C ASP F 38 35.10 -6.58 7.45
N ASP F 39 33.95 -6.20 8.01
CA ASP F 39 32.75 -5.90 7.20
C ASP F 39 32.46 -4.41 7.29
N TRP F 40 32.76 -3.68 6.22
CA TRP F 40 32.70 -2.21 6.26
C TRP F 40 31.31 -1.61 6.04
N HIS F 41 30.27 -2.45 6.14
CA HIS F 41 28.90 -2.00 6.00
C HIS F 41 27.91 -3.06 6.48
N ILE F 42 27.36 -2.89 7.68
CA ILE F 42 26.39 -3.87 8.15
C ILE F 42 25.27 -3.27 8.99
N HIS F 43 24.11 -3.92 8.94
CA HIS F 43 23.00 -3.63 9.85
C HIS F 43 22.83 -4.75 10.83
N LEU F 44 23.01 -4.43 12.10
CA LEU F 44 22.84 -5.40 13.18
C LEU F 44 21.45 -5.35 13.82
N ARG F 45 20.66 -4.34 13.47
CA ARG F 45 19.35 -4.12 14.10
C ARG F 45 19.50 -4.04 15.62
N ASP F 46 18.49 -4.53 16.36
CA ASP F 46 18.46 -4.36 17.80
C ASP F 46 17.66 -5.50 18.44
N ASP F 47 17.71 -5.55 19.77
CA ASP F 47 16.89 -6.48 20.55
C ASP F 47 17.11 -7.92 20.11
N GLU F 48 16.04 -8.71 19.89
CA GLU F 48 16.21 -10.14 19.60
C GLU F 48 16.88 -10.39 18.25
N MET F 49 16.62 -9.52 17.27
CA MET F 49 17.23 -9.62 15.97
C MET F 49 18.75 -9.49 16.08
N LEU F 50 19.20 -8.46 16.82
CA LEU F 50 20.62 -8.27 17.10
C LEU F 50 21.28 -9.51 17.67
N SER F 51 20.67 -10.10 18.69
CA SER F 51 21.19 -11.31 19.33
C SER F 51 21.34 -12.47 18.35
N THR F 52 20.36 -12.59 17.45
CA THR F 52 20.33 -13.68 16.49
C THR F 52 21.33 -13.51 15.34
N VAL F 53 21.47 -12.29 14.82
CA VAL F 53 22.25 -12.09 13.59
C VAL F 53 23.73 -11.80 13.81
N LEU F 54 24.07 -11.16 14.93
CA LEU F 54 25.44 -10.76 15.18
C LEU F 54 26.45 -11.92 15.14
N PRO F 55 26.12 -13.06 15.77
CA PRO F 55 27.07 -14.18 15.80
C PRO F 55 27.58 -14.61 14.43
N TYR F 56 26.73 -14.52 13.40
CA TYR F 56 27.15 -14.88 12.05
C TYR F 56 28.27 -13.98 11.56
N THR F 57 28.27 -12.71 12.00
CA THR F 57 29.31 -11.77 11.63
C THR F 57 30.54 -11.89 12.55
N SER F 58 30.32 -11.93 13.87
CA SER F 58 31.42 -11.92 14.84
C SER F 58 32.29 -13.18 14.79
N GLU F 59 31.74 -14.27 14.28
CA GLU F 59 32.46 -15.52 14.09
C GLU F 59 33.64 -15.35 13.13
N VAL F 60 33.47 -14.52 12.12
CA VAL F 60 34.41 -14.41 10.99
C VAL F 60 35.11 -13.05 10.95
N PHE F 61 34.35 -11.97 11.13
CA PHE F 61 34.88 -10.62 10.98
C PHE F 61 35.30 -10.04 12.31
N ALA F 62 36.47 -9.40 12.33
CA ALA F 62 37.00 -8.80 13.57
C ALA F 62 36.31 -7.48 13.90
N ARG F 63 35.99 -6.71 12.87
CA ARG F 63 35.33 -5.42 13.04
C ARG F 63 34.25 -5.30 12.00
N ALA F 64 33.27 -4.44 12.29
CA ALA F 64 32.27 -4.06 11.30
C ALA F 64 31.79 -2.64 11.51
N ILE F 65 31.56 -1.92 10.41
CA ILE F 65 30.94 -0.62 10.43
C ILE F 65 29.45 -0.86 10.65
N VAL F 66 28.95 -0.38 11.78
CA VAL F 66 27.57 -0.63 12.18
C VAL F 66 26.72 0.58 11.84
N MET F 67 25.79 0.37 10.92
CA MET F 67 24.96 1.45 10.43
C MET F 67 23.99 1.92 11.51
N PRO F 68 23.58 3.20 11.45
CA PRO F 68 22.86 3.83 12.53
C PRO F 68 21.35 3.95 12.34
N ASN F 69 20.78 3.24 11.37
CA ASN F 69 19.36 3.43 11.00
C ASN F 69 18.41 2.54 11.78
N LEU F 70 18.43 2.70 13.10
CA LEU F 70 17.44 2.04 13.95
C LEU F 70 16.14 2.83 13.90
N ALA F 71 15.09 2.27 14.53
CA ALA F 71 13.80 2.94 14.62
C ALA F 71 13.95 4.36 15.13
N GLN F 72 14.75 4.52 16.19
CA GLN F 72 15.25 5.84 16.63
C GLN F 72 16.69 5.92 16.18
N PRO F 73 16.97 6.72 15.15
CA PRO F 73 18.32 6.72 14.58
C PRO F 73 19.41 7.20 15.57
N ILE F 74 20.61 6.70 15.37
CA ILE F 74 21.75 7.00 16.24
C ILE F 74 22.33 8.34 15.83
N THR F 75 21.94 9.40 16.53
CA THR F 75 22.35 10.78 16.20
C THR F 75 23.12 11.49 17.33
N THR F 76 23.33 10.82 18.46
CA THR F 76 24.06 11.38 19.59
C THR F 76 25.13 10.42 20.05
N VAL F 77 26.13 10.95 20.73
CA VAL F 77 27.19 10.14 21.32
C VAL F 77 26.59 9.16 22.32
N ALA F 78 25.68 9.66 23.16
CA ALA F 78 25.04 8.86 24.20
C ALA F 78 24.32 7.65 23.64
N SER F 79 23.54 7.84 22.58
CA SER F 79 22.78 6.74 21.98
C SER F 79 23.71 5.75 21.28
N ALA F 80 24.81 6.24 20.73
CA ALA F 80 25.82 5.38 20.10
C ALA F 80 26.54 4.50 21.12
N ILE F 81 26.90 5.09 22.26
CA ILE F 81 27.52 4.33 23.34
C ILE F 81 26.58 3.23 23.82
N ALA F 82 25.31 3.57 24.02
CA ALA F 82 24.31 2.60 24.49
C ALA F 82 24.13 1.46 23.50
N TYR F 83 24.06 1.79 22.21
CA TYR F 83 23.90 0.76 21.17
C TYR F 83 25.14 -0.12 21.09
N ARG F 84 26.32 0.49 21.16
CA ARG F 84 27.57 -0.27 21.21
C ARG F 84 27.57 -1.28 22.35
N GLU F 85 27.13 -0.86 23.53
CA GLU F 85 27.03 -1.77 24.68
C GLU F 85 26.08 -2.94 24.43
N ARG F 86 24.95 -2.68 23.77
CA ARG F 86 23.99 -3.75 23.47
C ARG F 86 24.58 -4.75 22.49
N ILE F 87 25.37 -4.24 21.54
CA ILE F 87 26.04 -5.09 20.56
C ILE F 87 27.10 -5.96 21.24
N LEU F 88 27.93 -5.34 22.08
CA LEU F 88 28.97 -6.08 22.80
C LEU F 88 28.38 -7.16 23.70
N ALA F 89 27.24 -6.89 24.31
CA ALA F 89 26.54 -7.87 25.14
C ALA F 89 26.03 -9.08 24.33
N ALA F 90 25.77 -8.88 23.05
CA ALA F 90 25.32 -9.94 22.16
C ALA F 90 26.46 -10.76 21.53
N VAL F 91 27.70 -10.31 21.69
CA VAL F 91 28.84 -11.06 21.14
C VAL F 91 29.02 -12.37 21.92
N PRO F 92 28.98 -13.53 21.23
CA PRO F 92 29.16 -14.79 21.93
C PRO F 92 30.53 -14.92 22.58
N ALA F 93 30.58 -15.66 23.68
CA ALA F 93 31.85 -15.91 24.35
C ALA F 93 32.77 -16.64 23.37
N GLY F 94 34.02 -16.21 23.33
CA GLY F 94 35.00 -16.81 22.44
C GLY F 94 35.16 -16.10 21.11
N HIS F 95 34.24 -15.20 20.77
CA HIS F 95 34.37 -14.36 19.57
C HIS F 95 35.14 -13.09 19.92
N LYS F 96 35.99 -12.63 19.00
CA LYS F 96 36.66 -11.35 19.13
C LYS F 96 36.03 -10.42 18.09
N PHE F 97 35.25 -9.45 18.56
CA PHE F 97 34.56 -8.53 17.67
C PHE F 97 34.45 -7.14 18.28
N THR F 98 34.67 -6.13 17.44
CA THR F 98 34.55 -4.73 17.84
C THR F 98 33.66 -4.00 16.84
N PRO F 99 32.53 -3.45 17.31
CA PRO F 99 31.71 -2.65 16.42
C PRO F 99 32.29 -1.24 16.25
N LEU F 100 32.33 -0.78 15.02
CA LEU F 100 32.73 0.57 14.70
C LEU F 100 31.45 1.36 14.45
N MET F 101 31.15 2.31 15.34
CA MET F 101 29.85 2.98 15.31
C MET F 101 29.82 4.13 14.31
N THR F 102 28.61 4.46 13.86
CA THR F 102 28.42 5.55 12.94
C THR F 102 27.32 6.47 13.44
N CYS F 103 27.44 7.73 13.03
CA CYS F 103 26.44 8.75 13.31
C CYS F 103 25.53 8.94 12.11
N TYR F 104 24.23 8.95 12.37
CA TYR F 104 23.21 9.17 11.37
C TYR F 104 23.07 10.67 11.15
N LEU F 105 23.45 11.16 9.98
CA LEU F 105 23.38 12.58 9.69
C LEU F 105 21.93 13.03 9.52
N THR F 106 21.62 14.21 10.05
CA THR F 106 20.30 14.82 9.89
C THR F 106 20.46 16.30 9.57
N ASN F 107 19.36 16.94 9.19
CA ASN F 107 19.37 18.37 8.87
C ASN F 107 19.59 19.23 10.11
N SER F 108 19.23 18.72 11.29
CA SER F 108 19.34 19.48 12.55
C SER F 108 20.52 19.04 13.41
N LEU F 109 21.32 18.09 12.95
CA LEU F 109 22.44 17.56 13.73
C LEU F 109 23.45 18.65 14.10
N ASP F 110 23.86 18.66 15.37
CA ASP F 110 24.86 19.61 15.86
C ASP F 110 26.27 19.10 15.53
N ALA F 111 27.08 19.96 14.91
CA ALA F 111 28.43 19.59 14.52
C ALA F 111 29.34 19.20 15.70
N LYS F 112 29.18 19.85 16.85
CA LYS F 112 29.93 19.50 18.07
C LYS F 112 29.71 18.04 18.48
N GLU F 113 28.48 17.57 18.37
CA GLU F 113 28.15 16.16 18.67
C GLU F 113 28.94 15.18 17.79
N LEU F 114 29.09 15.55 16.53
CA LEU F 114 29.85 14.75 15.56
C LEU F 114 31.35 14.80 15.87
N THR F 115 31.84 16.01 16.14
CA THR F 115 33.25 16.25 16.39
C THR F 115 33.75 15.52 17.65
N THR F 116 33.02 15.66 18.76
CA THR F 116 33.47 15.06 20.01
C THR F 116 33.31 13.55 19.97
N GLY F 117 32.28 13.08 19.29
CA GLY F 117 32.08 11.66 19.09
C GLY F 117 33.24 11.03 18.34
N PHE F 118 33.76 11.74 17.34
CA PHE F 118 34.87 11.24 16.56
C PHE F 118 36.16 11.25 17.38
N GLU F 119 36.38 12.32 18.13
CA GLU F 119 37.61 12.48 18.92
C GLU F 119 37.64 11.57 20.14
N GLN F 120 36.47 11.23 20.69
CA GLN F 120 36.36 10.25 21.78
C GLN F 120 36.45 8.79 21.31
N GLY F 121 36.47 8.56 20.00
CA GLY F 121 36.53 7.20 19.47
C GLY F 121 35.19 6.47 19.45
N VAL F 122 34.09 7.20 19.67
CA VAL F 122 32.77 6.60 19.64
C VAL F 122 32.33 6.41 18.19
N PHE F 123 32.36 7.50 17.41
CA PHE F 123 32.03 7.45 15.99
C PHE F 123 33.29 7.21 15.16
N THR F 124 33.24 6.18 14.33
CA THR F 124 34.28 5.93 13.34
C THR F 124 33.98 6.69 12.04
N ALA F 125 32.70 6.93 11.77
CA ALA F 125 32.27 7.63 10.56
C ALA F 125 30.86 8.16 10.72
N ALA F 126 30.42 8.97 9.75
CA ALA F 126 29.05 9.44 9.69
C ALA F 126 28.41 8.96 8.41
N LEU F 128 25.36 9.24 5.55
CA LEU F 128 24.36 10.05 4.87
C LEU F 128 23.29 9.19 4.20
N TYR F 129 22.06 9.29 4.70
CA TYR F 129 20.87 8.76 4.03
C TYR F 129 20.07 9.91 3.45
N PRO F 130 19.87 9.90 2.13
CA PRO F 130 18.89 10.83 1.59
C PRO F 130 17.51 10.48 2.14
N ALA F 131 16.75 11.50 2.52
CA ALA F 131 15.45 11.30 3.15
C ALA F 131 14.54 10.41 2.31
N ASN F 132 14.04 9.34 2.94
CA ASN F 132 13.12 8.36 2.33
C ASN F 132 13.75 7.44 1.26
N ALA F 133 15.08 7.39 1.21
CA ALA F 133 15.79 6.55 0.23
C ALA F 133 15.66 5.07 0.56
N THR F 134 15.57 4.74 1.84
CA THR F 134 15.58 3.35 2.28
C THR F 134 14.90 3.12 3.65
N THR F 135 15.19 1.97 4.26
CA THR F 135 14.73 1.58 5.59
C THR F 135 15.13 2.59 6.69
N ASN F 136 14.14 3.03 7.46
CA ASN F 136 14.32 3.97 8.60
C ASN F 136 15.10 5.22 8.18
N SER F 137 14.63 5.84 7.11
CA SER F 137 15.27 7.02 6.52
C SER F 137 14.36 8.27 6.48
N THR F 138 13.23 8.24 7.19
CA THR F 138 12.34 9.40 7.25
C THR F 138 12.99 10.61 7.93
N HIS F 139 13.95 10.35 8.82
CA HIS F 139 14.72 11.41 9.48
C HIS F 139 16.03 11.75 8.76
N GLY F 140 16.23 11.20 7.55
CA GLY F 140 17.42 11.47 6.76
C GLY F 140 17.48 12.90 6.27
N VAL F 141 18.54 13.19 5.51
CA VAL F 141 18.81 14.55 5.04
C VAL F 141 18.00 14.84 3.78
N SER F 142 17.21 15.91 3.80
CA SER F 142 16.33 16.24 2.69
C SER F 142 16.99 17.15 1.64
N ASP F 143 17.73 18.15 2.07
CA ASP F 143 18.43 19.04 1.12
C ASP F 143 19.92 18.98 1.39
N ILE F 144 20.61 18.09 0.70
CA ILE F 144 21.97 17.70 1.09
C ILE F 144 22.98 18.86 1.16
N PRO F 145 22.96 19.79 0.18
CA PRO F 145 23.86 20.95 0.30
C PRO F 145 23.69 21.81 1.57
N ALA F 146 22.54 21.73 2.23
CA ALA F 146 22.32 22.49 3.47
C ALA F 146 23.24 22.05 4.61
N ILE F 147 23.69 20.80 4.58
CA ILE F 147 24.60 20.31 5.64
C ILE F 147 26.07 20.31 5.22
N TYR F 148 26.41 21.08 4.17
CA TYR F 148 27.80 21.32 3.81
C TYR F 148 28.67 21.75 5.01
N PRO F 149 28.13 22.56 5.94
CA PRO F 149 28.95 22.91 7.10
C PRO F 149 29.40 21.70 7.94
N LEU F 150 28.60 20.63 7.97
CA LEU F 150 29.02 19.38 8.62
C LEU F 150 30.17 18.72 7.87
N PHE F 151 30.07 18.66 6.55
CA PHE F 151 31.13 18.07 5.75
C PHE F 151 32.43 18.82 5.94
N GLU F 152 32.34 20.16 6.00
CA GLU F 152 33.53 20.98 6.24
C GLU F 152 34.21 20.59 7.54
N GLN F 153 33.43 20.39 8.58
CA GLN F 153 33.96 19.99 9.87
C GLN F 153 34.56 18.58 9.80
N MET F 154 33.85 17.67 9.13
CA MET F 154 34.36 16.31 8.95
C MET F 154 35.69 16.29 8.18
N GLN F 155 35.77 17.11 7.15
CA GLN F 155 37.00 17.22 6.36
C GLN F 155 38.14 17.68 7.25
N LYS F 156 37.87 18.72 8.03
CA LYS F 156 38.87 19.29 8.92
C LYS F 156 39.45 18.26 9.90
N ILE F 157 38.59 17.44 10.50
CA ILE F 157 39.01 16.49 11.53
C ILE F 157 39.41 15.11 11.01
N GLY F 158 39.16 14.84 9.73
CA GLY F 158 39.51 13.54 9.13
C GLY F 158 38.49 12.44 9.34
N MET F 159 37.23 12.81 9.52
CA MET F 159 36.14 11.83 9.71
C MET F 159 35.57 11.43 8.36
N PRO F 160 35.49 10.13 8.07
CA PRO F 160 34.95 9.72 6.78
C PRO F 160 33.44 9.85 6.67
N LEU F 161 32.97 10.16 5.46
CA LEU F 161 31.56 10.27 5.15
C LEU F 161 31.15 9.04 4.34
N LEU F 162 30.18 8.28 4.86
CA LEU F 162 29.64 7.13 4.15
C LEU F 162 28.32 7.55 3.53
N ILE F 163 28.10 7.19 2.27
CA ILE F 163 26.94 7.67 1.54
C ILE F 163 26.11 6.57 0.91
N HIS F 164 24.81 6.57 1.19
CA HIS F 164 23.85 5.79 0.43
C HIS F 164 23.50 6.68 -0.76
N GLY F 165 24.09 6.41 -1.91
CA GLY F 165 24.04 7.35 -3.04
C GLY F 165 22.92 7.14 -4.04
N GLU F 166 21.73 7.60 -3.67
CA GLU F 166 20.56 7.55 -4.53
C GLU F 166 19.77 8.84 -4.37
N VAL F 167 19.35 9.44 -5.47
CA VAL F 167 18.38 10.53 -5.41
C VAL F 167 17.02 9.91 -5.10
N THR F 168 16.08 10.73 -4.65
CA THR F 168 14.75 10.25 -4.27
C THR F 168 13.61 10.91 -5.04
N ASP F 169 13.94 11.81 -5.96
CA ASP F 169 12.97 12.51 -6.78
C ASP F 169 12.03 11.49 -7.44
N ALA F 170 10.73 11.70 -7.28
CA ALA F 170 9.71 10.75 -7.75
C ALA F 170 9.70 10.57 -9.26
N ALA F 171 10.13 11.61 -9.99
CA ALA F 171 10.19 11.55 -11.45
C ALA F 171 11.38 10.74 -11.97
N VAL F 172 12.31 10.36 -11.10
CA VAL F 172 13.46 9.58 -11.52
C VAL F 172 13.18 8.09 -11.34
N ASP F 173 13.36 7.35 -12.43
CA ASP F 173 13.19 5.91 -12.43
C ASP F 173 14.15 5.27 -11.45
N ILE F 174 13.67 4.25 -10.74
CA ILE F 174 14.44 3.65 -9.66
C ILE F 174 15.81 3.15 -10.11
N PHE F 175 15.88 2.63 -11.32
CA PHE F 175 17.14 2.10 -11.85
C PHE F 175 18.16 3.18 -12.24
N ASP F 176 17.68 4.43 -12.33
CA ASP F 176 18.53 5.59 -12.66
C ASP F 176 19.01 6.38 -11.45
N ARG F 177 18.56 6.03 -10.26
CA ARG F 177 18.76 6.90 -9.10
C ARG F 177 20.19 6.98 -8.64
N GLU F 178 20.95 5.90 -8.78
CA GLU F 178 22.36 5.92 -8.40
C GLU F 178 23.16 6.82 -9.33
N ALA F 179 22.96 6.65 -10.63
CA ALA F 179 23.68 7.45 -11.63
C ALA F 179 23.41 8.94 -11.49
N ARG F 180 22.16 9.32 -11.23
CA ARG F 180 21.82 10.72 -11.02
C ARG F 180 22.52 11.28 -9.80
N PHE F 181 22.62 10.47 -8.75
CA PHE F 181 23.28 10.89 -7.52
C PHE F 181 24.72 11.33 -7.78
N ILE F 182 25.43 10.56 -8.61
CA ILE F 182 26.83 10.81 -8.89
C ILE F 182 27.03 12.23 -9.42
N ASP F 183 26.28 12.60 -10.44
CA ASP F 183 26.44 13.92 -11.08
C ASP F 183 25.87 15.06 -10.25
N GLN F 184 24.72 14.80 -9.63
CA GLN F 184 23.94 15.88 -8.99
C GLN F 184 24.38 16.18 -7.56
N ILE F 185 24.81 15.15 -6.83
CA ILE F 185 25.14 15.30 -5.41
C ILE F 185 26.60 15.01 -5.06
N LEU F 186 27.12 13.86 -5.53
CA LEU F 186 28.44 13.41 -5.13
C LEU F 186 29.56 14.25 -5.73
N GLU F 187 29.49 14.50 -7.03
CA GLU F 187 30.54 15.27 -7.70
C GLU F 187 30.68 16.68 -7.09
N PRO F 188 29.56 17.38 -6.85
CA PRO F 188 29.70 18.69 -6.19
C PRO F 188 30.32 18.62 -4.78
N ILE F 189 29.98 17.60 -4.01
CA ILE F 189 30.62 17.40 -2.71
C ILE F 189 32.12 17.23 -2.86
N ARG F 190 32.53 16.42 -3.83
CA ARG F 190 33.95 16.14 -4.03
C ARG F 190 34.71 17.36 -4.55
N GLN F 191 34.05 18.18 -5.37
CA GLN F 191 34.66 19.43 -5.84
C GLN F 191 34.88 20.41 -4.68
N LYS F 192 33.90 20.53 -3.78
CA LYS F 192 33.98 21.49 -2.69
C LYS F 192 34.84 21.00 -1.52
N PHE F 193 34.84 19.70 -1.26
CA PHE F 193 35.59 19.11 -0.15
C PHE F 193 36.55 18.05 -0.66
N PRO F 194 37.64 18.48 -1.32
CA PRO F 194 38.53 17.54 -2.02
C PRO F 194 39.34 16.62 -1.12
N GLU F 195 39.43 16.93 0.18
CA GLU F 195 40.15 16.08 1.12
C GLU F 195 39.23 15.36 2.13
N LEU F 196 37.93 15.35 1.84
CA LEU F 196 36.98 14.58 2.64
C LEU F 196 37.00 13.13 2.18
N LYS F 197 37.20 12.22 3.11
CA LYS F 197 37.16 10.79 2.80
C LYS F 197 35.71 10.37 2.65
N ILE F 198 35.40 9.77 1.50
CA ILE F 198 34.04 9.38 1.18
C ILE F 198 34.00 7.93 0.75
N VAL F 199 33.11 7.15 1.36
CA VAL F 199 32.83 5.81 0.87
C VAL F 199 31.50 5.83 0.16
N PHE F 200 31.55 5.48 -1.12
CA PHE F 200 30.37 5.31 -1.91
C PHE F 200 29.89 3.90 -1.58
N GLU F 201 28.93 3.79 -0.67
CA GLU F 201 28.49 2.49 -0.18
C GLU F 201 27.73 1.68 -1.22
N HIS F 202 27.85 0.36 -1.11
CA HIS F 202 27.18 -0.61 -1.96
C HIS F 202 26.87 -0.15 -3.39
N ILE F 203 27.92 0.01 -4.17
CA ILE F 203 27.73 0.44 -5.55
C ILE F 203 27.11 -0.68 -6.36
N THR F 204 26.32 -0.27 -7.34
CA THR F 204 25.53 -1.20 -8.14
C THR F 204 25.65 -0.96 -9.65
N THR F 205 26.35 0.09 -10.07
CA THR F 205 26.37 0.47 -11.47
C THR F 205 27.78 0.61 -12.01
N LYS F 206 27.90 0.36 -13.30
CA LYS F 206 29.09 0.72 -14.07
C LYS F 206 29.42 2.21 -13.92
N ASP F 207 28.39 3.05 -13.85
CA ASP F 207 28.59 4.49 -13.62
C ASP F 207 29.40 4.71 -12.35
N ALA F 208 29.00 4.05 -11.28
CA ALA F 208 29.67 4.19 -9.98
C ALA F 208 31.07 3.58 -10.01
N ALA F 209 31.17 2.38 -10.58
CA ALA F 209 32.46 1.71 -10.70
C ALA F 209 33.47 2.57 -11.42
N ASP F 210 33.09 3.08 -12.58
CA ASP F 210 33.97 3.95 -13.39
C ASP F 210 34.33 5.22 -12.65
N TYR F 211 33.37 5.81 -11.94
CA TYR F 211 33.60 7.05 -11.23
C TYR F 211 34.60 6.84 -10.11
N VAL F 212 34.46 5.75 -9.37
CA VAL F 212 35.39 5.42 -8.29
C VAL F 212 36.80 5.11 -8.85
N LEU F 213 36.85 4.33 -9.93
CA LEU F 213 38.13 4.00 -10.57
C LEU F 213 38.87 5.24 -11.06
N ALA F 214 38.11 6.26 -11.49
CA ALA F 214 38.68 7.51 -12.00
C ALA F 214 38.93 8.56 -10.90
N GLY F 215 38.68 8.21 -9.64
CA GLY F 215 38.84 9.14 -8.53
C GLY F 215 40.26 9.21 -8.00
N ASN F 216 40.38 9.34 -6.69
CA ASN F 216 41.66 9.45 -6.00
C ASN F 216 41.58 8.71 -4.65
N ARG F 217 42.58 8.88 -3.80
CA ARG F 217 42.61 8.14 -2.54
C ARG F 217 41.52 8.54 -1.54
N PHE F 218 40.84 9.65 -1.78
CA PHE F 218 39.76 10.11 -0.91
C PHE F 218 38.39 9.54 -1.26
N LEU F 219 38.31 8.72 -2.31
CA LEU F 219 37.04 8.09 -2.69
C LEU F 219 37.18 6.57 -2.76
N GLY F 220 36.38 5.88 -1.96
CA GLY F 220 36.36 4.43 -1.95
C GLY F 220 34.94 3.92 -2.12
N ALA F 221 34.79 2.59 -2.15
CA ALA F 221 33.47 2.00 -2.31
C ALA F 221 33.39 0.60 -1.72
N THR F 222 32.21 0.24 -1.21
CA THR F 222 31.96 -1.14 -0.79
C THR F 222 31.11 -1.83 -1.84
N VAL F 223 31.26 -3.15 -1.93
CA VAL F 223 30.48 -3.95 -2.85
C VAL F 223 29.94 -5.17 -2.13
N THR F 224 28.64 -5.43 -2.30
CA THR F 224 27.98 -6.55 -1.63
C THR F 224 28.13 -7.82 -2.43
N PRO F 225 27.88 -8.98 -1.79
CA PRO F 225 27.92 -10.21 -2.57
C PRO F 225 26.76 -10.33 -3.56
N GLN F 226 25.58 -9.86 -3.19
CA GLN F 226 24.41 -9.99 -4.06
C GLN F 226 24.54 -9.19 -5.38
N HIS F 227 25.17 -8.02 -5.31
CA HIS F 227 25.35 -7.20 -6.52
C HIS F 227 26.45 -7.78 -7.41
N LEU F 228 27.33 -8.59 -6.85
CA LEU F 228 28.30 -9.33 -7.65
C LEU F 228 27.70 -10.60 -8.25
N MET F 229 26.86 -11.29 -7.49
CA MET F 229 26.35 -12.60 -7.89
C MET F 229 25.14 -12.54 -8.82
N PHE F 230 24.35 -11.47 -8.71
CA PHE F 230 23.05 -11.41 -9.38
C PHE F 230 22.82 -10.09 -10.09
N ASN F 231 21.83 -10.09 -10.98
CA ASN F 231 21.29 -8.89 -11.61
C ASN F 231 19.76 -8.93 -11.52
N ARG F 232 19.11 -7.90 -12.01
CA ARG F 232 17.67 -7.76 -11.82
C ARG F 232 16.84 -8.90 -12.45
N ASN F 233 17.37 -9.56 -13.48
CA ASN F 233 16.67 -10.72 -14.05
C ASN F 233 16.44 -11.82 -13.00
N HIS F 234 17.40 -12.00 -12.08
CA HIS F 234 17.27 -13.03 -11.07
C HIS F 234 16.14 -12.75 -10.09
N MET F 235 15.81 -11.47 -9.91
CA MET F 235 14.74 -11.04 -9.04
C MET F 235 13.35 -11.13 -9.69
N LEU F 236 13.30 -11.11 -11.02
CA LEU F 236 12.04 -10.88 -11.72
C LEU F 236 11.63 -11.91 -12.79
N VAL F 237 12.59 -12.63 -13.37
CA VAL F 237 12.26 -13.57 -14.44
C VAL F 237 11.72 -14.85 -13.83
N GLY F 238 10.57 -15.30 -14.31
CA GLY F 238 9.93 -16.52 -13.82
C GLY F 238 9.27 -16.41 -12.45
N GLY F 239 9.20 -15.20 -11.92
CA GLY F 239 8.61 -14.97 -10.60
C GLY F 239 9.29 -13.82 -9.91
N ILE F 240 8.63 -13.23 -8.92
CA ILE F 240 9.18 -12.07 -8.24
C ILE F 240 9.73 -12.53 -6.88
N ARG F 241 10.99 -12.19 -6.60
CA ARG F 241 11.74 -12.78 -5.49
C ARG F 241 12.19 -11.73 -4.49
N PRO F 242 11.37 -11.46 -3.47
CA PRO F 242 11.67 -10.39 -2.54
C PRO F 242 12.95 -10.58 -1.73
N HIS F 243 13.45 -11.81 -1.60
CA HIS F 243 14.71 -11.99 -0.89
C HIS F 243 15.93 -11.54 -1.68
N LEU F 244 15.74 -11.15 -2.94
CA LEU F 244 16.77 -10.45 -3.71
C LEU F 244 16.52 -8.95 -3.81
N PHE F 245 15.43 -8.49 -3.21
CA PHE F 245 15.10 -7.07 -3.21
C PHE F 245 15.91 -6.37 -2.10
N CYS F 246 16.73 -5.41 -2.51
CA CYS F 246 17.50 -4.58 -1.62
C CYS F 246 17.65 -3.22 -2.26
N LEU F 247 18.13 -2.26 -1.49
CA LEU F 247 18.39 -0.92 -2.00
C LEU F 247 19.86 -0.66 -1.85
N PRO F 248 20.54 -0.16 -2.88
CA PRO F 248 20.01 0.16 -4.20
C PRO F 248 19.69 -1.12 -4.94
N ILE F 249 18.71 -1.03 -5.81
CA ILE F 249 18.16 -2.18 -6.48
C ILE F 249 19.17 -2.84 -7.42
N LEU F 250 19.05 -4.16 -7.57
CA LEU F 250 19.85 -4.89 -8.54
C LEU F 250 19.63 -4.30 -9.93
N LYS F 251 20.73 -4.14 -10.67
CA LYS F 251 20.68 -3.48 -11.95
C LYS F 251 20.77 -4.52 -13.07
N ARG F 252 20.78 -4.07 -14.31
CA ARG F 252 20.90 -5.01 -15.43
C ARG F 252 22.30 -5.64 -15.48
N SER F 253 22.41 -6.74 -16.22
CA SER F 253 23.62 -7.56 -16.26
C SER F 253 24.88 -6.78 -16.62
N THR F 254 24.75 -5.80 -17.50
CA THR F 254 25.85 -4.92 -17.87
C THR F 254 26.55 -4.34 -16.65
N HIS F 255 25.74 -3.86 -15.70
CA HIS F 255 26.26 -3.22 -14.50
C HIS F 255 26.88 -4.25 -13.57
N GLN F 256 26.22 -5.40 -13.42
CA GLN F 256 26.77 -6.50 -12.65
C GLN F 256 28.18 -6.86 -13.13
N GLN F 257 28.34 -6.97 -14.45
CA GLN F 257 29.64 -7.33 -15.03
C GLN F 257 30.72 -6.27 -14.76
N ALA F 258 30.33 -5.00 -14.75
CA ALA F 258 31.26 -3.93 -14.42
C ALA F 258 31.74 -4.00 -12.98
N LEU F 259 30.86 -4.34 -12.06
CA LEU F 259 31.24 -4.49 -10.65
C LEU F 259 32.21 -5.64 -10.49
N ARG F 260 31.90 -6.76 -11.14
CA ARG F 260 32.75 -7.94 -11.10
C ARG F 260 34.16 -7.62 -11.62
N ALA F 261 34.23 -6.89 -12.74
CA ALA F 261 35.52 -6.51 -13.32
C ALA F 261 36.28 -5.55 -12.42
N ALA F 262 35.56 -4.64 -11.76
CA ALA F 262 36.16 -3.70 -10.83
C ALA F 262 36.89 -4.40 -9.68
N VAL F 263 36.23 -5.34 -9.01
CA VAL F 263 36.84 -6.03 -7.87
C VAL F 263 37.92 -7.01 -8.32
N ALA F 264 37.73 -7.62 -9.49
CA ALA F 264 38.70 -8.56 -10.05
C ALA F 264 39.99 -7.87 -10.53
N SER F 265 39.90 -6.58 -10.82
CA SER F 265 41.08 -5.80 -11.23
C SER F 265 42.10 -5.67 -10.10
N GLY F 266 41.65 -5.85 -8.86
CA GLY F 266 42.51 -5.70 -7.70
C GLY F 266 42.68 -4.26 -7.25
N SER F 267 41.91 -3.34 -7.83
CA SER F 267 41.94 -1.94 -7.40
C SER F 267 41.71 -1.87 -5.90
N ASP F 268 42.49 -1.03 -5.24
CA ASP F 268 42.41 -0.88 -3.78
C ASP F 268 41.33 0.11 -3.33
N ARG F 269 40.51 0.58 -4.26
CA ARG F 269 39.45 1.53 -3.96
C ARG F 269 38.18 0.80 -3.51
N PHE F 270 38.14 -0.52 -3.72
CA PHE F 270 36.97 -1.32 -3.37
C PHE F 270 37.27 -2.25 -2.20
N PHE F 271 36.32 -2.37 -1.28
CA PHE F 271 36.46 -3.27 -0.16
C PHE F 271 35.13 -3.89 0.26
N LEU F 272 35.23 -4.92 1.09
CA LEU F 272 34.10 -5.72 1.51
C LEU F 272 33.13 -4.93 2.40
N GLY F 273 31.87 -4.87 1.96
CA GLY F 273 30.77 -4.35 2.77
C GLY F 273 29.53 -5.11 2.35
N THR F 274 29.01 -5.93 3.26
CA THR F 274 27.92 -6.84 2.91
C THR F 274 26.58 -6.14 2.73
N ASP F 275 26.38 -5.08 3.49
CA ASP F 275 25.07 -4.47 3.67
C ASP F 275 24.06 -5.54 4.09
N SER F 276 24.49 -6.45 4.97
CA SER F 276 23.57 -7.41 5.56
C SER F 276 22.48 -6.61 6.22
N ALA F 277 21.24 -6.87 5.81
CA ALA F 277 20.09 -6.06 6.22
C ALA F 277 18.90 -6.98 6.49
N PRO F 278 18.91 -7.68 7.64
CA PRO F 278 17.89 -8.69 7.91
C PRO F 278 16.52 -8.15 8.26
N HIS F 279 15.50 -8.81 7.72
CA HIS F 279 14.11 -8.61 8.13
C HIS F 279 13.46 -9.98 8.31
N ALA F 280 12.47 -10.01 9.18
CA ALA F 280 11.69 -11.23 9.38
C ALA F 280 11.06 -11.64 8.06
N LYS F 281 10.91 -12.94 7.87
CA LYS F 281 10.31 -13.51 6.68
C LYS F 281 8.99 -12.84 6.32
N HIS F 282 8.12 -12.63 7.30
CA HIS F 282 6.79 -12.12 7.02
C HIS F 282 6.83 -10.67 6.54
N ARG F 283 7.89 -9.94 6.88
CA ARG F 283 8.10 -8.56 6.41
C ARG F 283 8.68 -8.52 5.00
N LYS F 284 9.26 -9.64 4.54
CA LYS F 284 9.81 -9.74 3.20
C LYS F 284 8.77 -10.26 2.21
N GLU F 285 8.02 -11.27 2.63
CA GLU F 285 7.06 -11.97 1.78
C GLU F 285 5.66 -11.42 2.04
N SER F 286 5.48 -10.13 1.78
CA SER F 286 4.20 -9.46 2.05
C SER F 286 3.77 -8.64 0.84
N SER F 287 2.64 -7.94 0.98
CA SER F 287 2.16 -7.06 -0.06
C SER F 287 3.12 -5.89 -0.35
N GLY F 289 7.13 -5.63 0.45
CA GLY F 289 8.30 -6.25 1.05
C GLY F 289 9.41 -5.26 1.36
N ALA F 291 13.14 -3.82 1.90
CA ALA F 291 14.40 -3.99 1.22
C ALA F 291 15.50 -4.48 2.15
N GLY F 292 16.26 -5.46 1.69
CA GLY F 292 17.44 -5.91 2.39
C GLY F 292 17.63 -7.41 2.35
N VAL F 293 18.87 -7.81 2.13
CA VAL F 293 19.27 -9.21 2.05
C VAL F 293 20.05 -9.56 3.31
N PHE F 294 19.73 -10.68 3.94
CA PHE F 294 20.48 -11.15 5.09
C PHE F 294 21.60 -12.09 4.63
N ASN F 295 22.76 -11.51 4.34
CA ASN F 295 23.88 -12.24 3.73
C ASN F 295 25.04 -12.52 4.68
N ALA F 296 24.90 -12.16 5.94
CA ALA F 296 25.97 -12.41 6.90
C ALA F 296 26.37 -13.89 7.02
N PRO F 297 25.40 -14.82 7.08
CA PRO F 297 25.74 -16.23 7.27
C PRO F 297 26.80 -16.82 6.34
N ALA F 298 26.70 -16.52 5.06
CA ALA F 298 27.68 -17.08 4.11
C ALA F 298 28.54 -16.01 3.45
N ALA F 299 28.74 -14.88 4.11
CA ALA F 299 29.34 -13.71 3.48
C ALA F 299 30.72 -13.99 2.88
N LEU F 300 31.67 -14.42 3.71
CA LEU F 300 33.03 -14.63 3.20
C LEU F 300 33.12 -15.75 2.16
N PRO F 301 32.51 -16.91 2.42
CA PRO F 301 32.47 -17.94 1.37
C PRO F 301 31.83 -17.49 0.05
N ALA F 302 30.80 -16.66 0.11
CA ALA F 302 30.15 -16.13 -1.10
C ALA F 302 31.10 -15.29 -1.92
N TYR F 303 31.83 -14.40 -1.25
CA TYR F 303 32.83 -13.57 -1.91
C TYR F 303 33.94 -14.44 -2.51
N ALA F 304 34.41 -15.43 -1.76
CA ALA F 304 35.40 -16.37 -2.27
C ALA F 304 34.93 -17.03 -3.58
N SER F 305 33.69 -17.47 -3.62
CA SER F 305 33.11 -18.04 -4.84
C SER F 305 33.18 -17.07 -6.02
N VAL F 306 32.87 -15.80 -5.77
CA VAL F 306 32.91 -14.80 -6.82
C VAL F 306 34.33 -14.60 -7.34
N PHE F 307 35.27 -14.37 -6.43
CA PHE F 307 36.66 -14.14 -6.81
C PHE F 307 37.26 -15.36 -7.52
N GLU F 308 36.82 -16.55 -7.14
CA GLU F 308 37.20 -17.77 -7.84
C GLU F 308 36.71 -17.77 -9.27
N GLU F 309 35.42 -17.54 -9.48
CA GLU F 309 34.85 -17.45 -10.83
C GLU F 309 35.57 -16.44 -11.71
N LEU F 310 36.06 -15.36 -11.09
CA LEU F 310 36.75 -14.29 -11.81
C LEU F 310 38.25 -14.53 -11.98
N ASN F 311 38.74 -15.70 -11.58
CA ASN F 311 40.17 -16.03 -11.61
C ASN F 311 41.00 -14.97 -10.87
N ALA F 312 40.49 -14.55 -9.72
CA ALA F 312 41.02 -13.40 -8.99
C ALA F 312 41.19 -13.65 -7.49
N LEU F 313 41.38 -14.90 -7.09
CA LEU F 313 41.57 -15.22 -5.67
C LEU F 313 42.78 -14.53 -5.05
N GLN F 314 43.78 -14.18 -5.86
CA GLN F 314 44.93 -13.41 -5.38
C GLN F 314 44.54 -12.02 -4.84
N HIS F 315 43.40 -11.49 -5.27
CA HIS F 315 42.95 -10.17 -4.82
C HIS F 315 41.94 -10.22 -3.67
N LEU F 316 41.57 -11.41 -3.23
CA LEU F 316 40.53 -11.55 -2.20
C LEU F 316 40.97 -10.95 -0.87
N GLU F 317 42.19 -11.26 -0.45
CA GLU F 317 42.71 -10.77 0.82
C GLU F 317 42.66 -9.25 0.90
N ALA F 318 43.12 -8.59 -0.15
CA ALA F 318 43.13 -7.11 -0.16
C ALA F 318 41.73 -6.56 0.01
N PHE F 319 40.80 -7.05 -0.80
CA PHE F 319 39.39 -6.68 -0.74
C PHE F 319 38.76 -6.90 0.64
N CYS F 320 39.06 -8.04 1.26
CA CYS F 320 38.46 -8.42 2.54
C CYS F 320 39.13 -7.81 3.76
N ALA F 321 40.44 -7.61 3.69
CA ALA F 321 41.24 -7.36 4.90
C ALA F 321 42.21 -6.17 4.85
N LEU F 322 42.50 -5.63 3.67
CA LEU F 322 43.51 -4.59 3.53
C LEU F 322 42.96 -3.26 3.01
N ASN F 323 42.17 -3.31 1.94
CA ASN F 323 41.73 -2.09 1.26
C ASN F 323 40.91 -1.17 2.19
N GLY F 324 39.98 -1.76 2.94
CA GLY F 324 39.16 -1.00 3.89
C GLY F 324 39.98 -0.29 4.97
N PRO F 325 40.76 -1.05 5.75
CA PRO F 325 41.60 -0.43 6.77
C PRO F 325 42.51 0.69 6.23
N ARG F 326 43.08 0.48 5.05
CA ARG F 326 43.96 1.48 4.46
C ARG F 326 43.20 2.73 4.06
N PHE F 327 41.96 2.57 3.59
CA PHE F 327 41.17 3.73 3.23
C PHE F 327 40.78 4.56 4.47
N TYR F 328 40.34 3.88 5.52
CA TYR F 328 39.94 4.54 6.77
C TYR F 328 41.12 5.05 7.57
N GLY F 329 42.30 4.47 7.36
CA GLY F 329 43.48 4.80 8.16
C GLY F 329 43.49 4.05 9.47
N LEU F 330 42.99 2.82 9.45
CA LEU F 330 42.95 1.98 10.64
C LEU F 330 43.89 0.82 10.45
N PRO F 331 44.30 0.19 11.56
CA PRO F 331 45.23 -0.93 11.43
C PRO F 331 44.59 -2.16 10.80
N VAL F 332 45.42 -2.97 10.16
CA VAL F 332 45.03 -4.24 9.59
C VAL F 332 45.08 -5.30 10.68
N ASN F 333 44.17 -6.28 10.63
CA ASN F 333 44.08 -7.30 11.67
C ASN F 333 45.31 -8.22 11.69
N ASP F 334 45.72 -8.64 12.89
CA ASP F 334 46.86 -9.55 13.06
C ASP F 334 46.47 -11.01 12.77
N ASP F 335 45.25 -11.38 13.14
CA ASP F 335 44.76 -12.76 12.98
C ASP F 335 44.70 -13.20 11.51
N VAL F 336 44.54 -14.52 11.33
CA VAL F 336 44.24 -15.09 10.02
C VAL F 336 42.97 -15.95 10.11
N VAL F 337 42.31 -16.11 8.96
CA VAL F 337 41.27 -17.12 8.81
C VAL F 337 41.65 -18.03 7.64
N GLU F 338 41.14 -19.26 7.67
CA GLU F 338 41.36 -20.21 6.60
C GLU F 338 40.05 -20.49 5.90
N LEU F 339 40.06 -20.29 4.59
CA LEU F 339 38.97 -20.74 3.75
C LEU F 339 39.34 -22.10 3.17
N VAL F 340 38.41 -23.05 3.27
CA VAL F 340 38.65 -24.40 2.77
C VAL F 340 37.58 -24.72 1.74
N ARG F 341 38.00 -25.31 0.62
CA ARG F 341 37.07 -25.59 -0.47
C ARG F 341 36.36 -26.93 -0.24
N THR F 342 35.46 -26.95 0.74
CA THR F 342 34.58 -28.08 1.00
C THR F 342 33.14 -27.58 1.02
N PRO F 343 32.19 -28.43 0.58
CA PRO F 343 30.80 -27.98 0.49
C PRO F 343 30.22 -27.53 1.81
N PHE F 344 29.21 -26.68 1.71
CA PHE F 344 28.67 -25.95 2.85
C PHE F 344 27.23 -25.57 2.53
N LEU F 345 26.28 -26.26 3.15
CA LEU F 345 24.87 -26.07 2.87
C LEU F 345 24.32 -24.91 3.70
N GLN F 346 23.75 -23.91 3.03
CA GLN F 346 23.04 -22.84 3.73
C GLN F 346 21.70 -23.35 4.22
N PRO F 347 21.34 -23.02 5.47
CA PRO F 347 20.01 -23.41 5.94
C PRO F 347 18.91 -22.66 5.19
N GLU F 348 17.72 -23.26 5.15
CA GLU F 348 16.57 -22.65 4.47
C GLU F 348 16.03 -21.45 5.25
N GLU F 349 16.05 -21.55 6.59
CA GLU F 349 15.51 -20.54 7.49
C GLU F 349 16.38 -20.45 8.73
N ILE F 350 16.41 -19.27 9.35
CA ILE F 350 17.09 -19.07 10.62
C ILE F 350 16.06 -18.60 11.63
N PRO F 351 15.87 -19.35 12.73
CA PRO F 351 14.80 -19.00 13.67
C PRO F 351 15.04 -17.67 14.39
N LEU F 352 13.94 -16.99 14.67
CA LEU F 352 13.95 -15.69 15.32
C LEU F 352 12.70 -15.61 16.19
N GLY F 353 12.82 -16.00 17.45
CA GLY F 353 11.67 -16.20 18.32
C GLY F 353 10.67 -17.12 17.63
N ASN F 354 9.41 -16.71 17.59
CA ASN F 354 8.36 -17.45 16.89
C ASN F 354 8.33 -17.16 15.39
N GLU F 355 9.20 -16.26 14.91
CA GLU F 355 9.32 -15.92 13.49
C GLU F 355 10.62 -16.52 12.92
N SER F 356 11.00 -16.14 11.71
CA SER F 356 12.27 -16.56 11.13
C SER F 356 12.82 -15.54 10.14
N VAL F 357 14.08 -15.72 9.77
CA VAL F 357 14.76 -14.88 8.78
C VAL F 357 15.31 -15.79 7.69
N ILE F 358 15.08 -15.42 6.44
CA ILE F 358 15.55 -16.20 5.30
C ILE F 358 16.93 -15.70 4.89
N PRO F 359 17.96 -16.55 4.97
CA PRO F 359 19.29 -16.09 4.61
C PRO F 359 19.53 -16.06 3.11
N PHE F 360 20.55 -15.29 2.74
CA PHE F 360 21.06 -15.26 1.38
C PHE F 360 21.49 -16.66 0.94
N LEU F 361 21.08 -17.05 -0.27
CA LEU F 361 21.39 -18.37 -0.84
C LEU F 361 20.83 -19.52 0.00
N ALA F 362 19.66 -19.28 0.62
CA ALA F 362 18.98 -20.29 1.42
C ALA F 362 18.85 -21.60 0.68
N GLY F 363 19.25 -22.69 1.34
CA GLY F 363 19.11 -24.03 0.79
C GLY F 363 20.15 -24.41 -0.26
N GLN F 364 21.03 -23.48 -0.63
CA GLN F 364 22.05 -23.75 -1.63
C GLN F 364 23.35 -24.21 -1.00
N THR F 365 24.19 -24.81 -1.82
CA THR F 365 25.47 -25.35 -1.37
C THR F 365 26.60 -24.47 -1.91
N LEU F 366 27.37 -23.88 -1.00
CA LEU F 366 28.54 -23.09 -1.38
C LEU F 366 29.74 -24.03 -1.47
N ASN F 367 30.69 -23.67 -2.35
CA ASN F 367 31.90 -24.49 -2.54
C ASN F 367 32.96 -24.24 -1.47
N TRP F 368 32.84 -23.11 -0.77
CA TRP F 368 33.83 -22.72 0.24
C TRP F 368 33.24 -22.69 1.64
N SER F 369 34.05 -23.06 2.62
CA SER F 369 33.70 -22.96 4.04
C SER F 369 34.79 -22.20 4.76
N VAL F 370 34.49 -21.79 5.99
CA VAL F 370 35.47 -21.19 6.88
C VAL F 370 35.87 -22.22 7.92
N LYS F 371 37.19 -22.44 8.09
CA LYS F 371 37.67 -23.46 9.03
C LYS F 371 37.30 -23.11 10.48
N ARG F 372 36.48 -23.98 11.06
CA ARG F 372 35.82 -23.71 12.34
C ARG F 372 36.79 -23.93 13.49
#